data_9I3H
#
_entry.id   9I3H
#
loop_
_entity.id
_entity.type
_entity.pdbx_description
1 polymer 'Capsid protein VP60'
2 polymer 'Capsid protein VP60'
3 polymer 'Three-fold helix'
#
loop_
_entity_poly.entity_id
_entity_poly.type
_entity_poly.pdbx_seq_one_letter_code
_entity_poly.pdbx_strand_id
1 'polypeptide(L)'
;SVPGTTTDGMDPGVVATTSVVTAENSSASIATAGIGGPPQQVDQQETWRTNFYYNDVFTWSVADAPGSILYTVQHSPQNN
PFTAVLSQMYAGWAGGMQFRFIVAGSGVFGGRLVAAVIPPGIEIGPGLEVRQFPHVVIDARSLEPVTITMPDLRPNMYHP
TGDPGLVPTLVLSVYNNLINPFGGSTSAIQVTVETRPSEDFEFVMIRAPSSKTVDSISPAGLLTTPVLTGVGNDNRWNGQ
IVGLQPVPGGFSTCNRHWNLNGSTYGWSSPRFADIDHRRGSASYPGNNATNVLQFWYANAGSAIDNPISQVAPDGFPDMS
FVPFNGPGIPAAGWVGFGAIWNSNSGAPNVTTVQAYELGFATGAPGNLQPTTNTSGSQTVAKSIYAVVTGTAQNPAGLFV
MASGVISTPSANAITYTPQPDRIVTTPGTPAAAPVGKNTPIMFASVVRRTGDVNATAGSANGTQYGTGSQPLPVTIGLSL
NNYSSALMPGQFFVWQLTFASGFMEIGLSVDGYFYAGTGASTTLIDLTELIDVRPVGPRPSKSTLVFNLGG
;
A,C
2 'polypeptide(L)'
;SVPGTTTDGMDPGVVATTSVVTAENSSASVATAGIGGPPQQVDQQETWRTNFYYNDVFTWSVADAPGSILYTVQHSPQNN
PFTAVLSQMYAGWAGGMQFRFIVAGSGVFGGRLVAAVIPPGIEIGPGLEVRQFPHVVIDARSLEPVTITMPDLRPNMYHP
TGDPGLVPTLVLSVYNNLINPFGGSTSAIQVTVETRPSEDFEFVMIRAPSSKTVDSISPAGLLTTPVLTGVGNDNRWNGQ
IVGLQPVPGGFSTCNRHWNLNGSTYGWSSPRFADIDHRRGSASYPGNNATNVLQFWYANAGSAIDNPISQVAPDGFPDMS
FVPFNGPGIPAAGWVGFGAIWNSNSGAPNVTTVQAYELGFATGAPGNLQPTTNTSGSQTVAKSIYAVVTGTAQNPAGLFV
MASGVISTPSANAITYTPQPDRIVTTPGTPAAAPVGKNTPIMFASVVRRTGDVNATAGSANGTQYGTGSQPLPVTIGLSL
NNYSSALMPGQFFVWQLTFASGFMEIGLSVDGYFYAGTGASTTLIDLTELIDVRPVGPRPSKSTLVFNLGG
;
B
3 'polypeptide(L)' AAEFFEGMVHDS D
#
# COMPACT_ATOMS: atom_id res chain seq x y z
N THR A 18 31.93 -34.79 -21.52
CA THR A 18 30.93 -33.79 -21.88
C THR A 18 31.30 -32.43 -21.30
N SER A 19 31.26 -31.40 -22.14
CA SER A 19 31.68 -30.07 -21.74
C SER A 19 30.61 -29.37 -20.92
N VAL A 20 31.04 -28.66 -19.88
CA VAL A 20 30.16 -27.87 -19.02
C VAL A 20 30.49 -26.39 -19.22
N VAL A 21 29.46 -25.57 -19.36
CA VAL A 21 29.62 -24.15 -19.67
C VAL A 21 29.63 -23.34 -18.39
N THR A 22 30.60 -22.44 -18.27
CA THR A 22 30.68 -21.51 -17.15
C THR A 22 30.31 -20.10 -17.61
N ALA A 23 29.95 -19.26 -16.64
CA ALA A 23 29.47 -17.91 -16.92
C ALA A 23 30.62 -16.94 -17.14
N GLU A 24 30.29 -15.78 -17.71
CA GLU A 24 31.28 -14.75 -18.00
C GLU A 24 31.72 -13.98 -16.75
N ASN A 25 30.90 -14.00 -15.70
CA ASN A 25 31.16 -13.29 -14.46
C ASN A 25 31.44 -14.24 -13.30
N SER A 26 31.95 -15.44 -13.60
CA SER A 26 31.98 -16.52 -12.63
C SER A 26 33.05 -16.32 -11.56
N SER A 27 34.17 -15.67 -11.89
CA SER A 27 35.24 -15.50 -10.90
C SER A 27 34.87 -14.46 -9.86
N ALA A 28 34.15 -13.40 -10.26
CA ALA A 28 33.67 -12.44 -9.28
C ALA A 28 32.47 -12.97 -8.52
N SER A 29 31.74 -13.92 -9.11
CA SER A 29 30.57 -14.49 -8.44
C SER A 29 30.98 -15.45 -7.32
N ILE A 30 32.08 -16.16 -7.50
CA ILE A 30 32.53 -17.12 -6.49
C ILE A 30 33.09 -16.38 -5.28
N ALA A 31 33.86 -15.31 -5.51
CA ALA A 31 34.58 -14.64 -4.43
C ALA A 31 33.65 -13.85 -3.53
N THR A 32 32.66 -13.17 -4.10
CA THR A 32 31.77 -12.32 -3.31
C THR A 32 30.72 -13.11 -2.55
N ALA A 33 30.54 -14.39 -2.85
CA ALA A 33 29.63 -15.25 -2.12
C ALA A 33 30.29 -15.93 -0.94
N GLY A 34 31.53 -15.59 -0.63
CA GLY A 34 32.24 -16.09 0.53
C GLY A 34 31.80 -15.50 1.84
N ILE A 35 30.92 -14.49 1.80
CA ILE A 35 30.31 -13.96 3.02
C ILE A 35 29.30 -14.94 3.61
N GLY A 36 28.85 -15.90 2.80
CA GLY A 36 28.02 -16.98 3.28
C GLY A 36 28.77 -18.24 3.68
N GLY A 37 30.10 -18.21 3.61
CA GLY A 37 30.91 -19.36 3.96
C GLY A 37 31.45 -20.09 2.75
N PRO A 38 31.94 -21.32 2.96
CA PRO A 38 32.40 -22.13 1.83
C PRO A 38 31.24 -22.57 0.97
N PRO A 39 31.46 -22.78 -0.33
CA PRO A 39 30.38 -23.28 -1.19
C PRO A 39 30.02 -24.72 -0.92
N GLN A 40 28.74 -25.03 -1.04
CA GLN A 40 28.18 -26.35 -0.79
C GLN A 40 27.58 -26.91 -2.06
N GLN A 41 27.58 -28.25 -2.15
CA GLN A 41 27.08 -29.02 -3.29
C GLN A 41 27.76 -28.65 -4.60
N VAL A 42 29.07 -28.44 -4.56
CA VAL A 42 29.85 -28.09 -5.73
C VAL A 42 30.75 -29.27 -6.07
N ASP A 43 30.25 -30.15 -6.93
CA ASP A 43 31.00 -31.30 -7.40
C ASP A 43 30.59 -31.52 -8.85
N GLN A 44 31.55 -31.38 -9.76
CA GLN A 44 31.23 -31.27 -11.17
C GLN A 44 30.90 -32.59 -11.84
N GLN A 45 31.06 -33.72 -11.14
CA GLN A 45 30.76 -35.03 -11.69
C GLN A 45 29.43 -35.58 -11.20
N GLU A 46 28.61 -34.76 -10.54
CA GLU A 46 27.33 -35.23 -10.01
C GLU A 46 26.29 -35.35 -11.12
N THR A 47 25.47 -36.40 -11.04
CA THR A 47 24.51 -36.71 -12.09
C THR A 47 23.31 -35.77 -12.09
N TRP A 48 22.99 -35.12 -10.96
CA TRP A 48 21.91 -34.15 -10.95
C TRP A 48 22.29 -32.84 -11.62
N ARG A 49 23.57 -32.64 -11.93
CA ARG A 49 24.10 -31.39 -12.40
C ARG A 49 24.51 -31.43 -13.87
N THR A 50 24.84 -32.61 -14.40
CA THR A 50 25.39 -32.74 -15.75
C THR A 50 24.33 -32.93 -16.84
N ASN A 51 23.12 -33.34 -16.49
CA ASN A 51 22.08 -33.60 -17.49
C ASN A 51 21.00 -32.53 -17.47
N PHE A 52 20.33 -32.38 -18.61
CA PHE A 52 19.18 -31.49 -18.74
C PHE A 52 17.91 -32.22 -18.32
N TYR A 53 17.01 -31.50 -17.66
CA TYR A 53 15.75 -32.05 -17.19
C TYR A 53 14.62 -31.09 -17.51
N TYR A 54 13.40 -31.63 -17.59
CA TYR A 54 12.24 -30.87 -18.03
C TYR A 54 11.86 -29.78 -17.04
N ASN A 55 11.47 -28.62 -17.57
CA ASN A 55 11.01 -27.50 -16.76
C ASN A 55 9.58 -27.08 -17.05
N ASP A 56 9.26 -26.75 -18.30
CA ASP A 56 7.97 -26.13 -18.61
C ASP A 56 7.64 -26.32 -20.09
N VAL A 57 6.50 -25.76 -20.51
CA VAL A 57 6.01 -25.84 -21.88
C VAL A 57 5.13 -24.62 -22.15
N PHE A 58 5.14 -24.14 -23.39
CA PHE A 58 4.29 -23.03 -23.78
C PHE A 58 3.86 -23.20 -25.24
N THR A 59 3.04 -22.26 -25.72
CA THR A 59 2.33 -22.38 -26.99
C THR A 59 2.66 -21.19 -27.89
N TRP A 60 2.98 -21.47 -29.15
CA TRP A 60 3.19 -20.47 -30.19
C TRP A 60 2.07 -20.60 -31.21
N SER A 61 1.32 -19.52 -31.43
CA SER A 61 0.10 -19.55 -32.19
C SER A 61 0.24 -18.75 -33.49
N VAL A 62 -0.66 -19.03 -34.44
CA VAL A 62 -0.65 -18.36 -35.73
C VAL A 62 -1.19 -16.93 -35.62
N ALA A 63 -1.83 -16.59 -34.50
CA ALA A 63 -2.44 -15.29 -34.30
C ALA A 63 -1.57 -14.34 -33.48
N ASP A 64 -0.31 -14.67 -33.24
CA ASP A 64 0.60 -13.84 -32.46
C ASP A 64 1.28 -12.82 -33.36
N ALA A 65 1.17 -11.54 -33.00
CA ALA A 65 1.82 -10.49 -33.75
C ALA A 65 3.32 -10.51 -33.51
N PRO A 66 4.12 -10.01 -34.46
CA PRO A 66 5.57 -9.88 -34.22
C PRO A 66 5.86 -8.88 -33.11
N GLY A 67 6.76 -9.26 -32.21
CA GLY A 67 7.06 -8.48 -31.03
C GLY A 67 6.30 -8.85 -29.78
N SER A 68 5.47 -9.90 -29.84
CA SER A 68 4.71 -10.34 -28.68
C SER A 68 5.53 -11.29 -27.82
N ILE A 69 5.33 -11.19 -26.50
CA ILE A 69 6.05 -12.02 -25.54
C ILE A 69 5.27 -13.31 -25.31
N LEU A 70 5.95 -14.44 -25.47
CA LEU A 70 5.36 -15.75 -25.28
C LEU A 70 5.79 -16.46 -24.01
N TYR A 71 6.97 -16.12 -23.47
CA TYR A 71 7.52 -16.83 -22.33
C TYR A 71 8.38 -15.87 -21.51
N THR A 72 8.23 -15.92 -20.20
CA THR A 72 8.96 -15.04 -19.28
C THR A 72 9.24 -15.80 -17.99
N VAL A 73 10.50 -15.86 -17.59
CA VAL A 73 10.89 -16.54 -16.36
C VAL A 73 11.97 -15.72 -15.67
N GLN A 74 11.91 -15.65 -14.34
CA GLN A 74 12.92 -14.96 -13.54
C GLN A 74 13.96 -15.94 -13.03
N HIS A 75 15.12 -15.40 -12.69
CA HIS A 75 16.22 -16.21 -12.20
C HIS A 75 15.91 -16.70 -10.79
N SER A 76 15.90 -18.02 -10.60
CA SER A 76 15.43 -18.63 -9.37
C SER A 76 15.93 -20.06 -9.33
N PRO A 77 16.13 -20.64 -8.13
CA PRO A 77 16.41 -22.07 -8.04
C PRO A 77 15.18 -22.96 -8.10
N GLN A 78 14.04 -22.44 -8.52
CA GLN A 78 12.84 -23.26 -8.72
C GLN A 78 12.62 -23.63 -10.18
N ASN A 79 13.47 -23.18 -11.10
CA ASN A 79 13.36 -23.58 -12.50
C ASN A 79 14.21 -24.80 -12.81
N ASN A 80 14.16 -25.82 -11.98
CA ASN A 80 14.89 -27.08 -12.09
C ASN A 80 14.32 -28.02 -11.03
N PRO A 81 14.08 -29.29 -11.36
CA PRO A 81 13.47 -30.19 -10.36
C PRO A 81 14.40 -30.59 -9.23
N PHE A 82 15.71 -30.47 -9.40
CA PHE A 82 16.66 -30.93 -8.40
C PHE A 82 17.26 -29.81 -7.56
N THR A 83 17.38 -28.60 -8.09
CA THR A 83 17.75 -27.47 -7.26
C THR A 83 16.59 -26.99 -6.40
N ALA A 84 15.35 -27.32 -6.77
CA ALA A 84 14.21 -27.00 -5.93
C ALA A 84 14.09 -27.93 -4.73
N VAL A 85 14.50 -29.19 -4.90
CA VAL A 85 14.55 -30.12 -3.76
C VAL A 85 15.68 -29.74 -2.82
N LEU A 86 16.85 -29.39 -3.38
CA LEU A 86 18.01 -29.07 -2.57
C LEU A 86 17.90 -27.70 -1.88
N SER A 87 16.97 -26.85 -2.30
CA SER A 87 16.80 -25.54 -1.67
C SER A 87 15.98 -25.59 -0.40
N GLN A 88 15.46 -26.76 -0.03
CA GLN A 88 14.74 -26.91 1.23
C GLN A 88 15.66 -26.95 2.45
N MET A 89 16.98 -27.10 2.24
CA MET A 89 17.91 -27.24 3.36
C MET A 89 19.08 -26.25 3.25
N TYR A 90 18.93 -25.17 2.50
CA TYR A 90 19.96 -24.16 2.38
C TYR A 90 19.33 -22.77 2.36
N ALA A 91 19.90 -21.86 3.14
CA ALA A 91 19.45 -20.47 3.21
C ALA A 91 20.26 -19.55 2.31
N GLY A 92 20.41 -19.87 1.03
CA GLY A 92 21.17 -19.00 0.15
C GLY A 92 21.70 -19.66 -1.10
N TRP A 93 21.81 -18.89 -2.20
CA TRP A 93 22.26 -19.43 -3.47
C TRP A 93 22.91 -18.32 -4.29
N ALA A 94 23.74 -18.75 -5.25
CA ALA A 94 24.40 -17.84 -6.20
C ALA A 94 24.85 -18.66 -7.39
N GLY A 95 24.90 -18.04 -8.56
CA GLY A 95 25.38 -18.68 -9.76
C GLY A 95 24.36 -18.64 -10.89
N GLY A 96 24.81 -19.12 -12.05
CA GLY A 96 24.03 -19.07 -13.27
C GLY A 96 23.28 -20.35 -13.57
N MET A 97 22.56 -20.33 -14.70
CA MET A 97 21.65 -21.39 -15.05
C MET A 97 21.47 -21.41 -16.57
N GLN A 98 21.40 -22.61 -17.14
CA GLN A 98 21.41 -22.82 -18.58
C GLN A 98 20.04 -23.33 -19.05
N PHE A 99 19.57 -22.81 -20.17
CA PHE A 99 18.25 -23.11 -20.73
C PHE A 99 18.37 -23.74 -22.11
N ARG A 100 17.36 -24.53 -22.47
CA ARG A 100 17.34 -25.25 -23.74
C ARG A 100 15.91 -25.28 -24.25
N PHE A 101 15.75 -25.13 -25.57
CA PHE A 101 14.44 -24.99 -26.19
C PHE A 101 14.26 -26.04 -27.28
N ILE A 102 13.15 -26.78 -27.23
CA ILE A 102 12.86 -27.87 -28.15
C ILE A 102 11.50 -27.61 -28.78
N VAL A 103 11.48 -27.40 -30.09
CA VAL A 103 10.25 -27.12 -30.83
C VAL A 103 9.71 -28.44 -31.37
N ALA A 104 8.40 -28.67 -31.19
CA ALA A 104 7.75 -29.86 -31.73
C ALA A 104 7.75 -29.79 -33.25
N GLY A 105 7.08 -28.79 -33.80
CA GLY A 105 7.26 -28.37 -35.19
C GLY A 105 6.88 -29.33 -36.29
N SER A 106 7.03 -28.85 -37.52
CA SER A 106 6.83 -29.64 -38.73
C SER A 106 7.59 -28.93 -39.85
N GLY A 107 7.89 -29.69 -40.91
CA GLY A 107 8.64 -29.13 -42.02
C GLY A 107 7.87 -28.21 -42.95
N VAL A 108 6.56 -28.05 -42.73
CA VAL A 108 5.74 -27.19 -43.56
C VAL A 108 5.47 -25.83 -42.92
N PHE A 109 6.09 -25.54 -41.78
CA PHE A 109 5.86 -24.30 -41.07
C PHE A 109 7.01 -23.32 -41.28
N GLY A 110 6.77 -22.06 -40.93
CA GLY A 110 7.78 -21.03 -41.02
C GLY A 110 7.63 -19.95 -39.96
N GLY A 111 8.73 -19.35 -39.55
CA GLY A 111 8.72 -18.32 -38.53
C GLY A 111 9.85 -18.51 -37.56
N ARG A 112 10.31 -17.39 -36.99
CA ARG A 112 11.45 -17.38 -36.09
C ARG A 112 11.08 -16.74 -34.76
N LEU A 113 11.95 -16.93 -33.76
CA LEU A 113 11.78 -16.42 -32.41
C LEU A 113 13.12 -15.88 -31.91
N VAL A 114 13.07 -15.02 -30.90
CA VAL A 114 14.26 -14.44 -30.28
C VAL A 114 14.20 -14.68 -28.76
N ALA A 115 15.37 -14.92 -28.17
CA ALA A 115 15.51 -15.10 -26.72
C ALA A 115 16.70 -14.30 -26.24
N ALA A 116 16.49 -13.46 -25.22
CA ALA A 116 17.57 -12.66 -24.67
C ALA A 116 17.41 -12.52 -23.16
N VAL A 117 18.53 -12.24 -22.50
CA VAL A 117 18.55 -12.01 -21.06
C VAL A 117 18.47 -10.51 -20.80
N ILE A 118 17.52 -10.11 -19.97
CA ILE A 118 17.26 -8.70 -19.68
C ILE A 118 17.87 -8.37 -18.32
N PRO A 119 18.70 -7.34 -18.22
CA PRO A 119 19.30 -6.96 -16.93
C PRO A 119 18.26 -6.38 -15.98
N PRO A 120 18.54 -6.37 -14.67
CA PRO A 120 17.62 -5.72 -13.72
C PRO A 120 17.52 -4.22 -13.94
N GLY A 121 16.33 -3.68 -13.70
CA GLY A 121 16.04 -2.27 -13.88
C GLY A 121 15.27 -1.92 -15.13
N ILE A 122 15.10 -2.87 -16.06
CA ILE A 122 14.37 -2.65 -17.31
C ILE A 122 12.99 -3.28 -17.18
N GLU A 123 11.98 -2.63 -17.75
CA GLU A 123 10.64 -3.21 -17.83
C GLU A 123 10.58 -4.43 -18.74
N ILE A 124 9.64 -5.31 -18.45
CA ILE A 124 9.21 -6.37 -19.36
C ILE A 124 7.79 -6.03 -19.78
N GLY A 125 7.60 -5.73 -21.06
CA GLY A 125 6.30 -5.33 -21.53
C GLY A 125 6.23 -5.23 -23.05
N PRO A 126 5.14 -4.65 -23.57
CA PRO A 126 4.97 -4.54 -25.03
C PRO A 126 5.99 -3.64 -25.72
N GLY A 127 6.60 -2.70 -25.00
CA GLY A 127 7.59 -1.82 -25.59
C GLY A 127 9.01 -2.35 -25.59
N LEU A 128 9.23 -3.59 -25.16
CA LEU A 128 10.57 -4.15 -25.08
C LEU A 128 11.00 -4.65 -26.46
N GLU A 129 12.19 -4.24 -26.89
CA GLU A 129 12.75 -4.62 -28.19
C GLU A 129 13.82 -5.67 -27.95
N VAL A 130 13.39 -6.94 -27.91
CA VAL A 130 14.28 -8.06 -27.64
C VAL A 130 15.29 -8.29 -28.77
N ARG A 131 14.97 -7.84 -29.98
CA ARG A 131 15.83 -8.08 -31.14
C ARG A 131 17.05 -7.16 -31.20
N GLN A 132 17.20 -6.23 -30.26
CA GLN A 132 18.39 -5.40 -30.19
C GLN A 132 19.18 -5.62 -28.90
N PHE A 133 18.84 -6.64 -28.14
CA PHE A 133 19.70 -7.21 -27.11
C PHE A 133 20.60 -8.26 -27.75
N PRO A 134 21.61 -8.79 -27.04
CA PRO A 134 22.26 -10.02 -27.52
C PRO A 134 21.31 -11.21 -27.42
N HIS A 135 21.05 -11.86 -28.55
CA HIS A 135 19.98 -12.83 -28.64
C HIS A 135 20.42 -14.06 -29.41
N VAL A 136 19.53 -15.06 -29.45
CA VAL A 136 19.65 -16.24 -30.29
C VAL A 136 18.35 -16.39 -31.07
N VAL A 137 18.43 -17.04 -32.23
CA VAL A 137 17.31 -17.20 -33.14
C VAL A 137 16.89 -18.66 -33.15
N ILE A 138 15.59 -18.91 -33.04
CA ILE A 138 15.02 -20.25 -32.96
C ILE A 138 14.06 -20.43 -34.13
N ASP A 139 14.25 -21.49 -34.90
CA ASP A 139 13.46 -21.77 -36.10
C ASP A 139 12.25 -22.64 -35.74
N ALA A 140 11.18 -22.52 -36.53
CA ALA A 140 9.97 -23.29 -36.30
C ALA A 140 10.10 -24.74 -36.75
N ARG A 141 11.13 -25.08 -37.52
CA ARG A 141 11.32 -26.45 -37.99
C ARG A 141 12.70 -26.99 -37.65
N SER A 142 13.33 -26.45 -36.62
CA SER A 142 14.64 -26.93 -36.19
C SER A 142 14.51 -28.20 -35.38
N LEU A 143 15.37 -29.18 -35.66
CA LEU A 143 15.39 -30.45 -34.95
C LEU A 143 16.29 -30.44 -33.73
N GLU A 144 17.47 -29.86 -33.84
CA GLU A 144 18.37 -29.78 -32.70
C GLU A 144 17.97 -28.61 -31.79
N PRO A 145 18.08 -28.77 -30.48
CA PRO A 145 17.69 -27.69 -29.57
C PRO A 145 18.69 -26.54 -29.55
N VAL A 146 18.19 -25.38 -29.13
CA VAL A 146 18.96 -24.14 -29.05
C VAL A 146 19.17 -23.80 -27.57
N THR A 147 20.39 -23.38 -27.25
CA THR A 147 20.83 -23.20 -25.86
C THR A 147 21.21 -21.75 -25.60
N ILE A 148 20.83 -21.23 -24.44
CA ILE A 148 21.23 -19.90 -23.99
C ILE A 148 21.53 -19.95 -22.49
N THR A 149 22.54 -19.21 -22.05
CA THR A 149 22.97 -19.18 -20.66
C THR A 149 22.59 -17.86 -20.01
N MET A 150 21.99 -17.92 -18.83
CA MET A 150 21.64 -16.74 -18.06
C MET A 150 22.60 -16.58 -16.88
N PRO A 151 23.43 -15.54 -16.85
CA PRO A 151 24.30 -15.32 -15.70
C PRO A 151 23.54 -14.71 -14.53
N ASP A 152 24.19 -14.69 -13.37
CA ASP A 152 23.63 -14.11 -12.16
C ASP A 152 24.15 -12.67 -12.05
N LEU A 153 23.37 -11.73 -12.57
CA LEU A 153 23.68 -10.31 -12.53
C LEU A 153 22.90 -9.70 -11.38
N ARG A 154 23.54 -9.59 -10.21
CA ARG A 154 22.85 -9.20 -9.00
C ARG A 154 23.55 -8.03 -8.32
N PRO A 155 22.80 -7.14 -7.67
CA PRO A 155 23.41 -6.08 -6.86
C PRO A 155 23.76 -6.50 -5.44
N ASN A 156 23.54 -7.75 -5.05
CA ASN A 156 23.86 -8.24 -3.72
C ASN A 156 25.05 -9.19 -3.78
N MET A 157 25.53 -9.60 -2.61
CA MET A 157 26.68 -10.54 -2.54
C MET A 157 26.18 -11.98 -2.78
N TYR A 158 25.00 -12.33 -2.26
CA TYR A 158 24.37 -13.61 -2.52
C TYR A 158 22.87 -13.39 -2.53
N HIS A 159 22.13 -14.44 -2.84
CA HIS A 159 20.67 -14.38 -2.80
C HIS A 159 20.20 -15.18 -1.59
N PRO A 160 19.77 -14.53 -0.50
CA PRO A 160 19.17 -15.29 0.60
C PRO A 160 17.81 -15.85 0.21
N THR A 161 17.59 -17.11 0.57
CA THR A 161 16.29 -17.74 0.38
C THR A 161 15.33 -17.12 1.39
N GLY A 162 14.26 -16.49 0.88
CA GLY A 162 13.31 -15.78 1.75
C GLY A 162 13.12 -14.38 1.23
N ASP A 163 14.22 -13.73 0.82
CA ASP A 163 14.15 -12.35 0.23
C ASP A 163 15.38 -12.20 -0.68
N PRO A 164 15.33 -12.67 -1.95
CA PRO A 164 16.53 -12.67 -2.85
C PRO A 164 16.99 -11.27 -3.23
N GLY A 165 16.13 -10.44 -3.83
CA GLY A 165 16.61 -9.16 -4.31
C GLY A 165 16.28 -8.96 -5.78
N LEU A 166 17.25 -8.45 -6.55
CA LEU A 166 17.05 -8.17 -7.96
C LEU A 166 17.69 -9.27 -8.81
N VAL A 167 16.97 -9.72 -9.83
CA VAL A 167 17.39 -10.84 -10.65
C VAL A 167 17.19 -10.48 -12.12
N PRO A 168 17.96 -11.09 -13.02
CA PRO A 168 17.67 -10.98 -14.45
C PRO A 168 16.48 -11.84 -14.84
N THR A 169 15.96 -11.55 -16.04
CA THR A 169 14.76 -12.19 -16.57
C THR A 169 15.00 -12.63 -18.01
N LEU A 170 14.61 -13.87 -18.33
CA LEU A 170 14.75 -14.40 -19.68
C LEU A 170 13.43 -14.24 -20.42
N VAL A 171 13.48 -13.62 -21.60
CA VAL A 171 12.30 -13.23 -22.35
C VAL A 171 12.34 -13.88 -23.73
N LEU A 172 11.26 -14.53 -24.13
CA LEU A 172 11.09 -15.14 -25.44
C LEU A 172 10.03 -14.36 -26.21
N SER A 173 10.36 -13.93 -27.41
CA SER A 173 9.46 -13.12 -28.24
C SER A 173 9.39 -13.68 -29.65
N VAL A 174 8.51 -13.08 -30.45
CA VAL A 174 8.28 -13.50 -31.83
C VAL A 174 9.07 -12.61 -32.76
N TYR A 175 9.89 -13.23 -33.63
CA TYR A 175 10.64 -12.51 -34.65
C TYR A 175 9.82 -12.35 -35.93
N ASN A 176 9.45 -13.47 -36.53
CA ASN A 176 8.56 -13.52 -37.67
C ASN A 176 7.39 -14.44 -37.32
N ASN A 177 6.19 -14.06 -37.73
CA ASN A 177 4.99 -14.77 -37.29
C ASN A 177 4.87 -16.13 -37.95
N LEU A 178 4.14 -17.03 -37.28
CA LEU A 178 4.00 -18.40 -37.73
C LEU A 178 3.08 -18.48 -38.95
N ILE A 179 3.47 -19.31 -39.92
CA ILE A 179 2.77 -19.42 -41.20
C ILE A 179 2.48 -20.89 -41.49
N ASN A 180 1.21 -21.17 -41.80
CA ASN A 180 0.79 -22.49 -42.25
C ASN A 180 0.20 -22.38 -43.65
N PRO A 181 0.96 -22.71 -44.69
CA PRO A 181 0.43 -22.59 -46.06
C PRO A 181 -0.51 -23.71 -46.46
N PHE A 182 -0.66 -24.75 -45.64
CA PHE A 182 -1.54 -25.85 -46.02
C PHE A 182 -3.00 -25.48 -45.89
N GLY A 183 -3.37 -24.77 -44.84
CA GLY A 183 -4.75 -24.35 -44.69
C GLY A 183 -5.19 -24.45 -43.23
N GLY A 184 -6.26 -25.20 -43.03
CA GLY A 184 -6.93 -25.24 -41.74
C GLY A 184 -6.36 -26.20 -40.72
N SER A 185 -7.21 -26.65 -39.79
CA SER A 185 -6.92 -27.59 -38.72
C SER A 185 -5.83 -27.09 -37.78
N THR A 186 -4.58 -27.50 -38.00
CA THR A 186 -3.49 -27.23 -37.07
C THR A 186 -3.07 -25.76 -37.15
N SER A 187 -3.06 -25.09 -35.99
CA SER A 187 -2.64 -23.69 -35.94
C SER A 187 -1.83 -23.34 -34.69
N ALA A 188 -1.20 -24.33 -34.03
CA ALA A 188 -0.45 -24.04 -32.82
C ALA A 188 0.66 -25.08 -32.64
N ILE A 189 1.78 -24.62 -32.10
CA ILE A 189 3.01 -25.40 -31.89
C ILE A 189 3.33 -25.37 -30.40
N GLN A 190 3.77 -26.51 -29.85
CA GLN A 190 4.23 -26.59 -28.47
C GLN A 190 5.76 -26.54 -28.41
N VAL A 191 6.29 -25.75 -27.47
CA VAL A 191 7.72 -25.61 -27.25
C VAL A 191 8.04 -26.02 -25.82
N THR A 192 9.02 -26.90 -25.66
CA THR A 192 9.41 -27.47 -24.37
C THR A 192 10.71 -26.84 -23.89
N VAL A 193 10.76 -26.44 -22.63
CA VAL A 193 11.94 -25.85 -22.02
C VAL A 193 12.59 -26.86 -21.08
N GLU A 194 13.91 -26.99 -21.16
CA GLU A 194 14.70 -27.85 -20.29
C GLU A 194 15.83 -27.03 -19.67
N THR A 195 16.38 -27.51 -18.55
CA THR A 195 17.29 -26.72 -17.75
C THR A 195 18.32 -27.61 -17.07
N ARG A 196 19.59 -27.18 -17.09
CA ARG A 196 20.62 -27.70 -16.21
C ARG A 196 21.40 -26.51 -15.65
N PRO A 197 21.96 -26.63 -14.45
CA PRO A 197 22.70 -25.49 -13.87
C PRO A 197 24.06 -25.30 -14.51
N SER A 198 24.66 -24.15 -14.20
CA SER A 198 25.97 -23.79 -14.70
C SER A 198 27.07 -24.30 -13.78
N GLU A 199 28.33 -24.08 -14.18
CA GLU A 199 29.46 -24.56 -13.41
C GLU A 199 29.66 -23.77 -12.12
N ASP A 200 29.18 -22.52 -12.08
CA ASP A 200 29.44 -21.62 -10.96
C ASP A 200 28.29 -21.55 -9.97
N PHE A 201 27.26 -22.38 -10.13
CA PHE A 201 26.14 -22.39 -9.18
C PHE A 201 26.55 -23.10 -7.89
N GLU A 202 26.01 -22.61 -6.77
CA GLU A 202 26.38 -23.13 -5.45
C GLU A 202 25.28 -22.80 -4.44
N PHE A 203 25.40 -23.41 -3.26
CA PHE A 203 24.55 -23.15 -2.11
C PHE A 203 25.43 -22.73 -0.93
N VAL A 204 24.82 -22.08 0.07
CA VAL A 204 25.51 -21.71 1.30
C VAL A 204 24.57 -21.87 2.48
N MET A 205 25.15 -22.04 3.67
CA MET A 205 24.48 -21.92 4.97
C MET A 205 23.32 -22.88 5.19
N ILE A 206 23.65 -24.16 5.44
CA ILE A 206 22.66 -25.20 5.70
C ILE A 206 21.73 -24.84 6.85
N ARG A 207 20.47 -25.27 6.75
CA ARG A 207 19.42 -24.91 7.69
C ARG A 207 18.48 -26.09 7.89
N ALA A 208 17.55 -25.92 8.83
CA ALA A 208 16.59 -26.97 9.14
C ALA A 208 15.55 -27.09 8.02
N PRO A 209 15.25 -28.31 7.56
CA PRO A 209 14.26 -28.46 6.48
C PRO A 209 12.82 -28.24 6.93
N SER A 210 12.58 -28.33 8.24
CA SER A 210 11.22 -28.06 8.77
C SER A 210 11.00 -26.55 8.96
N SER A 211 12.02 -25.72 8.70
CA SER A 211 11.92 -24.26 8.93
C SER A 211 10.96 -23.59 7.92
N LYS A 212 11.07 -22.26 7.75
CA LYS A 212 10.13 -21.52 6.86
C LYS A 212 9.66 -22.43 5.72
N THR A 213 8.37 -22.79 5.71
CA THR A 213 7.83 -23.66 4.64
C THR A 213 7.06 -22.81 3.66
N VAL A 214 7.46 -21.54 3.51
CA VAL A 214 6.72 -20.60 2.61
C VAL A 214 7.17 -20.87 1.16
N ASP A 215 6.52 -21.82 0.48
CA ASP A 215 6.86 -22.13 -0.94
C ASP A 215 5.66 -21.78 -1.81
N SER A 216 5.89 -21.08 -2.93
CA SER A 216 4.79 -20.68 -3.85
C SER A 216 3.58 -21.61 -3.68
N ILE A 217 2.62 -21.25 -2.84
CA ILE A 217 1.38 -22.06 -2.68
C ILE A 217 0.76 -22.24 -4.07
N SER A 218 0.40 -23.48 -4.44
CA SER A 218 -0.12 -23.73 -5.82
C SER A 218 -1.45 -24.47 -5.73
N PRO A 219 -2.47 -24.10 -6.54
CA PRO A 219 -3.75 -24.85 -6.58
C PRO A 219 -3.70 -26.06 -7.50
N ALA A 220 -2.69 -26.90 -7.31
CA ALA A 220 -2.51 -28.12 -8.09
C ALA A 220 -2.89 -29.37 -7.32
N GLY A 221 -2.73 -29.36 -6.00
CA GLY A 221 -3.05 -30.51 -5.18
C GLY A 221 -4.51 -30.69 -4.83
N LEU A 222 -5.38 -29.77 -5.27
CA LEU A 222 -6.80 -29.89 -4.98
C LEU A 222 -7.52 -30.82 -5.96
N LEU A 223 -7.02 -30.93 -7.19
CA LEU A 223 -7.62 -31.80 -8.20
C LEU A 223 -6.61 -32.91 -8.52
N THR A 224 -6.84 -34.08 -7.91
CA THR A 224 -5.96 -35.24 -8.14
C THR A 224 -6.68 -36.26 -9.01
N THR A 225 -6.29 -37.53 -8.91
CA THR A 225 -6.87 -38.57 -9.83
C THR A 225 -8.23 -39.07 -9.38
N PRO A 226 -8.41 -39.70 -8.19
CA PRO A 226 -9.73 -40.32 -7.81
C PRO A 226 -10.84 -39.29 -7.80
N VAL A 227 -10.50 -38.03 -7.50
CA VAL A 227 -11.51 -36.94 -7.45
C VAL A 227 -12.49 -37.10 -8.62
N LEU A 228 -12.05 -37.68 -9.74
CA LEU A 228 -12.93 -37.75 -10.90
C LEU A 228 -13.25 -39.17 -11.35
N THR A 229 -12.48 -40.17 -10.91
CA THR A 229 -12.72 -41.57 -11.25
C THR A 229 -12.81 -42.39 -9.96
N GLY A 230 -13.60 -41.88 -9.00
CA GLY A 230 -13.70 -42.47 -7.69
C GLY A 230 -14.60 -41.66 -6.77
N VAL A 231 -14.13 -41.37 -5.57
CA VAL A 231 -14.87 -40.53 -4.64
C VAL A 231 -14.90 -39.09 -5.15
N GLY A 232 -15.86 -38.31 -4.67
CA GLY A 232 -16.02 -36.94 -5.15
C GLY A 232 -17.46 -36.62 -5.53
N ASN A 233 -17.97 -35.51 -5.00
CA ASN A 233 -19.37 -35.15 -5.12
C ASN A 233 -19.50 -33.72 -5.62
N ASP A 234 -20.74 -33.26 -5.75
CA ASP A 234 -21.03 -31.90 -6.20
C ASP A 234 -21.64 -31.09 -5.05
N ASN A 235 -21.98 -29.83 -5.32
CA ASN A 235 -22.49 -28.93 -4.28
C ASN A 235 -23.99 -28.98 -4.12
N ARG A 236 -24.70 -29.69 -5.00
CA ARG A 236 -26.15 -29.82 -4.89
C ARG A 236 -26.57 -31.17 -4.32
N TRP A 237 -25.87 -32.23 -4.69
CA TRP A 237 -26.16 -33.58 -4.23
C TRP A 237 -24.86 -34.23 -3.78
N ASN A 238 -24.99 -35.26 -2.95
CA ASN A 238 -23.84 -36.08 -2.57
C ASN A 238 -23.75 -37.32 -3.46
N GLY A 239 -23.70 -37.06 -4.77
CA GLY A 239 -23.69 -38.11 -5.77
C GLY A 239 -22.37 -38.16 -6.53
N GLN A 240 -22.04 -39.35 -7.02
CA GLN A 240 -20.77 -39.57 -7.69
C GLN A 240 -20.73 -38.87 -9.04
N ILE A 241 -19.67 -38.10 -9.27
CA ILE A 241 -19.51 -37.37 -10.52
C ILE A 241 -19.08 -38.35 -11.60
N VAL A 242 -19.94 -38.53 -12.61
CA VAL A 242 -19.67 -39.48 -13.68
C VAL A 242 -19.49 -38.81 -15.04
N GLY A 243 -19.83 -37.53 -15.15
CA GLY A 243 -19.74 -36.91 -16.49
C GLY A 243 -19.69 -35.40 -16.42
N LEU A 244 -19.01 -34.78 -17.38
CA LEU A 244 -19.01 -33.29 -17.46
C LEU A 244 -19.88 -32.89 -18.66
N GLN A 245 -20.66 -31.83 -18.51
CA GLN A 245 -21.53 -31.35 -19.61
C GLN A 245 -21.24 -29.86 -19.82
N PRO A 246 -20.84 -29.41 -21.03
CA PRO A 246 -20.66 -27.97 -21.25
C PRO A 246 -21.98 -27.29 -21.57
N VAL A 247 -22.03 -25.99 -21.26
CA VAL A 247 -23.19 -25.17 -21.59
C VAL A 247 -22.73 -23.86 -22.21
N PRO A 248 -23.13 -23.55 -23.44
CA PRO A 248 -22.71 -22.30 -24.08
C PRO A 248 -23.60 -21.12 -23.69
N GLY A 249 -22.97 -20.00 -23.36
CA GLY A 249 -23.71 -18.80 -23.03
C GLY A 249 -23.38 -18.24 -21.66
N GLY A 250 -23.27 -19.11 -20.67
CA GLY A 250 -22.93 -18.71 -19.32
C GLY A 250 -24.00 -19.11 -18.31
N PHE A 251 -23.60 -19.07 -17.05
CA PHE A 251 -24.47 -19.40 -15.93
C PHE A 251 -23.92 -18.72 -14.68
N SER A 252 -24.73 -18.72 -13.62
CA SER A 252 -24.34 -18.12 -12.36
C SER A 252 -24.84 -18.98 -11.21
N THR A 253 -23.94 -19.34 -10.30
CA THR A 253 -24.27 -20.13 -9.11
C THR A 253 -23.41 -19.64 -7.95
N CYS A 254 -24.03 -19.51 -6.77
CA CYS A 254 -23.30 -19.01 -5.61
C CYS A 254 -23.69 -19.69 -4.30
N ASN A 255 -24.18 -20.93 -4.33
CA ASN A 255 -24.63 -21.57 -3.09
C ASN A 255 -23.45 -22.05 -2.25
N ARG A 256 -22.68 -23.00 -2.77
CA ARG A 256 -21.47 -23.50 -2.11
C ARG A 256 -20.23 -23.15 -2.91
N HIS A 257 -20.29 -22.07 -3.67
CA HIS A 257 -19.29 -21.76 -4.69
C HIS A 257 -18.29 -20.78 -4.10
N TRP A 258 -17.07 -21.23 -3.86
CA TRP A 258 -16.00 -20.42 -3.31
C TRP A 258 -15.03 -20.04 -4.44
N ASN A 259 -14.60 -18.78 -4.46
CA ASN A 259 -13.62 -18.32 -5.44
C ASN A 259 -12.22 -18.47 -4.85
N LEU A 260 -11.21 -17.95 -5.55
CA LEU A 260 -9.82 -18.22 -5.19
C LEU A 260 -9.35 -17.42 -3.97
N ASN A 261 -10.12 -16.43 -3.52
CA ASN A 261 -9.85 -15.76 -2.26
C ASN A 261 -10.51 -16.53 -1.13
N GLY A 262 -10.26 -16.10 0.10
CA GLY A 262 -10.91 -16.71 1.25
C GLY A 262 -12.25 -16.08 1.55
N SER A 263 -13.16 -16.12 0.58
CA SER A 263 -14.44 -15.44 0.70
C SER A 263 -15.44 -16.13 -0.23
N THR A 264 -16.72 -15.88 0.04
CA THR A 264 -17.82 -16.45 -0.73
C THR A 264 -18.99 -15.48 -0.69
N TYR A 265 -19.97 -15.72 -1.56
CA TYR A 265 -21.16 -14.89 -1.64
C TYR A 265 -22.38 -15.78 -1.44
N GLY A 266 -22.76 -15.98 -0.18
CA GLY A 266 -23.98 -16.71 0.10
C GLY A 266 -23.88 -17.51 1.39
N TRP A 267 -24.94 -18.28 1.62
CA TRP A 267 -25.11 -19.12 2.79
C TRP A 267 -24.56 -20.53 2.49
N SER A 268 -24.95 -21.52 3.29
CA SER A 268 -24.71 -22.95 3.08
C SER A 268 -23.22 -23.33 2.99
N SER A 269 -22.55 -23.31 4.14
CA SER A 269 -21.22 -23.86 4.28
C SER A 269 -21.18 -25.32 3.80
N PRO A 270 -20.06 -25.79 3.20
CA PRO A 270 -20.03 -27.10 2.50
C PRO A 270 -20.02 -28.35 3.39
N ARG A 271 -21.22 -28.74 3.80
CA ARG A 271 -21.49 -30.01 4.49
C ARG A 271 -22.97 -30.34 4.31
N PHE A 272 -23.26 -31.58 3.93
CA PHE A 272 -24.64 -32.01 3.70
C PHE A 272 -25.15 -32.68 4.98
N ALA A 273 -25.36 -31.86 6.01
CA ALA A 273 -25.77 -32.37 7.32
C ALA A 273 -27.27 -32.23 7.56
N ASP A 274 -27.79 -31.01 7.53
CA ASP A 274 -29.19 -30.76 7.87
C ASP A 274 -29.63 -29.40 7.35
N ILE A 275 -30.94 -29.23 7.26
CA ILE A 275 -31.59 -27.94 7.02
C ILE A 275 -32.49 -27.67 8.21
N ASP A 276 -32.21 -26.59 8.94
CA ASP A 276 -32.93 -26.30 10.18
C ASP A 276 -33.28 -24.83 10.23
N HIS A 277 -34.56 -24.54 10.46
CA HIS A 277 -35.03 -23.20 10.75
C HIS A 277 -36.06 -23.28 11.87
N ARG A 278 -36.24 -22.19 12.61
CA ARG A 278 -37.07 -22.21 13.80
C ARG A 278 -38.33 -21.36 13.68
N ARG A 279 -38.25 -20.18 13.08
CA ARG A 279 -39.36 -19.24 13.01
C ARG A 279 -39.91 -19.17 11.59
N GLY A 280 -41.22 -19.19 11.46
CA GLY A 280 -41.86 -19.10 10.16
C GLY A 280 -43.27 -19.62 10.22
N SER A 281 -44.15 -18.92 9.50
CA SER A 281 -45.58 -19.21 9.52
C SER A 281 -45.90 -20.51 8.78
N ALA A 282 -47.00 -21.13 9.17
CA ALA A 282 -47.48 -22.36 8.57
C ALA A 282 -48.97 -22.26 8.29
N SER A 283 -49.40 -22.91 7.21
CA SER A 283 -50.79 -22.87 6.77
C SER A 283 -51.05 -24.09 5.89
N TYR A 284 -52.30 -24.22 5.44
CA TYR A 284 -52.72 -25.32 4.59
C TYR A 284 -54.02 -24.94 3.89
N PRO A 285 -54.21 -25.35 2.64
CA PRO A 285 -55.48 -25.06 1.96
C PRO A 285 -56.55 -26.12 2.25
N GLY A 286 -57.78 -25.75 1.98
CA GLY A 286 -58.90 -26.64 2.22
C GLY A 286 -59.47 -26.48 3.62
N ASN A 287 -60.80 -26.59 3.71
CA ASN A 287 -61.48 -26.46 5.00
C ASN A 287 -61.50 -27.76 5.79
N ASN A 288 -61.00 -28.85 5.22
CA ASN A 288 -60.92 -30.13 5.91
C ASN A 288 -59.48 -30.42 6.29
N ALA A 289 -59.28 -30.95 7.49
CA ALA A 289 -57.96 -31.35 7.96
C ALA A 289 -57.68 -32.82 7.65
N THR A 290 -57.82 -33.19 6.37
CA THR A 290 -57.60 -34.57 5.94
C THR A 290 -57.10 -34.55 4.51
N ASN A 291 -55.91 -35.12 4.31
CA ASN A 291 -55.29 -35.35 2.98
C ASN A 291 -55.11 -34.04 2.21
N VAL A 292 -54.27 -33.16 2.77
CA VAL A 292 -53.98 -31.88 2.14
C VAL A 292 -52.48 -31.79 1.86
N LEU A 293 -52.05 -30.66 1.32
CA LEU A 293 -50.63 -30.37 1.07
C LEU A 293 -50.23 -29.24 2.00
N GLN A 294 -49.34 -29.52 2.95
CA GLN A 294 -48.93 -28.52 3.94
C GLN A 294 -48.03 -27.48 3.29
N PHE A 295 -48.22 -26.22 3.70
CA PHE A 295 -47.51 -25.10 3.10
C PHE A 295 -46.88 -24.24 4.20
N TRP A 296 -45.56 -24.21 4.21
CA TRP A 296 -44.78 -23.43 5.18
C TRP A 296 -44.01 -22.36 4.42
N TYR A 297 -44.00 -21.13 4.94
CA TYR A 297 -43.33 -20.05 4.23
C TYR A 297 -42.79 -19.03 5.22
N ALA A 298 -41.60 -18.52 4.91
CA ALA A 298 -40.96 -17.46 5.69
C ALA A 298 -40.17 -16.58 4.73
N ASN A 299 -39.98 -15.33 5.12
CA ASN A 299 -39.31 -14.36 4.27
C ASN A 299 -37.79 -14.48 4.39
N ALA A 300 -37.10 -13.85 3.44
CA ALA A 300 -35.64 -13.83 3.42
C ALA A 300 -35.13 -12.75 4.36
N GLY A 301 -34.10 -13.07 5.13
CA GLY A 301 -33.55 -12.14 6.10
C GLY A 301 -33.74 -12.53 7.55
N SER A 302 -34.35 -13.67 7.83
CA SER A 302 -34.66 -14.07 9.20
C SER A 302 -33.89 -15.31 9.65
N ALA A 303 -32.70 -15.57 9.09
CA ALA A 303 -31.89 -16.71 9.51
C ALA A 303 -30.88 -16.24 10.53
N ILE A 304 -31.32 -16.07 11.78
CA ILE A 304 -30.44 -15.63 12.84
C ILE A 304 -29.45 -16.73 13.25
N ASP A 305 -29.89 -17.99 13.22
CA ASP A 305 -29.05 -19.10 13.65
C ASP A 305 -27.89 -19.38 12.69
N ASN A 306 -27.99 -18.94 11.44
CA ASN A 306 -26.89 -19.09 10.51
C ASN A 306 -25.87 -17.98 10.74
N PRO A 307 -24.61 -18.31 11.07
CA PRO A 307 -23.62 -17.25 11.31
C PRO A 307 -23.02 -16.67 10.04
N ILE A 308 -23.26 -17.27 8.89
CA ILE A 308 -22.64 -16.80 7.66
C ILE A 308 -23.51 -15.76 6.97
N SER A 309 -24.73 -16.14 6.58
CA SER A 309 -25.65 -15.25 5.90
C SER A 309 -27.01 -15.33 6.56
N GLN A 310 -27.71 -14.20 6.59
CA GLN A 310 -29.05 -14.14 7.16
C GLN A 310 -30.14 -14.43 6.14
N VAL A 311 -29.79 -14.61 4.86
CA VAL A 311 -30.78 -14.79 3.80
C VAL A 311 -31.52 -16.11 3.89
N ALA A 312 -30.83 -17.21 4.12
CA ALA A 312 -31.45 -18.53 4.11
C ALA A 312 -30.79 -19.40 5.17
N PRO A 313 -31.50 -20.39 5.71
CA PRO A 313 -30.84 -21.37 6.58
C PRO A 313 -29.90 -22.26 5.78
N ASP A 314 -29.01 -22.93 6.52
CA ASP A 314 -27.97 -23.75 5.92
C ASP A 314 -28.58 -24.99 5.27
N GLY A 315 -28.23 -25.23 4.01
CA GLY A 315 -28.72 -26.38 3.27
C GLY A 315 -29.92 -26.11 2.39
N PHE A 316 -30.39 -24.87 2.31
CA PHE A 316 -31.55 -24.57 1.50
C PHE A 316 -31.17 -24.59 0.02
N PRO A 317 -32.00 -25.18 -0.86
CA PRO A 317 -31.64 -25.23 -2.27
C PRO A 317 -31.75 -23.87 -2.95
N ASP A 318 -31.06 -23.73 -4.07
CA ASP A 318 -30.90 -22.44 -4.74
C ASP A 318 -31.52 -22.46 -6.15
N MET A 319 -32.58 -23.25 -6.30
CA MET A 319 -33.40 -23.21 -7.49
C MET A 319 -34.77 -22.63 -7.18
N SER A 320 -35.50 -22.27 -8.24
CA SER A 320 -36.76 -21.57 -8.10
C SER A 320 -37.91 -22.55 -7.92
N PHE A 321 -39.07 -22.03 -7.54
CA PHE A 321 -40.24 -22.86 -7.34
C PHE A 321 -40.90 -23.18 -8.68
N VAL A 322 -41.57 -24.32 -8.74
CA VAL A 322 -42.36 -24.68 -9.91
C VAL A 322 -43.84 -24.60 -9.55
N PRO A 323 -44.63 -23.77 -10.24
CA PRO A 323 -46.03 -23.56 -9.86
C PRO A 323 -46.91 -24.73 -10.32
N PHE A 324 -47.34 -25.54 -9.36
CA PHE A 324 -48.19 -26.69 -9.64
C PHE A 324 -49.35 -26.70 -8.65
N ASN A 325 -50.42 -27.40 -9.01
CA ASN A 325 -51.57 -27.55 -8.13
C ASN A 325 -52.22 -28.90 -8.40
N GLY A 326 -53.00 -29.35 -7.43
CA GLY A 326 -53.68 -30.61 -7.53
C GLY A 326 -52.80 -31.78 -7.18
N PRO A 327 -53.23 -33.00 -7.54
CA PRO A 327 -52.47 -34.21 -7.18
C PRO A 327 -51.37 -34.59 -8.15
N GLY A 328 -50.97 -33.70 -9.07
CA GLY A 328 -49.91 -34.02 -10.01
C GLY A 328 -48.55 -33.68 -9.43
N ILE A 329 -47.61 -34.60 -9.58
CA ILE A 329 -46.24 -34.37 -9.09
C ILE A 329 -45.54 -33.40 -10.03
N PRO A 330 -45.01 -32.28 -9.52
CA PRO A 330 -44.39 -31.28 -10.40
C PRO A 330 -43.07 -31.76 -10.99
N ALA A 331 -42.81 -31.31 -12.21
CA ALA A 331 -41.56 -31.63 -12.90
C ALA A 331 -40.40 -30.90 -12.25
N ALA A 332 -39.26 -31.61 -12.14
CA ALA A 332 -37.99 -31.14 -11.57
C ALA A 332 -38.15 -30.61 -10.15
N GLY A 333 -37.22 -29.77 -9.71
CA GLY A 333 -37.29 -29.17 -8.40
C GLY A 333 -36.44 -29.89 -7.37
N TRP A 334 -36.61 -29.47 -6.12
CA TRP A 334 -35.87 -30.03 -4.99
C TRP A 334 -36.87 -30.61 -4.00
N VAL A 335 -36.91 -31.93 -3.89
CA VAL A 335 -37.77 -32.58 -2.90
C VAL A 335 -36.90 -33.32 -1.89
N GLY A 336 -37.30 -33.25 -0.64
CA GLY A 336 -36.50 -33.81 0.45
C GLY A 336 -37.40 -34.34 1.54
N PHE A 337 -36.91 -35.37 2.22
CA PHE A 337 -37.67 -36.03 3.28
C PHE A 337 -37.48 -35.26 4.59
N GLY A 338 -38.57 -34.72 5.12
CA GLY A 338 -38.49 -33.90 6.32
C GLY A 338 -39.83 -33.78 6.98
N ALA A 339 -39.88 -32.93 8.00
CA ALA A 339 -41.08 -32.77 8.81
C ALA A 339 -41.16 -31.33 9.32
N ILE A 340 -42.22 -31.06 10.07
CA ILE A 340 -42.43 -29.77 10.73
C ILE A 340 -42.22 -29.96 12.22
N TRP A 341 -41.95 -28.87 12.92
CA TRP A 341 -41.74 -28.90 14.37
C TRP A 341 -42.12 -27.56 14.98
N ASN A 342 -42.80 -27.60 16.11
CA ASN A 342 -43.19 -26.40 16.82
C ASN A 342 -42.02 -25.80 17.59
N SER A 343 -42.21 -24.57 18.06
CA SER A 343 -41.17 -23.86 18.80
C SER A 343 -41.32 -24.13 20.29
N ASN A 344 -40.62 -23.33 21.11
CA ASN A 344 -40.63 -23.36 22.58
C ASN A 344 -40.18 -24.72 23.11
N SER A 345 -38.90 -25.01 22.83
CA SER A 345 -38.24 -26.30 23.10
C SER A 345 -39.03 -27.45 22.47
N GLY A 346 -39.21 -27.31 21.16
CA GLY A 346 -40.17 -28.12 20.44
C GLY A 346 -39.76 -29.52 20.08
N ALA A 347 -40.73 -30.44 20.15
CA ALA A 347 -40.62 -31.77 19.60
C ALA A 347 -41.50 -31.83 18.35
N PRO A 348 -41.08 -32.52 17.30
CA PRO A 348 -41.88 -32.53 16.05
C PRO A 348 -43.16 -33.34 16.21
N ASN A 349 -44.16 -32.92 15.45
CA ASN A 349 -45.46 -33.59 15.46
C ASN A 349 -45.34 -34.98 14.84
N VAL A 350 -46.13 -35.92 15.37
CA VAL A 350 -46.04 -37.32 14.92
C VAL A 350 -46.61 -37.47 13.51
N THR A 351 -47.77 -36.88 13.25
CA THR A 351 -48.57 -37.22 12.08
C THR A 351 -48.28 -36.36 10.86
N THR A 352 -47.08 -35.77 10.75
CA THR A 352 -46.69 -35.05 9.54
C THR A 352 -45.21 -35.30 9.25
N VAL A 353 -44.94 -36.34 8.47
CA VAL A 353 -43.65 -36.59 7.85
C VAL A 353 -43.92 -36.91 6.39
N GLN A 354 -43.36 -36.10 5.49
CA GLN A 354 -43.68 -36.23 4.07
C GLN A 354 -42.53 -35.64 3.26
N ALA A 355 -42.58 -35.86 1.95
CA ALA A 355 -41.64 -35.20 1.05
C ALA A 355 -42.12 -33.79 0.75
N TYR A 356 -41.24 -32.81 0.94
CA TYR A 356 -41.58 -31.40 0.77
C TYR A 356 -40.70 -30.80 -0.32
N GLU A 357 -41.31 -29.95 -1.14
CA GLU A 357 -40.63 -29.34 -2.28
C GLU A 357 -40.22 -27.92 -1.90
N LEU A 358 -38.91 -27.67 -1.85
CA LEU A 358 -38.33 -26.43 -1.37
C LEU A 358 -37.86 -25.58 -2.55
N GLY A 359 -37.92 -24.27 -2.35
CA GLY A 359 -37.46 -23.35 -3.37
C GLY A 359 -37.73 -21.91 -2.97
N PHE A 360 -37.57 -21.02 -3.95
CA PHE A 360 -37.82 -19.60 -3.77
C PHE A 360 -39.00 -19.18 -4.63
N ALA A 361 -39.92 -18.42 -4.05
CA ALA A 361 -41.07 -17.91 -4.77
C ALA A 361 -41.41 -16.53 -4.24
N THR A 362 -42.52 -15.97 -4.73
CA THR A 362 -43.01 -14.69 -4.27
C THR A 362 -44.53 -14.69 -4.32
N GLY A 363 -45.14 -13.78 -3.56
CA GLY A 363 -46.59 -13.63 -3.58
C GLY A 363 -47.35 -14.73 -2.89
N ALA A 364 -46.69 -15.50 -2.03
CA ALA A 364 -47.37 -16.56 -1.29
C ALA A 364 -48.22 -15.95 -0.17
N PRO A 365 -49.37 -16.57 0.17
CA PRO A 365 -49.98 -17.81 -0.35
C PRO A 365 -51.00 -17.57 -1.46
N GLY A 366 -50.84 -16.50 -2.23
CA GLY A 366 -51.69 -16.25 -3.37
C GLY A 366 -51.09 -16.81 -4.64
N ASN A 367 -50.71 -15.92 -5.57
CA ASN A 367 -50.07 -16.35 -6.82
C ASN A 367 -48.59 -16.61 -6.55
N LEU A 368 -48.19 -17.87 -6.63
CA LEU A 368 -46.80 -18.26 -6.41
C LEU A 368 -46.06 -18.21 -7.74
N GLN A 369 -45.08 -17.32 -7.83
CA GLN A 369 -44.32 -17.14 -9.06
C GLN A 369 -42.83 -17.37 -8.81
N PRO A 370 -42.13 -18.00 -9.75
CA PRO A 370 -40.68 -18.13 -9.62
C PRO A 370 -39.99 -16.79 -9.78
N THR A 371 -38.86 -16.65 -9.08
CA THR A 371 -38.09 -15.42 -9.06
C THR A 371 -36.63 -15.72 -9.38
N THR A 372 -35.95 -14.74 -9.96
CA THR A 372 -34.53 -14.85 -10.30
C THR A 372 -33.63 -14.41 -9.16
N ASN A 373 -33.91 -13.26 -8.56
CA ASN A 373 -33.00 -12.64 -7.60
C ASN A 373 -33.35 -13.02 -6.16
N THR A 374 -32.31 -13.02 -5.31
CA THR A 374 -32.49 -13.33 -3.90
C THR A 374 -33.27 -12.23 -3.17
N SER A 375 -32.94 -10.96 -3.44
CA SER A 375 -33.59 -9.85 -2.73
C SER A 375 -35.02 -9.68 -3.22
N GLY A 376 -35.94 -9.46 -2.27
CA GLY A 376 -37.35 -9.35 -2.58
C GLY A 376 -38.07 -10.67 -2.72
N SER A 377 -37.42 -11.78 -2.42
CA SER A 377 -38.01 -13.11 -2.55
C SER A 377 -38.37 -13.66 -1.18
N GLN A 378 -38.95 -14.86 -1.18
CA GLN A 378 -39.45 -15.49 0.03
C GLN A 378 -39.37 -17.00 -0.12
N THR A 379 -38.78 -17.67 0.87
CA THR A 379 -38.64 -19.11 0.84
C THR A 379 -39.98 -19.79 1.12
N VAL A 380 -40.25 -20.88 0.40
CA VAL A 380 -41.51 -21.61 0.53
C VAL A 380 -41.23 -23.10 0.60
N ALA A 381 -42.26 -23.86 1.01
CA ALA A 381 -42.14 -25.30 1.22
C ALA A 381 -43.55 -25.89 1.10
N LYS A 382 -43.86 -26.51 -0.03
CA LYS A 382 -45.16 -27.12 -0.25
C LYS A 382 -44.98 -28.61 -0.44
N SER A 383 -45.74 -29.41 0.31
CA SER A 383 -45.63 -30.86 0.25
C SER A 383 -46.19 -31.39 -1.07
N ILE A 384 -45.53 -32.43 -1.59
CA ILE A 384 -45.94 -33.04 -2.84
C ILE A 384 -46.87 -34.23 -2.66
N TYR A 385 -46.91 -34.83 -1.46
CA TYR A 385 -47.79 -35.94 -1.16
C TYR A 385 -48.73 -35.57 -0.03
N ALA A 386 -49.85 -36.28 0.04
CA ALA A 386 -50.91 -35.97 1.00
C ALA A 386 -50.48 -36.31 2.42
N VAL A 387 -50.79 -35.40 3.35
CA VAL A 387 -50.49 -35.58 4.76
C VAL A 387 -51.81 -35.44 5.53
N VAL A 388 -52.03 -36.36 6.48
CA VAL A 388 -53.32 -36.47 7.15
C VAL A 388 -53.63 -35.29 8.05
N THR A 389 -52.62 -34.62 8.62
CA THR A 389 -52.85 -33.50 9.52
C THR A 389 -52.17 -32.25 8.98
N GLY A 390 -52.86 -31.11 9.13
CA GLY A 390 -52.32 -29.83 8.71
C GLY A 390 -52.43 -28.77 9.79
N THR A 391 -51.30 -28.22 10.22
CA THR A 391 -51.27 -27.24 11.29
C THR A 391 -51.41 -25.83 10.73
N ALA A 392 -51.68 -24.89 11.63
CA ALA A 392 -51.82 -23.48 11.25
C ALA A 392 -51.15 -22.56 12.28
N GLN A 393 -50.17 -23.06 13.01
CA GLN A 393 -49.50 -22.28 14.03
C GLN A 393 -48.52 -21.30 13.41
N ASN A 394 -48.48 -20.08 13.96
CA ASN A 394 -47.55 -19.04 13.50
C ASN A 394 -46.07 -19.38 13.75
N PRO A 395 -45.63 -19.89 14.95
CA PRO A 395 -44.22 -20.31 15.03
C PRO A 395 -44.02 -21.75 14.57
N ALA A 396 -43.22 -21.94 13.52
CA ALA A 396 -42.97 -23.28 12.99
C ALA A 396 -41.65 -23.27 12.23
N GLY A 397 -41.09 -24.45 12.03
CA GLY A 397 -39.85 -24.60 11.28
C GLY A 397 -39.77 -25.90 10.50
N LEU A 398 -38.64 -26.13 9.83
CA LEU A 398 -38.45 -27.35 9.06
C LEU A 398 -37.18 -28.06 9.50
N PHE A 399 -37.26 -29.39 9.56
CA PHE A 399 -36.11 -30.25 9.82
C PHE A 399 -36.03 -31.23 8.66
N VAL A 400 -35.27 -30.87 7.63
CA VAL A 400 -35.19 -31.63 6.38
C VAL A 400 -33.75 -32.10 6.21
N MET A 401 -33.58 -33.34 5.77
CA MET A 401 -32.26 -33.84 5.41
C MET A 401 -31.70 -33.07 4.22
N ALA A 402 -30.40 -32.81 4.27
CA ALA A 402 -29.75 -32.00 3.24
C ALA A 402 -29.62 -32.77 1.92
N SER A 403 -29.52 -34.09 1.99
CA SER A 403 -29.54 -34.91 0.78
C SER A 403 -30.98 -35.21 0.39
N GLY A 404 -31.28 -35.07 -0.91
CA GLY A 404 -32.61 -35.30 -1.41
C GLY A 404 -32.59 -35.89 -2.81
N VAL A 405 -33.78 -35.89 -3.43
CA VAL A 405 -33.97 -36.40 -4.78
C VAL A 405 -34.70 -35.35 -5.59
N ILE A 406 -35.04 -35.71 -6.83
CA ILE A 406 -35.79 -34.84 -7.75
C ILE A 406 -37.09 -35.54 -8.11
N SER A 407 -38.20 -34.82 -7.96
CA SER A 407 -39.52 -35.36 -8.28
C SER A 407 -39.75 -35.38 -9.79
N THR A 408 -40.45 -36.41 -10.25
CA THR A 408 -40.80 -36.58 -11.65
C THR A 408 -42.20 -37.15 -11.76
N PRO A 409 -43.01 -36.71 -12.75
CA PRO A 409 -44.34 -37.30 -12.94
C PRO A 409 -44.28 -38.74 -13.43
N SER A 410 -43.54 -38.97 -14.51
CA SER A 410 -43.28 -40.30 -15.03
C SER A 410 -41.78 -40.55 -14.99
N ALA A 411 -41.34 -41.78 -15.30
CA ALA A 411 -39.92 -42.11 -15.24
C ALA A 411 -39.10 -41.34 -16.26
N ASN A 412 -39.24 -41.70 -17.55
CA ASN A 412 -38.65 -41.06 -18.74
C ASN A 412 -37.19 -40.61 -18.58
N ALA A 413 -36.88 -39.48 -19.23
CA ALA A 413 -35.63 -38.75 -19.01
C ALA A 413 -35.88 -37.32 -19.47
N ILE A 414 -36.00 -36.38 -18.52
CA ILE A 414 -36.50 -35.06 -18.86
C ILE A 414 -35.39 -34.21 -19.46
N THR A 415 -34.41 -33.84 -18.63
CA THR A 415 -33.30 -32.94 -18.96
C THR A 415 -32.40 -32.91 -17.74
N TYR A 416 -31.20 -32.35 -17.92
CA TYR A 416 -30.32 -32.09 -16.79
C TYR A 416 -30.86 -30.91 -15.97
N THR A 417 -30.78 -31.02 -14.66
CA THR A 417 -31.37 -30.05 -13.76
C THR A 417 -30.34 -29.58 -12.74
N PRO A 418 -30.30 -28.27 -12.42
CA PRO A 418 -31.15 -27.19 -12.94
C PRO A 418 -30.66 -26.58 -14.25
N GLN A 419 -31.55 -25.91 -14.98
CA GLN A 419 -31.16 -25.14 -16.14
C GLN A 419 -30.39 -23.90 -15.69
N PRO A 420 -29.51 -23.36 -16.55
CA PRO A 420 -28.77 -22.12 -16.17
C PRO A 420 -29.64 -20.91 -15.91
N ASP A 421 -30.87 -20.85 -16.45
CA ASP A 421 -31.76 -19.74 -16.16
C ASP A 421 -32.55 -19.92 -14.87
N ARG A 422 -32.64 -21.13 -14.34
CA ARG A 422 -33.44 -21.39 -13.16
C ARG A 422 -32.70 -21.12 -11.86
N ILE A 423 -31.37 -20.96 -11.92
CA ILE A 423 -30.56 -20.85 -10.71
C ILE A 423 -30.75 -19.46 -10.11
N VAL A 424 -31.03 -19.41 -8.81
CA VAL A 424 -31.24 -18.16 -8.10
C VAL A 424 -29.90 -17.66 -7.57
N THR A 425 -29.57 -16.41 -7.86
CA THR A 425 -28.32 -15.82 -7.44
C THR A 425 -28.58 -14.54 -6.68
N THR A 426 -27.62 -14.16 -5.84
CA THR A 426 -27.70 -12.95 -5.05
C THR A 426 -27.16 -11.76 -5.83
N PRO A 427 -27.52 -10.53 -5.44
CA PRO A 427 -26.83 -9.36 -6.01
C PRO A 427 -25.35 -9.36 -5.65
N GLY A 428 -24.53 -8.90 -6.60
CA GLY A 428 -23.10 -8.86 -6.41
C GLY A 428 -22.38 -10.15 -6.77
N THR A 429 -23.01 -11.00 -7.59
CA THR A 429 -22.34 -12.23 -7.97
C THR A 429 -21.76 -12.10 -9.37
N PRO A 430 -20.51 -12.53 -9.58
CA PRO A 430 -19.95 -12.51 -10.94
C PRO A 430 -20.53 -13.63 -11.78
N ALA A 431 -20.51 -13.44 -13.09
CA ALA A 431 -21.08 -14.40 -14.03
C ALA A 431 -19.99 -15.07 -14.84
N ALA A 432 -20.21 -16.34 -15.19
CA ALA A 432 -19.29 -17.03 -16.08
C ALA A 432 -19.59 -16.66 -17.52
N ALA A 433 -18.53 -16.36 -18.28
CA ALA A 433 -18.68 -15.93 -19.65
C ALA A 433 -17.71 -16.68 -20.55
N PRO A 434 -18.11 -17.00 -21.79
CA PRO A 434 -17.17 -17.65 -22.72
C PRO A 434 -16.10 -16.67 -23.20
N VAL A 435 -14.85 -17.09 -23.11
CA VAL A 435 -13.71 -16.32 -23.60
C VAL A 435 -13.10 -17.09 -24.76
N GLY A 436 -13.21 -16.53 -25.96
CA GLY A 436 -12.74 -17.24 -27.14
C GLY A 436 -13.60 -18.46 -27.43
N LYS A 437 -12.94 -19.57 -27.75
CA LYS A 437 -13.60 -20.85 -27.95
C LYS A 437 -13.87 -21.57 -26.64
N ASN A 438 -13.33 -21.08 -25.52
CA ASN A 438 -13.55 -21.71 -24.23
C ASN A 438 -14.98 -21.45 -23.76
N THR A 439 -15.59 -22.49 -23.19
CA THR A 439 -16.99 -22.50 -22.80
C THR A 439 -17.07 -23.05 -21.38
N PRO A 440 -17.82 -22.39 -20.49
CA PRO A 440 -17.99 -22.91 -19.13
C PRO A 440 -18.71 -24.25 -19.11
N ILE A 441 -18.25 -25.13 -18.23
CA ILE A 441 -18.77 -26.48 -18.10
C ILE A 441 -19.48 -26.60 -16.75
N MET A 442 -20.11 -27.75 -16.55
CA MET A 442 -20.92 -27.97 -15.36
C MET A 442 -20.96 -29.46 -15.05
N PHE A 443 -20.44 -29.83 -13.88
CA PHE A 443 -20.26 -31.23 -13.50
C PHE A 443 -21.61 -31.89 -13.23
N ALA A 444 -21.77 -33.13 -13.69
CA ALA A 444 -23.01 -33.88 -13.53
C ALA A 444 -22.79 -35.12 -12.65
N SER A 445 -23.90 -35.75 -12.26
CA SER A 445 -23.86 -36.89 -11.37
C SER A 445 -25.13 -37.73 -11.55
N VAL A 446 -25.06 -39.00 -11.15
CA VAL A 446 -26.21 -39.89 -11.18
C VAL A 446 -26.97 -39.73 -9.87
N VAL A 447 -28.28 -39.49 -9.97
CA VAL A 447 -29.14 -39.26 -8.81
C VAL A 447 -30.39 -40.12 -8.93
N ARG A 448 -31.09 -40.25 -7.80
CA ARG A 448 -32.36 -40.97 -7.78
C ARG A 448 -33.53 -40.02 -7.99
N ARG A 449 -34.69 -40.58 -8.35
CA ARG A 449 -35.90 -39.81 -8.57
C ARG A 449 -37.08 -40.54 -7.92
N THR A 450 -38.25 -39.89 -7.95
CA THR A 450 -39.47 -40.49 -7.43
C THR A 450 -40.32 -41.16 -8.49
N GLY A 451 -40.10 -40.85 -9.78
CA GLY A 451 -40.79 -41.56 -10.84
C GLY A 451 -40.29 -42.97 -11.06
N ASP A 452 -39.05 -43.26 -10.67
CA ASP A 452 -38.49 -44.60 -10.75
C ASP A 452 -37.38 -44.67 -9.70
N VAL A 453 -37.58 -45.49 -8.67
CA VAL A 453 -36.62 -45.56 -7.57
C VAL A 453 -35.32 -46.23 -8.01
N ASN A 454 -35.44 -47.32 -8.77
CA ASN A 454 -34.26 -48.05 -9.26
C ASN A 454 -33.69 -47.36 -10.49
N ALA A 455 -32.78 -46.42 -10.23
CA ALA A 455 -32.11 -45.65 -11.28
C ALA A 455 -30.75 -46.26 -11.62
N THR A 456 -30.79 -47.52 -12.05
CA THR A 456 -29.57 -48.20 -12.48
C THR A 456 -29.10 -47.59 -13.81
N ALA A 457 -27.79 -47.41 -13.94
CA ALA A 457 -27.19 -46.82 -15.15
C ALA A 457 -27.00 -47.93 -16.20
N GLY A 458 -28.12 -48.38 -16.74
CA GLY A 458 -28.16 -49.45 -17.71
C GLY A 458 -29.24 -49.21 -18.74
N SER A 459 -30.09 -50.21 -18.97
CA SER A 459 -31.23 -50.09 -19.87
C SER A 459 -32.38 -49.36 -19.18
N ALA A 460 -33.58 -49.44 -19.76
CA ALA A 460 -34.81 -48.77 -19.33
C ALA A 460 -34.61 -47.25 -19.26
N ASN A 461 -34.37 -46.69 -20.46
CA ASN A 461 -34.22 -45.25 -20.75
C ASN A 461 -32.99 -44.64 -20.09
N GLY A 462 -32.73 -43.37 -20.41
CA GLY A 462 -31.59 -42.68 -19.82
C GLY A 462 -31.85 -42.34 -18.36
N THR A 463 -30.77 -42.22 -17.60
CA THR A 463 -30.88 -41.91 -16.18
C THR A 463 -30.86 -40.39 -15.97
N GLN A 464 -31.34 -39.98 -14.81
CA GLN A 464 -31.41 -38.57 -14.45
C GLN A 464 -30.03 -38.05 -14.07
N TYR A 465 -29.73 -36.83 -14.50
CA TYR A 465 -28.45 -36.18 -14.22
C TYR A 465 -28.70 -34.92 -13.40
N GLY A 466 -28.04 -34.82 -12.26
CA GLY A 466 -28.08 -33.62 -11.44
C GLY A 466 -26.76 -32.88 -11.54
N THR A 467 -26.84 -31.57 -11.77
CA THR A 467 -25.69 -30.78 -12.19
C THR A 467 -25.37 -29.70 -11.17
N GLY A 468 -24.10 -29.66 -10.74
CA GLY A 468 -23.61 -28.64 -9.84
C GLY A 468 -22.45 -27.85 -10.43
N SER A 469 -21.84 -27.04 -9.57
CA SER A 469 -20.85 -26.05 -10.02
C SER A 469 -19.43 -26.59 -10.00
N GLN A 470 -18.97 -27.06 -8.85
CA GLN A 470 -17.59 -27.46 -8.62
C GLN A 470 -17.58 -28.73 -7.79
N PRO A 471 -16.49 -29.54 -7.78
CA PRO A 471 -16.42 -30.73 -6.88
C PRO A 471 -16.37 -30.27 -5.43
N LEU A 472 -17.33 -30.73 -4.62
CA LEU A 472 -17.33 -30.39 -3.17
C LEU A 472 -15.92 -30.59 -2.58
N PRO A 473 -15.21 -31.73 -2.78
CA PRO A 473 -13.80 -31.91 -2.31
C PRO A 473 -12.98 -30.64 -2.48
N VAL A 474 -12.92 -30.12 -3.72
CA VAL A 474 -12.12 -28.89 -4.00
C VAL A 474 -12.50 -27.80 -2.98
N THR A 475 -13.78 -27.43 -2.94
CA THR A 475 -14.26 -26.41 -2.01
C THR A 475 -13.71 -26.65 -0.60
N ILE A 476 -13.69 -27.91 -0.17
CA ILE A 476 -13.20 -28.25 1.17
C ILE A 476 -11.72 -27.92 1.31
N GLY A 477 -10.91 -28.30 0.32
CA GLY A 477 -9.49 -28.02 0.38
C GLY A 477 -9.10 -26.60 0.04
N LEU A 478 -10.01 -25.82 -0.54
CA LEU A 478 -9.69 -24.44 -0.87
C LEU A 478 -10.24 -23.44 0.15
N SER A 479 -11.21 -23.85 0.98
CA SER A 479 -11.77 -22.92 1.95
C SER A 479 -10.82 -22.65 3.11
N LEU A 480 -9.79 -23.50 3.27
CA LEU A 480 -8.82 -23.26 4.34
C LEU A 480 -7.76 -22.25 3.93
N ASN A 481 -7.13 -22.45 2.77
CA ASN A 481 -6.00 -21.64 2.34
C ASN A 481 -6.46 -20.45 1.50
N ASN A 482 -5.53 -19.53 1.26
CA ASN A 482 -5.74 -18.34 0.44
C ASN A 482 -4.91 -18.47 -0.83
N TYR A 483 -5.56 -18.24 -1.98
CA TYR A 483 -4.89 -18.43 -3.25
C TYR A 483 -4.86 -17.13 -4.05
N SER A 484 -4.60 -16.01 -3.37
CA SER A 484 -4.64 -14.71 -4.03
C SER A 484 -3.47 -14.48 -4.98
N SER A 485 -2.27 -14.94 -4.63
CA SER A 485 -1.11 -14.77 -5.48
C SER A 485 -0.68 -16.06 -6.17
N ALA A 486 -1.40 -17.16 -5.96
CA ALA A 486 -1.08 -18.41 -6.63
C ALA A 486 -1.43 -18.37 -8.11
N LEU A 487 -2.46 -17.63 -8.50
CA LEU A 487 -2.83 -17.47 -9.89
C LEU A 487 -2.98 -15.99 -10.19
N MET A 488 -2.16 -15.49 -11.12
CA MET A 488 -2.26 -14.11 -11.58
C MET A 488 -3.59 -13.93 -12.32
N PRO A 489 -4.27 -12.78 -12.16
CA PRO A 489 -5.54 -12.57 -12.88
C PRO A 489 -5.35 -12.53 -14.38
N GLY A 490 -6.35 -13.05 -15.09
CA GLY A 490 -6.29 -13.19 -16.53
C GLY A 490 -5.89 -14.57 -17.02
N GLN A 491 -5.59 -15.50 -16.11
CA GLN A 491 -5.19 -16.85 -16.48
C GLN A 491 -6.12 -17.87 -15.83
N PHE A 492 -5.95 -19.12 -16.23
CA PHE A 492 -6.60 -20.26 -15.59
C PHE A 492 -5.52 -21.20 -15.06
N PHE A 493 -5.85 -21.94 -14.00
CA PHE A 493 -5.03 -23.07 -13.63
C PHE A 493 -5.54 -24.31 -14.35
N VAL A 494 -4.63 -24.99 -15.05
CA VAL A 494 -4.96 -25.92 -16.12
C VAL A 494 -4.55 -27.33 -15.71
N TRP A 495 -5.42 -28.30 -15.98
CA TRP A 495 -5.11 -29.72 -15.87
C TRP A 495 -5.31 -30.40 -17.22
N GLN A 496 -4.73 -31.58 -17.36
CA GLN A 496 -4.78 -32.36 -18.59
C GLN A 496 -5.33 -33.75 -18.26
N LEU A 497 -6.54 -34.02 -18.73
CA LEU A 497 -7.21 -35.31 -18.46
C LEU A 497 -6.87 -36.32 -19.53
N THR A 498 -6.36 -37.48 -19.12
CA THR A 498 -5.94 -38.54 -20.04
C THR A 498 -7.01 -39.63 -20.06
N PHE A 499 -7.60 -39.87 -21.23
CA PHE A 499 -8.54 -40.97 -21.41
C PHE A 499 -7.81 -42.15 -22.04
N ALA A 500 -8.56 -43.20 -22.39
CA ALA A 500 -7.96 -44.37 -23.02
C ALA A 500 -7.65 -44.16 -24.50
N SER A 501 -8.50 -43.43 -25.22
CA SER A 501 -8.32 -43.21 -26.66
C SER A 501 -8.48 -41.73 -27.00
N GLY A 502 -7.95 -40.87 -26.14
CA GLY A 502 -8.03 -39.44 -26.36
C GLY A 502 -7.53 -38.70 -25.14
N PHE A 503 -7.52 -37.37 -25.25
CA PHE A 503 -7.12 -36.54 -24.12
C PHE A 503 -7.81 -35.19 -24.24
N MET A 504 -7.89 -34.51 -23.11
CA MET A 504 -8.65 -33.29 -22.96
C MET A 504 -7.91 -32.35 -22.03
N GLU A 505 -8.42 -31.12 -21.93
CA GLU A 505 -7.79 -30.08 -21.13
C GLU A 505 -8.88 -29.27 -20.43
N ILE A 506 -8.67 -28.97 -19.15
CA ILE A 506 -9.68 -28.34 -18.31
C ILE A 506 -9.05 -27.11 -17.65
N GLY A 507 -9.86 -26.09 -17.39
CA GLY A 507 -9.40 -24.87 -16.77
C GLY A 507 -10.11 -24.56 -15.46
N LEU A 508 -9.52 -23.65 -14.70
CA LEU A 508 -10.13 -23.13 -13.47
C LEU A 508 -9.77 -21.67 -13.35
N SER A 509 -10.78 -20.81 -13.42
CA SER A 509 -10.56 -19.36 -13.39
C SER A 509 -10.28 -18.91 -11.95
N VAL A 510 -9.95 -17.62 -11.79
CA VAL A 510 -9.75 -17.03 -10.47
C VAL A 510 -11.05 -16.83 -9.73
N ASP A 511 -12.20 -16.98 -10.41
CA ASP A 511 -13.50 -16.70 -9.85
C ASP A 511 -14.25 -17.96 -9.42
N GLY A 512 -13.64 -19.13 -9.55
CA GLY A 512 -14.21 -20.37 -9.06
C GLY A 512 -14.90 -21.23 -10.09
N TYR A 513 -14.82 -20.88 -11.37
CA TYR A 513 -15.52 -21.63 -12.41
C TYR A 513 -14.56 -22.54 -13.18
N PHE A 514 -15.14 -23.46 -13.95
CA PHE A 514 -14.38 -24.42 -14.72
C PHE A 514 -14.77 -24.32 -16.20
N TYR A 515 -13.77 -24.44 -17.08
CA TYR A 515 -13.95 -24.22 -18.50
C TYR A 515 -13.35 -25.38 -19.30
N ALA A 516 -13.78 -25.50 -20.54
CA ALA A 516 -13.17 -26.40 -21.51
C ALA A 516 -13.39 -25.86 -22.91
N GLY A 517 -12.47 -26.15 -23.81
CA GLY A 517 -12.54 -25.63 -25.17
C GLY A 517 -13.37 -26.47 -26.13
N THR A 518 -14.59 -26.82 -25.72
CA THR A 518 -15.45 -27.64 -26.56
C THR A 518 -16.14 -26.82 -27.65
N GLY A 519 -16.23 -25.51 -27.47
CA GLY A 519 -16.91 -24.66 -28.44
C GLY A 519 -18.40 -24.61 -28.17
N ALA A 520 -19.19 -24.53 -29.24
CA ALA A 520 -20.65 -24.48 -29.12
C ALA A 520 -21.24 -25.88 -29.34
N SER A 521 -21.04 -26.73 -28.34
CA SER A 521 -21.54 -28.09 -28.36
C SER A 521 -22.23 -28.40 -27.05
N THR A 522 -23.26 -29.25 -27.12
CA THR A 522 -24.06 -29.64 -25.97
C THR A 522 -24.10 -31.16 -25.81
N THR A 523 -22.95 -31.81 -25.89
CA THR A 523 -22.84 -33.26 -25.76
C THR A 523 -22.10 -33.58 -24.47
N LEU A 524 -22.63 -34.56 -23.73
CA LEU A 524 -22.03 -34.97 -22.47
C LEU A 524 -20.74 -35.74 -22.72
N ILE A 525 -19.77 -35.59 -21.82
CA ILE A 525 -18.51 -36.31 -21.87
C ILE A 525 -18.45 -37.22 -20.66
N ASP A 526 -18.27 -38.52 -20.91
CA ASP A 526 -18.36 -39.54 -19.87
C ASP A 526 -16.98 -39.79 -19.30
N LEU A 527 -16.87 -39.79 -17.97
CA LEU A 527 -15.62 -40.09 -17.27
C LEU A 527 -15.56 -41.56 -16.87
N THR A 528 -15.65 -42.43 -17.89
CA THR A 528 -15.58 -43.87 -17.66
C THR A 528 -14.19 -44.41 -17.98
N GLU A 529 -13.65 -44.08 -19.15
CA GLU A 529 -12.32 -44.51 -19.56
C GLU A 529 -11.24 -43.52 -19.13
N LEU A 530 -11.56 -42.60 -18.23
CA LEU A 530 -10.56 -41.70 -17.67
C LEU A 530 -9.57 -42.47 -16.80
N ILE A 531 -8.29 -42.19 -16.97
CA ILE A 531 -7.24 -42.93 -16.29
C ILE A 531 -6.60 -42.08 -15.20
N ASP A 532 -6.10 -40.90 -15.57
CA ASP A 532 -5.37 -40.07 -14.63
C ASP A 532 -5.43 -38.61 -15.06
N VAL A 533 -5.13 -37.72 -14.11
CA VAL A 533 -5.01 -36.30 -14.35
C VAL A 533 -3.58 -35.88 -14.07
N ARG A 534 -3.21 -34.71 -14.59
CA ARG A 534 -1.86 -34.19 -14.39
C ARG A 534 -1.88 -32.66 -14.47
N PRO A 535 -1.30 -31.96 -13.50
CA PRO A 535 -1.30 -30.50 -13.54
C PRO A 535 -0.37 -29.95 -14.61
N VAL A 536 -0.78 -28.83 -15.20
CA VAL A 536 0.01 -28.15 -16.22
C VAL A 536 0.57 -26.85 -15.65
N GLY A 537 -0.31 -25.98 -15.18
CA GLY A 537 0.10 -24.73 -14.58
C GLY A 537 -0.79 -23.58 -14.99
N PRO A 538 -0.40 -22.35 -14.66
CA PRO A 538 -1.16 -21.18 -15.12
C PRO A 538 -0.86 -20.86 -16.58
N ARG A 539 -1.94 -20.77 -17.37
CA ARG A 539 -1.84 -20.57 -18.81
C ARG A 539 -2.79 -19.44 -19.19
N PRO A 540 -2.47 -18.63 -20.20
CA PRO A 540 -3.34 -17.51 -20.57
C PRO A 540 -4.65 -17.98 -21.19
N SER A 541 -5.69 -17.16 -20.99
CA SER A 541 -7.04 -17.50 -21.43
C SER A 541 -7.24 -17.37 -22.93
N LYS A 542 -6.34 -16.67 -23.63
CA LYS A 542 -6.46 -16.56 -25.08
C LYS A 542 -6.15 -17.87 -25.79
N SER A 543 -5.34 -18.73 -25.19
CA SER A 543 -5.03 -20.02 -25.77
C SER A 543 -6.21 -20.97 -25.62
N THR A 544 -6.58 -21.63 -26.72
CA THR A 544 -7.68 -22.59 -26.70
C THR A 544 -7.22 -23.90 -26.06
N LEU A 545 -8.02 -24.40 -25.12
CA LEU A 545 -7.75 -25.70 -24.54
C LEU A 545 -8.06 -26.81 -25.53
N VAL A 546 -7.26 -27.88 -25.50
CA VAL A 546 -7.33 -28.91 -26.52
C VAL A 546 -8.55 -29.79 -26.30
N PHE A 547 -9.05 -30.36 -27.39
CA PHE A 547 -10.25 -31.20 -27.38
C PHE A 547 -10.06 -32.40 -28.32
N ASN A 548 -8.92 -33.06 -28.21
CA ASN A 548 -8.60 -34.20 -29.07
C ASN A 548 -9.18 -35.47 -28.45
N LEU A 549 -10.50 -35.63 -28.59
CA LEU A 549 -11.21 -36.75 -28.01
C LEU A 549 -11.36 -37.88 -29.01
N GLY A 550 -11.78 -39.04 -28.51
CA GLY A 550 -11.95 -40.24 -29.32
C GLY A 550 -13.28 -40.28 -30.04
N GLY A 551 -13.43 -39.48 -31.10
CA GLY A 551 -14.65 -39.45 -31.87
C GLY A 551 -14.52 -38.66 -33.16
N SER B 1 56.36 27.25 -20.30
CA SER B 1 55.08 26.89 -19.68
C SER B 1 54.07 28.02 -19.80
N VAL B 2 52.79 27.68 -19.71
CA VAL B 2 51.73 28.68 -19.79
C VAL B 2 51.73 29.52 -18.51
N PRO B 3 51.57 30.84 -18.59
CA PRO B 3 51.75 31.68 -17.39
C PRO B 3 50.49 31.85 -16.54
N GLY B 4 49.74 30.78 -16.30
CA GLY B 4 48.63 30.80 -15.38
C GLY B 4 47.35 31.45 -15.88
N THR B 5 47.42 32.35 -16.86
CA THR B 5 46.25 33.06 -17.36
C THR B 5 45.60 32.39 -18.56
N THR B 6 46.21 31.32 -19.07
CA THR B 6 45.63 30.49 -20.12
C THR B 6 45.69 29.03 -19.66
N THR B 7 44.61 28.29 -19.89
CA THR B 7 44.50 26.93 -19.38
C THR B 7 44.11 25.97 -20.51
N ASP B 8 44.71 24.78 -20.46
CA ASP B 8 44.49 23.75 -21.46
C ASP B 8 43.25 22.92 -21.10
N GLY B 9 42.73 22.20 -22.09
CA GLY B 9 41.56 21.36 -21.88
C GLY B 9 41.79 20.11 -21.05
N MET B 10 43.05 19.68 -20.91
CA MET B 10 43.40 18.54 -20.08
C MET B 10 44.09 18.96 -18.78
N ASP B 11 44.00 20.23 -18.41
CA ASP B 11 44.69 20.74 -17.23
C ASP B 11 43.73 20.88 -16.06
N PRO B 12 43.90 20.13 -14.97
CA PRO B 12 42.97 20.26 -13.84
C PRO B 12 43.22 21.49 -12.98
N GLY B 13 44.46 21.92 -12.85
CA GLY B 13 44.80 23.01 -11.96
C GLY B 13 45.38 22.48 -10.67
N VAL B 14 44.87 22.96 -9.54
CA VAL B 14 45.24 22.44 -8.24
C VAL B 14 44.30 21.27 -7.91
N VAL B 15 44.75 20.40 -7.01
CA VAL B 15 43.98 19.21 -6.64
C VAL B 15 43.60 19.33 -5.17
N ALA B 16 42.32 19.21 -4.88
CA ALA B 16 41.79 19.31 -3.52
C ALA B 16 41.07 18.03 -3.15
N THR B 17 41.63 17.28 -2.21
CA THR B 17 41.04 16.05 -1.70
C THR B 17 40.65 16.26 -0.25
N THR B 18 39.40 15.95 0.10
CA THR B 18 38.98 16.26 1.46
C THR B 18 39.35 15.16 2.46
N SER B 19 38.63 14.04 2.47
CA SER B 19 39.06 12.87 3.23
C SER B 19 38.57 11.55 2.63
N VAL B 20 37.82 11.57 1.53
CA VAL B 20 37.10 10.38 1.08
C VAL B 20 37.77 9.69 -0.10
N VAL B 21 38.79 10.30 -0.70
CA VAL B 21 39.54 9.68 -1.78
C VAL B 21 40.62 8.81 -1.14
N THR B 22 40.40 7.49 -1.12
CA THR B 22 41.33 6.54 -0.53
C THR B 22 41.64 5.45 -1.55
N ALA B 23 42.70 4.69 -1.25
CA ALA B 23 43.09 3.62 -2.15
C ALA B 23 42.19 2.40 -2.01
N GLU B 24 41.72 2.12 -0.79
CA GLU B 24 40.88 0.97 -0.56
C GLU B 24 39.49 1.15 -1.17
N ASN B 25 39.00 2.39 -1.25
CA ASN B 25 37.73 2.66 -1.94
C ASN B 25 37.82 2.31 -3.43
N SER B 26 38.91 2.71 -4.09
CA SER B 26 39.08 2.40 -5.50
C SER B 26 39.31 0.91 -5.72
N SER B 27 40.08 0.27 -4.84
CA SER B 27 40.34 -1.16 -4.99
C SER B 27 39.09 -1.99 -4.74
N ALA B 28 38.24 -1.56 -3.81
CA ALA B 28 36.97 -2.25 -3.59
C ALA B 28 35.95 -1.91 -4.68
N SER B 29 36.06 -0.74 -5.30
CA SER B 29 35.12 -0.37 -6.35
C SER B 29 35.41 -1.12 -7.65
N VAL B 30 36.69 -1.31 -7.97
CA VAL B 30 37.05 -2.00 -9.21
C VAL B 30 36.73 -3.49 -9.12
N ALA B 31 37.09 -4.12 -8.00
CA ALA B 31 37.01 -5.57 -7.88
C ALA B 31 35.58 -6.07 -7.75
N THR B 32 34.70 -5.28 -7.12
CA THR B 32 33.33 -5.72 -6.87
C THR B 32 32.43 -5.49 -8.07
N ALA B 33 32.71 -4.47 -8.88
CA ALA B 33 31.90 -4.14 -10.05
C ALA B 33 32.09 -5.09 -11.23
N GLY B 34 32.90 -6.14 -11.08
CA GLY B 34 33.06 -7.16 -12.09
C GLY B 34 31.96 -8.20 -12.13
N ILE B 35 30.93 -8.05 -11.30
CA ILE B 35 29.77 -8.92 -11.34
C ILE B 35 28.91 -8.65 -12.57
N GLY B 36 29.05 -7.49 -13.19
CA GLY B 36 28.32 -7.18 -14.41
C GLY B 36 28.96 -7.68 -15.68
N GLY B 37 30.11 -8.35 -15.58
CA GLY B 37 30.85 -8.78 -16.73
C GLY B 37 32.12 -7.97 -16.90
N PRO B 38 32.77 -8.10 -18.05
CA PRO B 38 33.93 -7.26 -18.33
C PRO B 38 33.50 -5.81 -18.52
N PRO B 39 34.34 -4.86 -18.12
CA PRO B 39 33.96 -3.45 -18.27
C PRO B 39 34.02 -2.98 -19.72
N GLN B 40 33.17 -1.99 -20.02
CA GLN B 40 33.07 -1.43 -21.36
C GLN B 40 33.39 0.06 -21.32
N GLN B 41 33.79 0.59 -22.47
CA GLN B 41 34.20 1.98 -22.67
C GLN B 41 35.36 2.36 -21.76
N VAL B 42 36.30 1.44 -21.56
CA VAL B 42 37.45 1.65 -20.68
C VAL B 42 38.68 1.68 -21.57
N ASP B 43 39.14 2.88 -21.90
CA ASP B 43 40.32 3.06 -22.73
C ASP B 43 40.84 4.46 -22.40
N GLN B 44 42.00 4.55 -21.76
CA GLN B 44 42.47 5.83 -21.24
C GLN B 44 43.34 6.57 -22.26
N GLN B 45 42.85 6.62 -23.50
CA GLN B 45 43.43 7.43 -24.56
C GLN B 45 42.37 8.16 -25.37
N GLU B 46 41.09 7.86 -25.16
CA GLU B 46 40.02 8.44 -25.95
C GLU B 46 39.81 9.89 -25.58
N THR B 47 39.34 10.67 -26.57
CA THR B 47 39.19 12.11 -26.40
C THR B 47 38.03 12.45 -25.47
N TRP B 48 36.97 11.63 -25.44
CA TRP B 48 35.79 11.91 -24.63
C TRP B 48 36.06 11.80 -23.14
N ARG B 49 37.12 11.10 -22.71
CA ARG B 49 37.38 10.94 -21.29
C ARG B 49 38.75 11.49 -20.86
N THR B 50 39.43 12.26 -21.71
CA THR B 50 40.65 12.95 -21.31
C THR B 50 40.47 14.44 -21.13
N ASN B 51 39.45 15.04 -21.73
CA ASN B 51 39.22 16.48 -21.67
C ASN B 51 38.07 16.80 -20.72
N PHE B 52 38.09 18.03 -20.21
CA PHE B 52 36.97 18.58 -19.45
C PHE B 52 35.98 19.21 -20.41
N TYR B 53 34.69 18.99 -20.16
CA TYR B 53 33.63 19.50 -21.01
C TYR B 53 32.58 20.19 -20.16
N TYR B 54 31.81 21.07 -20.81
CA TYR B 54 30.96 22.01 -20.09
C TYR B 54 29.76 21.31 -19.46
N ASN B 55 29.50 21.64 -18.20
CA ASN B 55 28.34 21.10 -17.49
C ASN B 55 27.40 22.20 -17.02
N ASP B 56 27.90 23.24 -16.33
CA ASP B 56 26.98 24.17 -15.67
C ASP B 56 27.65 25.50 -15.41
N VAL B 57 26.85 26.46 -14.94
CA VAL B 57 27.30 27.78 -14.53
C VAL B 57 26.33 28.28 -13.44
N PHE B 58 26.85 29.11 -12.54
CA PHE B 58 26.02 29.71 -11.50
C PHE B 58 26.63 31.04 -11.06
N THR B 59 25.84 31.83 -10.34
CA THR B 59 26.20 33.18 -9.96
C THR B 59 26.30 33.31 -8.45
N TRP B 60 27.23 34.17 -8.01
CA TRP B 60 27.52 34.40 -6.60
C TRP B 60 27.31 35.88 -6.31
N SER B 61 26.32 36.19 -5.49
CA SER B 61 25.92 37.56 -5.19
C SER B 61 26.50 38.03 -3.87
N VAL B 62 26.54 39.36 -3.71
CA VAL B 62 26.99 39.98 -2.46
C VAL B 62 26.03 39.66 -1.32
N ALA B 63 24.73 39.61 -1.62
CA ALA B 63 23.68 39.43 -0.61
C ALA B 63 23.42 37.96 -0.26
N ASP B 64 24.38 37.07 -0.42
CA ASP B 64 24.22 35.67 -0.09
C ASP B 64 24.80 35.40 1.29
N ALA B 65 23.94 34.99 2.23
CA ALA B 65 24.34 34.74 3.60
C ALA B 65 25.20 33.48 3.69
N PRO B 66 26.08 33.38 4.70
CA PRO B 66 26.89 32.16 4.85
C PRO B 66 26.03 30.95 5.23
N GLY B 67 26.29 29.84 4.53
CA GLY B 67 25.51 28.63 4.70
C GLY B 67 24.45 28.41 3.64
N SER B 68 24.39 29.23 2.60
CA SER B 68 23.41 29.07 1.55
C SER B 68 24.04 28.34 0.36
N ILE B 69 23.32 27.35 -0.15
CA ILE B 69 23.85 26.47 -1.18
C ILE B 69 23.72 27.13 -2.55
N LEU B 70 24.81 27.11 -3.32
CA LEU B 70 24.86 27.64 -4.67
C LEU B 70 24.84 26.57 -5.75
N TYR B 71 25.25 25.33 -5.43
CA TYR B 71 25.36 24.28 -6.42
C TYR B 71 25.30 22.92 -5.74
N THR B 72 24.43 22.04 -6.24
CA THR B 72 24.32 20.66 -5.76
C THR B 72 24.00 19.72 -6.91
N VAL B 73 24.65 18.55 -6.89
CA VAL B 73 24.36 17.47 -7.83
C VAL B 73 24.45 16.14 -7.09
N GLN B 74 23.55 15.23 -7.44
CA GLN B 74 23.72 13.84 -7.05
C GLN B 74 24.70 13.15 -7.98
N HIS B 75 25.23 12.01 -7.52
CA HIS B 75 26.17 11.24 -8.33
C HIS B 75 25.40 10.50 -9.43
N SER B 76 25.71 10.82 -10.68
CA SER B 76 24.93 10.36 -11.81
C SER B 76 25.77 10.44 -13.07
N PRO B 77 25.46 9.64 -14.09
CA PRO B 77 26.09 9.85 -15.42
C PRO B 77 25.51 11.02 -16.19
N GLN B 78 24.56 11.77 -15.64
CA GLN B 78 24.00 12.93 -16.33
C GLN B 78 24.83 14.19 -16.13
N ASN B 79 25.90 14.13 -15.34
CA ASN B 79 26.70 15.32 -15.05
C ASN B 79 27.78 15.57 -16.09
N ASN B 80 27.95 14.68 -17.06
CA ASN B 80 28.86 14.86 -18.19
C ASN B 80 28.06 14.60 -19.45
N PRO B 81 28.29 15.36 -20.54
CA PRO B 81 27.48 15.16 -21.75
C PRO B 81 27.74 13.84 -22.46
N PHE B 82 28.98 13.36 -22.47
CA PHE B 82 29.28 12.15 -23.24
C PHE B 82 28.92 10.88 -22.50
N THR B 83 29.03 10.88 -21.16
CA THR B 83 28.48 9.75 -20.40
C THR B 83 26.96 9.75 -20.42
N ALA B 84 26.33 10.93 -20.54
CA ALA B 84 24.89 10.98 -20.72
C ALA B 84 24.49 10.47 -22.11
N VAL B 85 25.32 10.68 -23.12
CA VAL B 85 25.06 10.08 -24.43
C VAL B 85 25.24 8.57 -24.37
N LEU B 86 26.30 8.10 -23.69
CA LEU B 86 26.60 6.67 -23.65
C LEU B 86 25.70 5.88 -22.70
N SER B 87 25.02 6.54 -21.77
CA SER B 87 24.19 5.83 -20.81
C SER B 87 22.86 5.34 -21.39
N GLN B 88 22.46 5.81 -22.57
CA GLN B 88 21.27 5.31 -23.23
C GLN B 88 21.48 3.93 -23.83
N MET B 89 22.73 3.50 -23.98
CA MET B 89 23.07 2.23 -24.59
C MET B 89 23.88 1.36 -23.62
N TYR B 90 23.67 1.57 -22.32
CA TYR B 90 24.20 0.70 -21.27
C TYR B 90 23.22 0.69 -20.10
N ALA B 91 23.33 -0.36 -19.26
CA ALA B 91 22.37 -0.64 -18.19
C ALA B 91 23.13 -0.90 -16.88
N GLY B 92 24.12 -0.07 -16.58
CA GLY B 92 24.86 -0.19 -15.36
C GLY B 92 26.15 0.61 -15.35
N TRP B 93 26.54 1.13 -14.19
CA TRP B 93 27.72 1.96 -14.10
C TRP B 93 28.29 1.90 -12.70
N ALA B 94 29.57 2.27 -12.58
CA ALA B 94 30.28 2.38 -11.31
C ALA B 94 31.48 3.28 -11.52
N GLY B 95 31.98 3.87 -10.44
CA GLY B 95 33.14 4.74 -10.49
C GLY B 95 32.80 6.17 -10.13
N GLY B 96 33.81 7.02 -10.13
CA GLY B 96 33.70 8.40 -9.71
C GLY B 96 33.87 9.41 -10.83
N MET B 97 33.91 10.68 -10.44
CA MET B 97 33.95 11.77 -11.39
C MET B 97 34.70 12.96 -10.79
N GLN B 98 35.18 13.84 -11.66
CA GLN B 98 35.94 15.02 -11.30
C GLN B 98 35.21 16.28 -11.73
N PHE B 99 35.30 17.32 -10.90
CA PHE B 99 34.58 18.58 -11.10
C PHE B 99 35.57 19.73 -11.06
N ARG B 100 35.67 20.48 -12.16
CA ARG B 100 36.60 21.59 -12.28
C ARG B 100 35.85 22.91 -12.16
N PHE B 101 36.33 23.82 -11.32
CA PHE B 101 35.69 25.09 -11.08
C PHE B 101 36.61 26.23 -11.49
N ILE B 102 36.08 27.18 -12.27
CA ILE B 102 36.81 28.37 -12.67
C ILE B 102 36.01 29.58 -12.22
N VAL B 103 36.61 30.38 -11.34
CA VAL B 103 35.98 31.59 -10.84
C VAL B 103 36.36 32.76 -11.74
N ALA B 104 35.35 33.46 -12.27
CA ALA B 104 35.58 34.61 -13.14
C ALA B 104 35.47 35.90 -12.33
N GLY B 105 36.53 36.15 -11.55
CA GLY B 105 36.60 37.32 -10.71
C GLY B 105 37.92 38.06 -10.90
N SER B 106 38.10 39.08 -10.07
CA SER B 106 39.29 39.91 -10.09
C SER B 106 39.98 39.84 -8.73
N GLY B 107 41.18 40.41 -8.64
CA GLY B 107 41.96 40.41 -7.43
C GLY B 107 41.60 41.48 -6.42
N VAL B 108 40.50 42.21 -6.64
CA VAL B 108 40.06 43.25 -5.73
C VAL B 108 38.92 42.77 -4.83
N PHE B 109 38.29 41.64 -5.14
CA PHE B 109 37.16 41.14 -4.38
C PHE B 109 37.63 40.40 -3.14
N GLY B 110 36.67 40.03 -2.29
CA GLY B 110 36.92 39.17 -1.16
C GLY B 110 35.79 38.19 -0.97
N GLY B 111 36.06 37.16 -0.18
CA GLY B 111 35.07 36.13 0.09
C GLY B 111 35.55 34.73 -0.21
N ARG B 112 34.94 33.73 0.44
CA ARG B 112 35.34 32.33 0.28
C ARG B 112 34.11 31.46 0.06
N LEU B 113 34.35 30.31 -0.57
CA LEU B 113 33.37 29.25 -0.76
C LEU B 113 33.86 27.99 -0.07
N VAL B 114 32.99 26.98 0.01
CA VAL B 114 33.30 25.73 0.71
C VAL B 114 32.59 24.58 0.00
N ALA B 115 33.30 23.45 -0.15
CA ALA B 115 32.77 22.28 -0.84
C ALA B 115 32.99 21.03 0.00
N ALA B 116 32.02 20.13 -0.02
CA ALA B 116 32.10 18.89 0.74
C ALA B 116 31.34 17.78 0.01
N VAL B 117 31.68 16.53 0.37
CA VAL B 117 31.00 15.34 -0.15
C VAL B 117 30.24 14.69 1.00
N ILE B 118 28.96 14.43 0.78
CA ILE B 118 28.05 13.93 1.81
C ILE B 118 27.87 12.43 1.63
N PRO B 119 27.85 11.64 2.72
CA PRO B 119 27.61 10.19 2.62
C PRO B 119 26.20 9.88 2.12
N PRO B 120 25.98 8.68 1.56
CA PRO B 120 24.69 8.37 0.91
C PRO B 120 23.45 8.42 1.81
N GLY B 121 23.56 8.07 3.08
CA GLY B 121 22.37 7.97 3.89
C GLY B 121 21.85 9.27 4.50
N ILE B 122 22.59 10.36 4.36
CA ILE B 122 22.24 11.62 5.00
C ILE B 122 21.25 12.38 4.14
N GLU B 123 20.19 12.90 4.76
CA GLU B 123 19.19 13.69 4.05
C GLU B 123 19.74 15.09 3.77
N ILE B 124 19.57 15.54 2.53
CA ILE B 124 20.04 16.86 2.11
C ILE B 124 18.88 17.84 2.31
N GLY B 125 18.94 18.63 3.38
CA GLY B 125 17.85 19.52 3.70
C GLY B 125 18.27 20.78 4.42
N PRO B 126 17.36 21.35 5.21
CA PRO B 126 17.67 22.63 5.89
C PRO B 126 18.62 22.48 7.06
N GLY B 127 18.55 21.37 7.79
CA GLY B 127 19.40 21.13 8.94
C GLY B 127 20.74 20.54 8.63
N LEU B 128 21.16 20.54 7.37
CA LEU B 128 22.46 20.00 6.99
C LEU B 128 23.52 21.09 7.14
N GLU B 129 24.55 20.79 7.93
CA GLU B 129 25.66 21.72 8.16
C GLU B 129 26.88 21.12 7.47
N VAL B 130 27.28 21.73 6.35
CA VAL B 130 28.35 21.15 5.54
C VAL B 130 29.73 21.59 6.02
N ARG B 131 29.81 22.55 6.93
CA ARG B 131 31.08 22.96 7.52
C ARG B 131 31.49 22.09 8.69
N GLN B 132 30.66 21.12 9.08
CA GLN B 132 31.01 20.11 10.06
C GLN B 132 31.25 18.75 9.42
N PHE B 133 31.50 18.73 8.12
CA PHE B 133 32.01 17.63 7.33
C PHE B 133 33.44 17.97 6.89
N PRO B 134 34.25 16.99 6.50
CA PRO B 134 35.55 17.31 5.90
C PRO B 134 35.39 18.08 4.58
N HIS B 135 35.98 19.27 4.53
CA HIS B 135 35.69 20.23 3.48
C HIS B 135 36.97 20.89 3.01
N VAL B 136 36.82 21.83 2.07
CA VAL B 136 37.92 22.57 1.45
C VAL B 136 37.42 23.96 1.09
N VAL B 137 38.24 24.98 1.34
CA VAL B 137 37.84 26.38 1.21
C VAL B 137 38.56 27.00 0.01
N ILE B 138 37.81 27.70 -0.83
CA ILE B 138 38.31 28.29 -2.08
C ILE B 138 38.14 29.79 -2.03
N ASP B 139 39.22 30.54 -2.27
CA ASP B 139 39.17 31.99 -2.31
C ASP B 139 38.54 32.50 -3.60
N ALA B 140 37.99 33.72 -3.54
CA ALA B 140 37.40 34.36 -4.71
C ALA B 140 38.40 35.02 -5.63
N ARG B 141 39.68 35.08 -5.24
CA ARG B 141 40.73 35.68 -6.04
C ARG B 141 41.57 34.65 -6.79
N SER B 142 41.10 33.41 -6.86
CA SER B 142 41.89 32.36 -7.49
C SER B 142 41.88 32.50 -9.00
N LEU B 143 43.04 32.28 -9.61
CA LEU B 143 43.24 32.39 -11.04
C LEU B 143 43.23 31.03 -11.75
N GLU B 144 43.93 30.05 -11.19
CA GLU B 144 43.91 28.70 -11.73
C GLU B 144 42.66 27.95 -11.30
N PRO B 145 42.23 26.94 -12.06
CA PRO B 145 41.08 26.14 -11.66
C PRO B 145 41.39 25.23 -10.47
N VAL B 146 40.33 24.82 -9.79
CA VAL B 146 40.38 23.92 -8.64
C VAL B 146 39.51 22.70 -8.95
N THR B 147 40.07 21.51 -8.78
CA THR B 147 39.40 20.26 -9.11
C THR B 147 39.09 19.47 -7.84
N ILE B 148 37.85 19.04 -7.71
CA ILE B 148 37.37 18.24 -6.58
C ILE B 148 36.89 16.91 -7.14
N THR B 149 37.34 15.79 -6.57
CA THR B 149 36.95 14.46 -7.01
C THR B 149 35.93 13.87 -6.05
N MET B 150 34.78 13.44 -6.59
CA MET B 150 33.78 12.72 -5.81
C MET B 150 33.91 11.24 -6.09
N PRO B 151 34.15 10.40 -5.10
CA PRO B 151 34.25 8.96 -5.33
C PRO B 151 32.87 8.30 -5.28
N ASP B 152 32.84 7.01 -5.60
CA ASP B 152 31.62 6.20 -5.53
C ASP B 152 31.64 5.42 -4.23
N LEU B 153 30.81 5.85 -3.27
CA LEU B 153 30.59 5.13 -2.03
C LEU B 153 29.17 4.58 -2.09
N ARG B 154 29.06 3.25 -2.15
CA ARG B 154 27.78 2.61 -2.37
C ARG B 154 27.68 1.33 -1.55
N PRO B 155 26.49 0.98 -1.08
CA PRO B 155 26.29 -0.32 -0.40
C PRO B 155 26.01 -1.49 -1.33
N ASN B 156 25.80 -1.25 -2.62
CA ASN B 156 25.54 -2.29 -3.60
C ASN B 156 26.74 -2.46 -4.52
N MET B 157 26.73 -3.54 -5.29
CA MET B 157 27.89 -3.86 -6.13
C MET B 157 28.02 -2.94 -7.34
N TYR B 158 26.91 -2.52 -7.91
CA TYR B 158 26.94 -1.58 -9.03
C TYR B 158 25.67 -0.76 -9.00
N HIS B 159 25.59 0.20 -9.92
CA HIS B 159 24.41 1.05 -10.02
C HIS B 159 23.66 0.67 -11.28
N PRO B 160 22.51 -0.01 -11.20
CA PRO B 160 21.62 -0.11 -12.35
C PRO B 160 21.14 1.28 -12.78
N THR B 161 20.96 1.43 -14.10
CA THR B 161 20.54 2.72 -14.65
C THR B 161 19.09 3.03 -14.27
N GLY B 162 18.25 2.00 -14.13
CA GLY B 162 16.89 2.23 -13.71
C GLY B 162 16.72 2.26 -12.20
N ASP B 163 17.73 1.81 -11.46
CA ASP B 163 17.73 1.78 -9.99
C ASP B 163 19.13 1.88 -9.43
N PRO B 164 19.68 3.10 -9.30
CA PRO B 164 21.03 3.22 -8.75
C PRO B 164 21.08 2.90 -7.26
N GLY B 165 20.11 3.37 -6.49
CA GLY B 165 20.13 3.16 -5.06
C GLY B 165 20.59 4.38 -4.30
N LEU B 166 21.55 4.20 -3.38
CA LEU B 166 22.06 5.29 -2.57
C LEU B 166 23.33 5.86 -3.18
N VAL B 167 23.39 7.17 -3.30
CA VAL B 167 24.53 7.85 -3.93
C VAL B 167 24.99 8.99 -3.02
N PRO B 168 26.25 9.38 -3.12
CA PRO B 168 26.71 10.60 -2.45
C PRO B 168 26.27 11.86 -3.19
N THR B 169 26.51 13.00 -2.55
CA THR B 169 26.06 14.30 -3.04
C THR B 169 27.17 15.32 -2.85
N LEU B 170 27.40 16.16 -3.85
CA LEU B 170 28.38 17.24 -3.77
C LEU B 170 27.65 18.56 -3.51
N VAL B 171 28.03 19.24 -2.43
CA VAL B 171 27.39 20.48 -2.00
C VAL B 171 28.45 21.58 -2.00
N LEU B 172 28.12 22.74 -2.57
CA LEU B 172 28.99 23.90 -2.57
C LEU B 172 28.19 25.09 -2.05
N SER B 173 28.67 25.68 -0.95
CA SER B 173 27.95 26.77 -0.30
C SER B 173 28.87 27.95 0.02
N VAL B 174 28.32 28.99 0.65
CA VAL B 174 29.06 30.21 0.96
C VAL B 174 29.78 30.04 2.29
N TYR B 175 31.08 30.32 2.30
CA TYR B 175 31.88 30.35 3.52
C TYR B 175 31.84 31.73 4.16
N ASN B 176 32.26 32.76 3.42
CA ASN B 176 32.20 34.15 3.84
C ASN B 176 31.64 34.98 2.69
N ASN B 177 31.08 36.14 3.04
CA ASN B 177 30.34 36.96 2.09
C ASN B 177 31.25 37.57 1.03
N LEU B 178 30.67 37.77 -0.17
CA LEU B 178 31.37 38.46 -1.25
C LEU B 178 31.43 39.95 -0.95
N ILE B 179 32.61 40.54 -1.13
CA ILE B 179 32.86 41.94 -0.81
C ILE B 179 33.41 42.64 -2.05
N ASN B 180 32.76 43.73 -2.45
CA ASN B 180 33.32 44.64 -3.45
C ASN B 180 33.66 45.96 -2.76
N PRO B 181 34.93 46.35 -2.68
CA PRO B 181 35.29 47.54 -1.90
C PRO B 181 34.83 48.86 -2.52
N PHE B 182 34.63 48.92 -3.82
CA PHE B 182 34.14 50.14 -4.46
C PHE B 182 32.65 50.33 -4.34
N GLY B 183 31.90 49.26 -4.06
CA GLY B 183 30.45 49.36 -4.05
C GLY B 183 29.91 49.52 -5.46
N GLY B 184 28.75 50.16 -5.57
CA GLY B 184 28.20 50.47 -6.87
C GLY B 184 27.35 49.36 -7.45
N SER B 185 27.39 49.28 -8.78
CA SER B 185 26.50 48.41 -9.54
C SER B 185 27.01 46.98 -9.68
N THR B 186 28.31 46.76 -9.61
CA THR B 186 28.88 45.42 -9.79
C THR B 186 28.83 44.68 -8.46
N SER B 187 27.95 43.67 -8.37
CA SER B 187 27.74 42.98 -7.11
C SER B 187 27.61 41.47 -7.28
N ALA B 188 28.06 40.91 -8.41
CA ALA B 188 27.95 39.47 -8.64
C ALA B 188 29.04 39.02 -9.59
N ILE B 189 29.45 37.76 -9.44
CA ILE B 189 30.41 37.10 -10.32
C ILE B 189 29.83 35.75 -10.75
N GLN B 190 30.59 35.03 -11.58
CA GLN B 190 30.14 33.77 -12.16
C GLN B 190 31.20 32.69 -12.00
N VAL B 191 30.76 31.45 -11.78
CA VAL B 191 31.62 30.28 -11.66
C VAL B 191 31.15 29.24 -12.67
N THR B 192 32.08 28.67 -13.43
CA THR B 192 31.79 27.66 -14.44
C THR B 192 32.26 26.28 -13.96
N VAL B 193 31.42 25.26 -14.19
CA VAL B 193 31.71 23.89 -13.79
C VAL B 193 31.94 23.03 -15.03
N GLU B 194 33.08 22.34 -15.07
CA GLU B 194 33.37 21.33 -16.08
C GLU B 194 33.41 19.97 -15.40
N THR B 195 33.32 18.91 -16.19
CA THR B 195 33.36 17.54 -15.67
C THR B 195 34.26 16.67 -16.55
N ARG B 196 34.68 15.54 -15.98
CA ARG B 196 35.53 14.56 -16.61
C ARG B 196 35.40 13.28 -15.80
N PRO B 197 35.24 12.13 -16.43
CA PRO B 197 35.17 10.88 -15.68
C PRO B 197 36.50 10.53 -15.02
N SER B 198 36.42 9.83 -13.90
CA SER B 198 37.61 9.38 -13.19
C SER B 198 38.17 8.13 -13.87
N GLU B 199 39.34 7.69 -13.40
CA GLU B 199 40.03 6.56 -14.02
C GLU B 199 39.36 5.22 -13.76
N ASP B 200 38.47 5.13 -12.77
CA ASP B 200 37.83 3.88 -12.40
C ASP B 200 36.35 3.83 -12.79
N PHE B 201 35.93 4.68 -13.73
CA PHE B 201 34.56 4.69 -14.22
C PHE B 201 34.39 3.70 -15.35
N GLU B 202 33.26 2.98 -15.36
CA GLU B 202 32.99 2.00 -16.40
C GLU B 202 31.49 1.76 -16.53
N PHE B 203 31.11 1.14 -17.65
CA PHE B 203 29.78 0.59 -17.91
C PHE B 203 29.88 -0.93 -17.98
N VAL B 204 28.73 -1.62 -17.88
CA VAL B 204 28.80 -3.08 -17.89
C VAL B 204 27.92 -3.76 -18.95
N MET B 205 26.60 -3.58 -18.90
CA MET B 205 25.67 -4.40 -19.68
C MET B 205 25.19 -3.63 -20.91
N ILE B 206 25.19 -4.30 -22.07
CA ILE B 206 25.09 -3.59 -23.34
C ILE B 206 23.66 -3.12 -23.63
N ARG B 207 22.65 -3.96 -23.35
CA ARG B 207 21.21 -3.72 -23.55
C ARG B 207 20.83 -3.18 -24.94
N ALA B 208 19.61 -2.66 -25.09
CA ALA B 208 19.14 -2.09 -26.34
C ALA B 208 19.06 -0.57 -26.24
N PRO B 209 19.32 0.15 -27.32
CA PRO B 209 19.21 1.63 -27.27
C PRO B 209 17.76 2.08 -27.10
N SER B 210 17.59 3.14 -26.31
CA SER B 210 16.30 3.72 -25.92
C SER B 210 15.34 2.67 -25.33
N SER B 211 15.89 1.81 -24.48
CA SER B 211 15.07 0.85 -23.74
C SER B 211 14.28 1.56 -22.66
N LYS B 212 13.14 1.01 -22.25
CA LYS B 212 12.37 1.64 -21.13
C LYS B 212 12.97 1.22 -19.79
N THR B 213 12.67 1.95 -18.69
CA THR B 213 13.28 1.64 -17.38
C THR B 213 12.22 1.63 -16.30
N VAL B 214 12.57 1.14 -15.11
CA VAL B 214 11.60 1.08 -13.97
C VAL B 214 11.51 2.45 -13.29
N ASP B 215 12.52 3.32 -13.49
CA ASP B 215 12.51 4.68 -12.91
C ASP B 215 11.71 5.63 -13.82
N SER B 216 12.16 6.88 -13.95
CA SER B 216 11.43 7.88 -14.77
C SER B 216 12.38 8.84 -15.49
N ILE B 217 12.07 9.19 -16.74
CA ILE B 217 12.85 10.15 -17.53
C ILE B 217 12.60 11.57 -17.04
N SER B 218 13.55 12.45 -17.36
CA SER B 218 13.51 13.83 -16.89
C SER B 218 12.35 14.57 -17.54
N PRO B 219 11.70 15.50 -16.81
CA PRO B 219 10.55 16.23 -17.38
C PRO B 219 10.97 17.45 -18.19
N ALA B 220 11.73 17.21 -19.25
CA ALA B 220 12.15 18.26 -20.16
C ALA B 220 11.43 18.20 -21.51
N GLY B 221 11.00 17.02 -21.94
CA GLY B 221 10.41 16.85 -23.25
C GLY B 221 9.02 17.39 -23.44
N LEU B 222 8.26 17.59 -22.36
CA LEU B 222 6.87 18.04 -22.49
C LEU B 222 6.76 19.51 -22.84
N LEU B 223 7.68 20.34 -22.37
CA LEU B 223 7.59 21.79 -22.54
C LEU B 223 8.61 22.18 -23.60
N THR B 224 8.15 22.26 -24.85
CA THR B 224 8.98 22.62 -25.99
C THR B 224 8.57 24.01 -26.50
N THR B 225 9.18 24.42 -27.59
CA THR B 225 8.92 25.74 -28.18
C THR B 225 7.55 25.95 -28.84
N PRO B 226 6.86 24.97 -29.46
CA PRO B 226 5.51 25.27 -29.97
C PRO B 226 4.44 25.39 -28.91
N VAL B 227 4.71 25.00 -27.65
CA VAL B 227 3.69 25.05 -26.61
C VAL B 227 3.38 26.49 -26.22
N LEU B 228 4.37 27.38 -26.28
CA LEU B 228 4.16 28.75 -25.83
C LEU B 228 3.79 29.67 -26.98
N THR B 229 4.43 29.52 -28.14
CA THR B 229 4.26 30.46 -29.24
C THR B 229 3.39 29.90 -30.35
N GLY B 230 2.35 29.15 -29.98
CA GLY B 230 1.56 28.41 -30.94
C GLY B 230 0.45 27.61 -30.30
N VAL B 231 0.39 26.31 -30.62
CA VAL B 231 -0.61 25.40 -30.06
C VAL B 231 -0.42 25.26 -28.56
N GLY B 232 -1.47 24.87 -27.85
CA GLY B 232 -1.46 24.85 -26.40
C GLY B 232 -2.56 25.73 -25.84
N ASN B 233 -3.35 25.19 -24.93
CA ASN B 233 -4.54 25.86 -24.44
C ASN B 233 -4.51 25.92 -22.91
N ASP B 234 -5.62 26.36 -22.32
CA ASP B 234 -5.74 26.48 -20.87
C ASP B 234 -6.38 25.22 -20.30
N ASN B 235 -6.62 25.23 -18.99
CA ASN B 235 -7.32 24.13 -18.33
C ASN B 235 -8.81 24.38 -18.20
N ARG B 236 -9.28 25.60 -18.45
CA ARG B 236 -10.69 25.93 -18.29
C ARG B 236 -11.36 26.29 -19.61
N TRP B 237 -10.63 26.92 -20.53
CA TRP B 237 -11.14 27.24 -21.86
C TRP B 237 -10.10 26.82 -22.90
N ASN B 238 -10.61 26.47 -24.09
CA ASN B 238 -9.75 26.09 -25.20
C ASN B 238 -9.37 27.32 -26.03
N GLY B 239 -8.42 28.07 -25.47
CA GLY B 239 -7.90 29.24 -26.16
C GLY B 239 -6.39 29.28 -26.01
N GLN B 240 -5.74 29.79 -27.06
CA GLN B 240 -4.29 29.84 -27.11
C GLN B 240 -3.74 30.83 -26.09
N ILE B 241 -2.65 30.43 -25.42
CA ILE B 241 -2.06 31.27 -24.37
C ILE B 241 -1.28 32.40 -25.05
N VAL B 242 -1.41 33.61 -24.49
CA VAL B 242 -0.77 34.80 -25.06
C VAL B 242 0.27 35.42 -24.13
N GLY B 243 0.08 35.34 -22.81
CA GLY B 243 0.93 36.09 -21.91
C GLY B 243 1.13 35.36 -20.60
N LEU B 244 1.81 36.05 -19.68
CA LEU B 244 2.25 35.49 -18.40
C LEU B 244 2.10 36.53 -17.31
N GLN B 245 1.34 36.22 -16.26
CA GLN B 245 1.05 37.21 -15.24
C GLN B 245 1.16 36.63 -13.84
N PRO B 246 1.86 37.30 -12.91
CA PRO B 246 2.02 36.76 -11.55
C PRO B 246 0.85 37.07 -10.65
N VAL B 247 0.76 36.40 -9.49
CA VAL B 247 -0.22 36.73 -8.47
C VAL B 247 0.53 37.01 -7.16
N PRO B 248 0.08 37.95 -6.34
CA PRO B 248 0.66 38.10 -5.00
C PRO B 248 -0.12 37.33 -3.94
N GLY B 249 0.57 36.51 -3.16
CA GLY B 249 -0.07 35.79 -2.08
C GLY B 249 -0.31 34.32 -2.36
N GLY B 250 -0.71 34.01 -3.59
CA GLY B 250 -0.94 32.64 -3.99
C GLY B 250 -2.41 32.35 -4.28
N PHE B 251 -2.65 31.12 -4.72
CA PHE B 251 -3.98 30.66 -5.08
C PHE B 251 -4.06 29.16 -4.88
N SER B 252 -5.22 28.59 -5.19
CA SER B 252 -5.40 27.14 -5.18
C SER B 252 -6.48 26.78 -6.18
N THR B 253 -6.07 26.19 -7.30
CA THR B 253 -6.98 25.72 -8.33
C THR B 253 -6.83 24.22 -8.48
N CYS B 254 -7.93 23.49 -8.26
CA CYS B 254 -7.87 22.05 -8.06
C CYS B 254 -8.98 21.35 -8.84
N ASN B 255 -9.16 21.70 -10.12
CA ASN B 255 -10.18 21.07 -10.94
C ASN B 255 -9.58 20.01 -11.88
N ARG B 256 -8.68 20.41 -12.76
CA ARG B 256 -8.06 19.53 -13.74
C ARG B 256 -6.57 19.39 -13.48
N HIS B 257 -6.15 19.67 -12.25
CA HIS B 257 -4.74 19.71 -11.89
C HIS B 257 -4.22 18.31 -11.61
N TRP B 258 -3.04 18.01 -12.13
CA TRP B 258 -2.33 16.78 -11.84
C TRP B 258 -1.02 17.10 -11.13
N ASN B 259 -0.70 16.29 -10.12
CA ASN B 259 0.55 16.44 -9.38
C ASN B 259 1.70 15.84 -10.18
N LEU B 260 2.92 15.93 -9.65
CA LEU B 260 4.04 15.19 -10.21
C LEU B 260 3.80 13.68 -10.08
N ASN B 261 3.27 13.26 -8.93
CA ASN B 261 2.70 11.93 -8.83
C ASN B 261 1.40 11.87 -9.62
N GLY B 262 1.09 10.69 -10.13
CA GLY B 262 -0.13 10.56 -10.91
C GLY B 262 -1.36 10.50 -10.03
N SER B 263 -2.07 11.62 -9.96
CA SER B 263 -3.23 11.79 -9.10
C SER B 263 -3.95 13.06 -9.53
N THR B 264 -5.26 13.05 -9.38
CA THR B 264 -6.10 14.20 -9.75
C THR B 264 -6.75 14.75 -8.49
N TYR B 265 -7.09 16.04 -8.55
CA TYR B 265 -7.69 16.75 -7.42
C TYR B 265 -9.20 16.71 -7.56
N GLY B 266 -9.73 15.53 -7.76
CA GLY B 266 -11.18 15.35 -7.81
C GLY B 266 -11.65 14.99 -9.20
N TRP B 267 -12.69 15.71 -9.64
CA TRP B 267 -13.45 15.39 -10.83
C TRP B 267 -12.77 15.99 -12.07
N SER B 268 -13.52 16.08 -13.17
CA SER B 268 -13.13 16.76 -14.41
C SER B 268 -11.89 16.19 -15.08
N SER B 269 -12.01 14.98 -15.64
CA SER B 269 -11.03 14.37 -16.53
C SER B 269 -10.74 15.32 -17.69
N PRO B 270 -9.46 15.48 -18.10
CA PRO B 270 -9.04 16.67 -18.89
C PRO B 270 -9.32 16.64 -20.40
N ARG B 271 -10.58 16.89 -20.74
CA ARG B 271 -11.02 16.97 -22.14
C ARG B 271 -12.31 17.80 -22.22
N PHE B 272 -12.30 18.79 -23.12
CA PHE B 272 -13.38 19.79 -23.22
C PHE B 272 -14.48 19.23 -24.11
N ALA B 273 -15.23 18.26 -23.59
CA ALA B 273 -16.28 17.64 -24.39
C ALA B 273 -17.66 18.23 -24.10
N ASP B 274 -18.15 18.05 -22.88
CA ASP B 274 -19.55 18.29 -22.57
C ASP B 274 -19.74 18.25 -21.05
N ILE B 275 -20.95 18.64 -20.63
CA ILE B 275 -21.41 18.53 -19.25
C ILE B 275 -22.78 17.87 -19.28
N ASP B 276 -22.93 16.78 -18.52
CA ASP B 276 -24.17 16.02 -18.53
C ASP B 276 -24.52 15.59 -17.11
N HIS B 277 -25.82 15.62 -16.81
CA HIS B 277 -26.33 15.14 -15.53
C HIS B 277 -27.70 14.51 -15.77
N ARG B 278 -28.10 13.64 -14.84
CA ARG B 278 -29.34 12.89 -14.98
C ARG B 278 -30.32 13.13 -13.83
N ARG B 279 -29.85 13.62 -12.69
CA ARG B 279 -30.71 13.90 -11.55
C ARG B 279 -30.54 15.37 -11.12
N GLY B 280 -31.65 16.03 -10.84
CA GLY B 280 -31.63 17.42 -10.43
C GLY B 280 -32.98 18.10 -10.64
N SER B 281 -33.39 18.93 -9.68
CA SER B 281 -34.70 19.57 -9.72
C SER B 281 -34.67 20.81 -10.62
N ALA B 282 -35.82 21.15 -11.16
CA ALA B 282 -35.99 22.33 -12.00
C ALA B 282 -37.20 23.13 -11.51
N SER B 283 -37.08 24.45 -11.58
CA SER B 283 -38.14 25.34 -11.11
C SER B 283 -38.03 26.67 -11.86
N TYR B 284 -38.98 27.56 -11.57
CA TYR B 284 -39.01 28.88 -12.17
C TYR B 284 -39.75 29.82 -11.23
N PRO B 285 -39.27 31.04 -11.04
CA PRO B 285 -39.95 31.99 -10.16
C PRO B 285 -41.16 32.63 -10.84
N GLY B 286 -42.05 33.14 -10.01
CA GLY B 286 -43.25 33.77 -10.52
C GLY B 286 -44.39 32.79 -10.73
N ASN B 287 -45.59 33.35 -10.96
CA ASN B 287 -46.77 32.53 -11.18
C ASN B 287 -46.97 32.16 -12.65
N ASN B 288 -46.20 32.74 -13.56
CA ASN B 288 -46.38 32.53 -14.98
C ASN B 288 -45.12 31.93 -15.60
N ALA B 289 -45.30 30.95 -16.48
CA ALA B 289 -44.19 30.30 -17.17
C ALA B 289 -44.01 30.90 -18.56
N THR B 290 -43.65 32.18 -18.59
CA THR B 290 -43.41 32.91 -19.83
C THR B 290 -42.42 34.03 -19.54
N ASN B 291 -41.32 34.05 -20.32
CA ASN B 291 -40.22 35.00 -20.18
C ASN B 291 -39.62 34.98 -18.77
N VAL B 292 -39.08 33.81 -18.42
CA VAL B 292 -38.62 33.55 -17.06
C VAL B 292 -37.16 33.14 -17.07
N LEU B 293 -36.62 32.85 -15.88
CA LEU B 293 -35.25 32.41 -15.69
C LEU B 293 -35.30 31.04 -15.04
N GLN B 294 -34.78 30.03 -15.73
CA GLN B 294 -34.82 28.66 -15.22
C GLN B 294 -33.85 28.50 -14.05
N PHE B 295 -34.17 27.55 -13.16
CA PHE B 295 -33.45 27.40 -11.90
C PHE B 295 -33.24 25.91 -11.67
N TRP B 296 -32.02 25.43 -11.88
CA TRP B 296 -31.67 24.04 -11.67
C TRP B 296 -30.63 23.95 -10.56
N TYR B 297 -30.81 22.99 -9.65
CA TYR B 297 -29.83 22.77 -8.59
C TYR B 297 -29.86 21.31 -8.18
N ALA B 298 -28.69 20.83 -7.74
CA ALA B 298 -28.54 19.50 -7.20
C ALA B 298 -27.39 19.50 -6.20
N ASN B 299 -27.46 18.60 -5.22
CA ASN B 299 -26.46 18.55 -4.16
C ASN B 299 -25.17 17.90 -4.66
N ALA B 300 -24.09 18.17 -3.93
CA ALA B 300 -22.78 17.58 -4.24
C ALA B 300 -22.74 16.18 -3.67
N GLY B 301 -22.72 15.19 -4.55
CA GLY B 301 -22.80 13.80 -4.13
C GLY B 301 -23.75 13.02 -5.02
N SER B 302 -24.44 13.72 -5.91
CA SER B 302 -25.41 13.13 -6.82
C SER B 302 -24.79 12.74 -8.16
N ALA B 303 -23.48 12.94 -8.32
CA ALA B 303 -22.79 12.61 -9.57
C ALA B 303 -22.34 11.16 -9.53
N ILE B 304 -23.30 10.25 -9.74
CA ILE B 304 -23.00 8.83 -9.75
C ILE B 304 -22.22 8.45 -11.01
N ASP B 305 -22.55 9.04 -12.15
CA ASP B 305 -21.96 8.65 -13.42
C ASP B 305 -20.52 9.13 -13.60
N ASN B 306 -20.03 10.01 -12.74
CA ASN B 306 -18.63 10.40 -12.80
C ASN B 306 -17.76 9.29 -12.25
N PRO B 307 -16.79 8.77 -13.00
CA PRO B 307 -15.99 7.64 -12.52
C PRO B 307 -14.86 8.01 -11.57
N ILE B 308 -14.59 9.29 -11.36
CA ILE B 308 -13.45 9.71 -10.55
C ILE B 308 -13.92 10.04 -9.14
N SER B 309 -14.77 11.06 -9.02
CA SER B 309 -15.32 11.44 -7.72
C SER B 309 -16.81 11.69 -7.88
N GLN B 310 -17.54 11.47 -6.79
CA GLN B 310 -18.99 11.59 -6.80
C GLN B 310 -19.48 13.01 -6.55
N VAL B 311 -18.56 13.96 -6.32
CA VAL B 311 -18.96 15.28 -5.83
C VAL B 311 -19.49 16.20 -6.94
N ALA B 312 -19.02 16.05 -8.17
CA ALA B 312 -19.38 16.99 -9.23
C ALA B 312 -19.37 16.26 -10.56
N PRO B 313 -20.18 16.70 -11.54
CA PRO B 313 -20.14 16.09 -12.85
C PRO B 313 -18.88 16.47 -13.63
N ASP B 314 -18.66 15.74 -14.73
CA ASP B 314 -17.44 15.88 -15.51
C ASP B 314 -17.44 17.18 -16.30
N GLY B 315 -16.31 17.89 -16.26
CA GLY B 315 -16.15 19.11 -17.02
C GLY B 315 -16.80 20.33 -16.43
N PHE B 316 -17.26 20.27 -15.19
CA PHE B 316 -17.94 21.41 -14.57
C PHE B 316 -16.93 22.52 -14.27
N PRO B 317 -17.28 23.79 -14.46
CA PRO B 317 -16.38 24.87 -14.06
C PRO B 317 -16.30 25.00 -12.55
N ASP B 318 -15.10 25.31 -12.06
CA ASP B 318 -14.89 25.46 -10.63
C ASP B 318 -14.99 26.94 -10.20
N MET B 319 -16.14 27.53 -10.51
CA MET B 319 -16.41 28.94 -10.26
C MET B 319 -17.45 29.07 -9.17
N SER B 320 -17.26 30.03 -8.27
CA SER B 320 -18.31 30.34 -7.30
C SER B 320 -19.40 31.18 -7.98
N PHE B 321 -20.65 30.86 -7.68
CA PHE B 321 -21.78 31.53 -8.31
C PHE B 321 -21.95 32.93 -7.73
N VAL B 322 -21.87 33.93 -8.60
CA VAL B 322 -22.15 35.31 -8.23
C VAL B 322 -23.67 35.49 -8.26
N PRO B 323 -24.30 35.85 -7.14
CA PRO B 323 -25.78 35.95 -7.13
C PRO B 323 -26.26 37.21 -7.83
N PHE B 324 -27.26 37.05 -8.69
CA PHE B 324 -27.86 38.18 -9.39
C PHE B 324 -29.35 37.94 -9.51
N ASN B 325 -30.10 39.03 -9.58
CA ASN B 325 -31.55 38.96 -9.70
C ASN B 325 -32.02 40.14 -10.56
N GLY B 326 -32.80 39.85 -11.58
CA GLY B 326 -33.30 40.86 -12.47
C GLY B 326 -32.70 40.79 -13.86
N PRO B 327 -33.01 41.78 -14.71
CA PRO B 327 -32.50 41.76 -16.08
C PRO B 327 -31.03 42.13 -16.21
N GLY B 328 -30.40 42.66 -15.16
CA GLY B 328 -29.00 43.02 -15.23
C GLY B 328 -28.12 41.79 -15.26
N ILE B 329 -27.33 41.64 -16.33
CA ILE B 329 -26.49 40.41 -16.46
C ILE B 329 -25.37 40.44 -15.41
N PRO B 330 -24.88 39.27 -14.92
CA PRO B 330 -23.81 39.21 -13.89
C PRO B 330 -22.48 39.68 -14.46
N ALA B 331 -21.51 39.96 -13.59
CA ALA B 331 -20.16 40.39 -14.05
C ALA B 331 -19.24 39.17 -14.08
N ALA B 332 -18.44 39.05 -15.15
CA ALA B 332 -17.48 37.93 -15.26
C ALA B 332 -18.23 36.60 -15.12
N GLY B 333 -17.72 35.69 -14.28
CA GLY B 333 -18.37 34.39 -14.05
C GLY B 333 -18.15 33.46 -15.23
N TRP B 334 -18.87 32.32 -15.25
CA TRP B 334 -18.75 31.37 -16.38
C TRP B 334 -20.12 31.15 -17.02
N VAL B 335 -20.25 31.46 -18.31
CA VAL B 335 -21.51 31.27 -19.01
C VAL B 335 -21.27 30.40 -20.24
N GLY B 336 -22.14 29.41 -20.44
CA GLY B 336 -22.02 28.53 -21.58
C GLY B 336 -23.36 28.27 -22.22
N PHE B 337 -23.32 27.98 -23.52
CA PHE B 337 -24.54 27.68 -24.28
C PHE B 337 -25.04 26.30 -23.90
N GLY B 338 -26.34 26.20 -23.58
CA GLY B 338 -26.90 24.94 -23.15
C GLY B 338 -28.39 24.79 -23.35
N ALA B 339 -28.95 23.69 -22.84
CA ALA B 339 -30.37 23.41 -22.92
C ALA B 339 -30.74 22.49 -21.76
N ILE B 340 -32.00 22.07 -21.73
CA ILE B 340 -32.48 21.17 -20.71
C ILE B 340 -33.01 19.91 -21.37
N TRP B 341 -33.02 18.82 -20.59
CA TRP B 341 -33.53 17.53 -21.07
C TRP B 341 -34.11 16.78 -19.87
N ASN B 342 -35.15 16.00 -20.13
CA ASN B 342 -35.84 15.26 -19.09
C ASN B 342 -35.42 13.79 -19.06
N SER B 343 -35.67 13.16 -17.92
CA SER B 343 -35.16 11.83 -17.62
C SER B 343 -36.06 10.76 -18.25
N ASN B 344 -35.75 9.48 -17.93
CA ASN B 344 -36.50 8.29 -18.33
C ASN B 344 -36.61 8.16 -19.85
N SER B 345 -35.42 8.07 -20.47
CA SER B 345 -35.23 7.97 -21.92
C SER B 345 -35.92 9.12 -22.65
N GLY B 346 -35.47 10.34 -22.37
CA GLY B 346 -36.15 11.54 -22.81
C GLY B 346 -35.33 12.34 -23.81
N ALA B 347 -36.02 12.96 -24.75
CA ALA B 347 -35.45 13.89 -25.70
C ALA B 347 -35.29 15.26 -25.06
N PRO B 348 -34.32 16.07 -25.50
CA PRO B 348 -34.21 17.44 -24.98
C PRO B 348 -35.35 18.33 -25.43
N ASN B 349 -35.69 19.28 -24.56
CA ASN B 349 -36.78 20.20 -24.84
C ASN B 349 -36.39 21.20 -25.92
N VAL B 350 -37.30 21.39 -26.88
CA VAL B 350 -37.01 22.25 -28.03
C VAL B 350 -37.06 23.72 -27.63
N THR B 351 -38.06 24.11 -26.85
CA THR B 351 -38.40 25.51 -26.62
C THR B 351 -37.42 26.25 -25.70
N THR B 352 -36.47 25.56 -25.08
CA THR B 352 -35.56 26.19 -24.12
C THR B 352 -34.11 25.81 -24.47
N VAL B 353 -33.49 26.59 -25.36
CA VAL B 353 -32.06 26.51 -25.62
C VAL B 353 -31.48 27.91 -25.40
N GLN B 354 -30.77 28.10 -24.28
CA GLN B 354 -30.30 29.42 -23.91
C GLN B 354 -28.99 29.29 -23.13
N ALA B 355 -28.27 30.41 -23.04
CA ALA B 355 -27.01 30.46 -22.31
C ALA B 355 -27.29 30.53 -20.81
N TYR B 356 -26.64 29.66 -20.05
CA TYR B 356 -26.83 29.60 -18.60
C TYR B 356 -25.52 29.98 -17.90
N GLU B 357 -25.65 30.58 -16.72
CA GLU B 357 -24.52 30.88 -15.86
C GLU B 357 -24.33 29.76 -14.86
N LEU B 358 -23.11 29.24 -14.77
CA LEU B 358 -22.81 28.07 -13.96
C LEU B 358 -22.04 28.47 -12.71
N GLY B 359 -22.28 27.76 -11.62
CA GLY B 359 -21.60 28.06 -10.37
C GLY B 359 -22.09 27.17 -9.26
N PHE B 360 -21.64 27.48 -8.05
CA PHE B 360 -22.07 26.79 -6.84
C PHE B 360 -22.74 27.78 -5.90
N ALA B 361 -23.96 27.46 -5.47
CA ALA B 361 -24.74 28.32 -4.59
C ALA B 361 -24.89 27.68 -3.23
N THR B 362 -25.23 28.50 -2.24
CA THR B 362 -25.46 28.05 -0.87
C THR B 362 -26.83 28.53 -0.42
N GLY B 363 -27.66 27.59 0.04
CA GLY B 363 -28.99 27.94 0.50
C GLY B 363 -30.04 28.08 -0.58
N ALA B 364 -29.84 27.44 -1.72
CA ALA B 364 -30.84 27.45 -2.78
C ALA B 364 -32.08 26.66 -2.36
N PRO B 365 -33.28 27.06 -2.84
CA PRO B 365 -33.64 28.17 -3.73
C PRO B 365 -33.95 29.48 -3.01
N GLY B 366 -33.48 29.68 -1.79
CA GLY B 366 -33.76 30.91 -1.07
C GLY B 366 -32.73 31.99 -1.36
N ASN B 367 -32.03 32.43 -0.33
CA ASN B 367 -30.94 33.39 -0.51
C ASN B 367 -29.70 32.64 -0.97
N LEU B 368 -29.19 33.01 -2.15
CA LEU B 368 -28.04 32.33 -2.72
C LEU B 368 -26.76 33.08 -2.32
N GLN B 369 -25.77 32.33 -1.85
CA GLN B 369 -24.52 32.92 -1.39
C GLN B 369 -23.33 32.26 -2.10
N PRO B 370 -22.27 33.02 -2.38
CA PRO B 370 -21.05 32.41 -2.91
C PRO B 370 -20.35 31.55 -1.87
N THR B 371 -19.63 30.53 -2.35
CA THR B 371 -18.96 29.57 -1.50
C THR B 371 -17.55 29.32 -1.99
N THR B 372 -16.65 29.03 -1.04
CA THR B 372 -15.25 28.73 -1.34
C THR B 372 -14.95 27.23 -1.25
N ASN B 373 -15.68 26.51 -0.42
CA ASN B 373 -15.45 25.09 -0.21
C ASN B 373 -16.45 24.25 -1.00
N THR B 374 -15.97 23.15 -1.57
CA THR B 374 -16.81 22.29 -2.38
C THR B 374 -17.58 21.29 -1.54
N SER B 375 -17.02 20.86 -0.41
CA SER B 375 -17.67 19.88 0.44
C SER B 375 -18.85 20.49 1.17
N GLY B 376 -19.95 19.75 1.22
CA GLY B 376 -21.19 20.25 1.80
C GLY B 376 -21.82 21.40 1.04
N SER B 377 -21.73 21.38 -0.30
CA SER B 377 -22.29 22.44 -1.12
C SER B 377 -23.28 21.86 -2.12
N GLN B 378 -23.78 22.70 -3.03
CA GLN B 378 -24.72 22.26 -4.04
C GLN B 378 -24.48 23.04 -5.32
N THR B 379 -24.26 22.31 -6.41
CA THR B 379 -24.07 22.90 -7.73
C THR B 379 -25.38 23.49 -8.24
N VAL B 380 -25.26 24.53 -9.06
CA VAL B 380 -26.41 25.32 -9.48
C VAL B 380 -26.17 25.83 -10.89
N ALA B 381 -27.27 26.20 -11.57
CA ALA B 381 -27.22 26.89 -12.85
C ALA B 381 -28.51 27.67 -13.02
N LYS B 382 -28.41 28.89 -13.51
CA LYS B 382 -29.60 29.68 -13.80
C LYS B 382 -29.36 30.48 -15.08
N SER B 383 -30.45 30.71 -15.82
CA SER B 383 -30.34 31.39 -17.10
C SER B 383 -30.13 32.89 -16.90
N ILE B 384 -29.56 33.53 -17.92
CA ILE B 384 -29.40 34.98 -17.92
C ILE B 384 -30.39 35.67 -18.87
N TYR B 385 -30.95 34.94 -19.83
CA TYR B 385 -31.92 35.49 -20.77
C TYR B 385 -33.28 34.87 -20.48
N ALA B 386 -34.31 35.31 -21.21
CA ALA B 386 -35.68 34.89 -20.96
C ALA B 386 -36.09 33.79 -21.93
N VAL B 387 -36.59 32.68 -21.38
CA VAL B 387 -37.04 31.55 -22.17
C VAL B 387 -38.57 31.46 -22.06
N VAL B 388 -39.20 30.81 -23.03
CA VAL B 388 -40.66 30.84 -23.13
C VAL B 388 -41.35 29.64 -22.49
N THR B 389 -40.59 28.68 -21.95
CA THR B 389 -41.18 27.48 -21.39
C THR B 389 -40.33 26.99 -20.23
N GLY B 390 -40.99 26.75 -19.09
CA GLY B 390 -40.31 26.22 -17.93
C GLY B 390 -40.78 24.82 -17.55
N THR B 391 -39.87 24.02 -17.00
CA THR B 391 -40.17 22.70 -16.50
C THR B 391 -40.06 22.68 -14.98
N ALA B 392 -40.88 21.84 -14.34
CA ALA B 392 -40.93 21.76 -12.89
C ALA B 392 -40.88 20.31 -12.41
N GLN B 393 -40.19 19.44 -13.13
CA GLN B 393 -40.10 18.04 -12.75
C GLN B 393 -38.88 17.80 -11.87
N ASN B 394 -39.04 16.91 -10.88
CA ASN B 394 -37.95 16.52 -10.00
C ASN B 394 -36.80 15.79 -10.71
N PRO B 395 -37.03 14.80 -11.63
CA PRO B 395 -35.88 14.31 -12.40
C PRO B 395 -35.62 15.14 -13.65
N ALA B 396 -34.45 15.78 -13.70
CA ALA B 396 -34.07 16.61 -14.85
C ALA B 396 -32.55 16.71 -14.87
N GLY B 397 -32.03 17.13 -16.02
CA GLY B 397 -30.59 17.24 -16.19
C GLY B 397 -30.22 18.39 -17.12
N LEU B 398 -28.92 18.50 -17.36
CA LEU B 398 -28.36 19.56 -18.19
C LEU B 398 -27.70 18.99 -19.44
N PHE B 399 -27.44 19.88 -20.39
CA PHE B 399 -26.65 19.56 -21.59
C PHE B 399 -25.99 20.88 -21.98
N VAL B 400 -24.74 21.06 -21.53
CA VAL B 400 -24.01 22.31 -21.71
C VAL B 400 -22.70 21.99 -22.43
N MET B 401 -22.35 22.82 -23.41
CA MET B 401 -21.05 22.71 -24.05
C MET B 401 -19.93 23.10 -23.08
N ALA B 402 -18.79 22.44 -23.23
CA ALA B 402 -17.68 22.64 -22.31
C ALA B 402 -16.94 23.96 -22.52
N SER B 403 -16.89 24.45 -23.76
CA SER B 403 -16.27 25.75 -24.00
C SER B 403 -17.23 26.87 -23.61
N GLY B 404 -16.70 27.88 -22.93
CA GLY B 404 -17.52 28.93 -22.38
C GLY B 404 -16.89 30.29 -22.56
N VAL B 405 -17.65 31.30 -22.12
CA VAL B 405 -17.27 32.70 -22.23
C VAL B 405 -17.50 33.37 -20.87
N ILE B 406 -17.30 34.68 -20.83
CA ILE B 406 -17.54 35.48 -19.63
C ILE B 406 -18.68 36.45 -19.92
N SER B 407 -19.51 36.70 -18.91
CA SER B 407 -20.64 37.62 -19.05
C SER B 407 -20.32 38.90 -18.27
N THR B 408 -20.33 40.03 -18.96
CA THR B 408 -20.04 41.31 -18.34
C THR B 408 -21.00 42.38 -18.83
N PRO B 409 -21.49 43.26 -17.94
CA PRO B 409 -22.39 44.32 -18.39
C PRO B 409 -21.70 45.45 -19.14
N SER B 410 -20.58 45.94 -18.63
CA SER B 410 -19.93 47.13 -19.15
C SER B 410 -18.82 46.86 -20.15
N ALA B 411 -17.88 45.97 -19.79
CA ALA B 411 -16.86 45.40 -20.68
C ALA B 411 -15.92 46.49 -21.24
N ASN B 412 -15.37 47.29 -20.31
CA ASN B 412 -14.34 48.24 -20.68
C ASN B 412 -13.01 47.75 -20.14
N ALA B 413 -12.86 47.53 -18.83
CA ALA B 413 -11.63 47.01 -18.26
C ALA B 413 -11.82 45.72 -17.48
N ILE B 414 -12.82 45.71 -16.59
CA ILE B 414 -13.19 44.61 -15.68
C ILE B 414 -11.97 44.22 -14.86
N THR B 415 -11.60 42.94 -14.89
CA THR B 415 -10.61 42.29 -14.05
C THR B 415 -10.36 40.92 -14.66
N TYR B 416 -9.11 40.46 -14.62
CA TYR B 416 -8.75 39.11 -15.06
C TYR B 416 -9.55 38.05 -14.29
N THR B 417 -10.10 37.10 -15.03
CA THR B 417 -10.99 36.09 -14.46
C THR B 417 -10.39 34.70 -14.59
N PRO B 418 -10.47 33.88 -13.53
CA PRO B 418 -11.00 34.16 -12.20
C PRO B 418 -9.98 34.78 -11.25
N GLN B 419 -10.46 35.34 -10.14
CA GLN B 419 -9.59 35.83 -9.08
C GLN B 419 -9.22 34.70 -8.13
N PRO B 420 -8.09 34.82 -7.43
CA PRO B 420 -7.76 33.80 -6.41
C PRO B 420 -8.74 33.74 -5.25
N ASP B 421 -9.51 34.79 -5.00
CA ASP B 421 -10.55 34.80 -3.97
C ASP B 421 -11.88 34.22 -4.47
N ARG B 422 -11.88 33.60 -5.64
CA ARG B 422 -13.09 33.05 -6.24
C ARG B 422 -12.96 31.57 -6.62
N ILE B 423 -11.74 31.05 -6.73
CA ILE B 423 -11.50 29.68 -7.15
C ILE B 423 -11.79 28.76 -5.98
N VAL B 424 -12.63 27.76 -6.20
CA VAL B 424 -13.08 26.86 -5.14
C VAL B 424 -12.00 25.83 -4.82
N THR B 425 -12.19 25.12 -3.71
CA THR B 425 -11.16 24.26 -3.15
C THR B 425 -11.78 22.93 -2.73
N THR B 426 -11.21 21.83 -3.24
CA THR B 426 -11.63 20.51 -2.82
C THR B 426 -10.87 20.13 -1.53
N PRO B 427 -11.45 19.25 -0.70
CA PRO B 427 -10.70 18.73 0.44
C PRO B 427 -9.43 17.99 0.06
N GLY B 428 -8.38 18.21 0.85
CA GLY B 428 -7.13 17.51 0.65
C GLY B 428 -6.16 18.15 -0.32
N THR B 429 -6.08 19.51 -0.34
CA THR B 429 -5.14 20.06 -1.31
C THR B 429 -4.01 20.84 -0.62
N PRO B 430 -2.83 20.88 -1.22
CA PRO B 430 -1.82 21.86 -0.80
C PRO B 430 -1.94 23.15 -1.59
N ALA B 431 -1.77 24.27 -0.90
CA ALA B 431 -1.97 25.59 -1.47
C ALA B 431 -0.63 26.19 -1.87
N ALA B 432 -0.67 27.15 -2.80
CA ALA B 432 0.54 27.82 -3.26
C ALA B 432 1.07 28.77 -2.19
N ALA B 433 2.38 28.73 -1.98
CA ALA B 433 3.05 29.65 -1.08
C ALA B 433 4.27 30.24 -1.77
N PRO B 434 4.39 31.57 -1.82
CA PRO B 434 5.56 32.19 -2.46
C PRO B 434 6.81 32.04 -1.59
N VAL B 435 7.71 31.17 -2.03
CA VAL B 435 8.98 30.95 -1.34
C VAL B 435 10.03 31.81 -2.04
N GLY B 436 10.99 32.31 -1.25
CA GLY B 436 11.99 33.24 -1.77
C GLY B 436 11.35 34.54 -2.23
N LYS B 437 11.83 35.05 -3.36
CA LYS B 437 11.14 36.10 -4.09
C LYS B 437 10.21 35.55 -5.16
N ASN B 438 10.22 34.24 -5.39
CA ASN B 438 9.42 33.60 -6.43
C ASN B 438 7.96 33.59 -6.03
N THR B 439 7.08 33.88 -7.00
CA THR B 439 5.64 34.01 -6.84
C THR B 439 4.91 32.99 -7.70
N PRO B 440 3.71 32.56 -7.31
CA PRO B 440 2.90 31.70 -8.20
C PRO B 440 2.48 32.43 -9.46
N ILE B 441 2.46 31.68 -10.56
CA ILE B 441 2.27 32.21 -11.91
C ILE B 441 1.02 31.54 -12.50
N MET B 442 0.24 32.32 -13.23
CA MET B 442 -0.94 31.78 -13.91
C MET B 442 -0.91 32.22 -15.37
N PHE B 443 -1.12 31.26 -16.28
CA PHE B 443 -1.08 31.49 -17.72
C PHE B 443 -2.29 32.28 -18.18
N ALA B 444 -2.06 33.25 -19.08
CA ALA B 444 -3.11 34.12 -19.59
C ALA B 444 -3.43 33.79 -21.04
N SER B 445 -4.66 34.12 -21.46
CA SER B 445 -5.16 33.81 -22.79
C SER B 445 -6.28 34.77 -23.13
N VAL B 446 -6.86 34.57 -24.32
CA VAL B 446 -7.96 35.41 -24.81
C VAL B 446 -9.22 34.57 -24.95
N VAL B 447 -10.29 35.00 -24.27
CA VAL B 447 -11.59 34.35 -24.31
C VAL B 447 -12.62 35.41 -24.69
N ARG B 448 -13.57 35.05 -25.55
CA ARG B 448 -14.63 35.97 -25.95
C ARG B 448 -15.55 36.32 -24.77
N ARG B 449 -16.37 37.35 -24.97
CA ARG B 449 -17.28 37.82 -23.95
C ARG B 449 -18.67 38.01 -24.55
N THR B 450 -19.68 37.99 -23.68
CA THR B 450 -21.05 38.19 -24.13
C THR B 450 -21.35 39.65 -24.47
N GLY B 451 -20.64 40.59 -23.84
CA GLY B 451 -20.89 42.00 -24.10
C GLY B 451 -20.36 42.47 -25.44
N ASP B 452 -19.32 41.80 -25.95
CA ASP B 452 -18.74 42.14 -27.25
C ASP B 452 -18.32 40.85 -27.95
N VAL B 453 -18.89 40.61 -29.13
CA VAL B 453 -18.56 39.40 -29.88
C VAL B 453 -17.13 39.45 -30.41
N ASN B 454 -16.74 40.59 -30.99
CA ASN B 454 -15.43 40.74 -31.61
C ASN B 454 -14.40 41.13 -30.55
N ALA B 455 -13.86 40.12 -29.87
CA ALA B 455 -12.85 40.32 -28.85
C ALA B 455 -11.45 40.07 -29.43
N THR B 456 -11.07 40.95 -30.36
CA THR B 456 -9.78 40.84 -31.04
C THR B 456 -8.68 41.55 -30.25
N ALA B 457 -7.46 41.04 -30.37
CA ALA B 457 -6.30 41.61 -29.68
C ALA B 457 -5.78 42.79 -30.50
N GLY B 458 -6.29 43.97 -30.17
CA GLY B 458 -5.92 45.18 -30.89
C GLY B 458 -6.62 46.42 -30.36
N SER B 459 -7.18 47.22 -31.27
CA SER B 459 -7.90 48.43 -30.89
C SER B 459 -9.34 48.08 -30.52
N ALA B 460 -10.21 49.10 -30.46
CA ALA B 460 -11.62 49.01 -30.07
C ALA B 460 -11.75 48.39 -28.66
N ASN B 461 -11.24 49.16 -27.69
CA ASN B 461 -11.19 48.93 -26.24
C ASN B 461 -10.18 47.83 -25.90
N GLY B 462 -9.56 47.93 -24.73
CA GLY B 462 -8.57 46.95 -24.31
C GLY B 462 -9.17 45.58 -24.04
N THR B 463 -8.37 44.57 -24.34
CA THR B 463 -8.83 43.18 -24.28
C THR B 463 -8.80 42.65 -22.85
N GLN B 464 -9.54 41.56 -22.65
CA GLN B 464 -9.69 40.92 -21.35
C GLN B 464 -8.96 39.59 -21.37
N TYR B 465 -8.31 39.25 -20.27
CA TYR B 465 -7.45 38.07 -20.20
C TYR B 465 -8.07 37.05 -19.24
N GLY B 466 -8.33 35.86 -19.75
CA GLY B 466 -8.72 34.74 -18.90
C GLY B 466 -7.48 34.01 -18.44
N THR B 467 -7.50 33.53 -17.20
CA THR B 467 -6.35 32.90 -16.57
C THR B 467 -6.62 31.44 -16.25
N GLY B 468 -5.75 30.56 -16.76
CA GLY B 468 -5.81 29.15 -16.45
C GLY B 468 -4.48 28.69 -15.86
N SER B 469 -4.55 27.56 -15.14
CA SER B 469 -3.46 27.16 -14.26
C SER B 469 -2.29 26.56 -15.01
N GLN B 470 -2.52 25.49 -15.77
CA GLN B 470 -1.45 24.79 -16.48
C GLN B 470 -1.93 24.45 -17.89
N PRO B 471 -1.02 24.35 -18.85
CA PRO B 471 -1.42 24.02 -20.23
C PRO B 471 -1.96 22.61 -20.35
N LEU B 472 -2.88 22.43 -21.31
CA LEU B 472 -3.51 21.15 -21.59
C LEU B 472 -2.56 20.11 -22.20
N PRO B 473 -1.58 20.48 -23.06
CA PRO B 473 -0.51 19.50 -23.36
C PRO B 473 0.30 19.08 -22.13
N VAL B 474 0.50 19.96 -21.17
CA VAL B 474 1.25 19.61 -19.96
C VAL B 474 0.45 18.64 -19.10
N THR B 475 -0.87 18.89 -18.97
CA THR B 475 -1.74 18.03 -18.18
C THR B 475 -1.86 16.63 -18.80
N ILE B 476 -1.83 16.55 -20.13
CA ILE B 476 -1.83 15.26 -20.80
C ILE B 476 -0.52 14.51 -20.52
N GLY B 477 0.59 15.23 -20.46
CA GLY B 477 1.88 14.60 -20.20
C GLY B 477 2.11 14.19 -18.77
N LEU B 478 1.20 14.55 -17.86
CA LEU B 478 1.28 14.14 -16.46
C LEU B 478 0.16 13.22 -16.02
N SER B 479 -0.89 13.07 -16.83
CA SER B 479 -1.99 12.20 -16.46
C SER B 479 -1.66 10.72 -16.59
N LEU B 480 -0.59 10.37 -17.31
CA LEU B 480 -0.18 8.97 -17.47
C LEU B 480 1.14 8.67 -16.77
N ASN B 481 2.17 9.45 -17.05
CA ASN B 481 3.51 9.17 -16.53
C ASN B 481 3.62 9.62 -15.07
N ASN B 482 4.28 8.79 -14.27
CA ASN B 482 4.51 9.04 -12.86
C ASN B 482 5.94 9.52 -12.66
N TYR B 483 6.10 10.59 -11.88
CA TYR B 483 7.38 11.25 -11.69
C TYR B 483 7.73 11.34 -10.21
N SER B 484 7.61 10.22 -9.50
CA SER B 484 7.96 10.19 -8.08
C SER B 484 9.45 10.33 -7.84
N SER B 485 10.28 9.86 -8.78
CA SER B 485 11.73 9.89 -8.63
C SER B 485 12.41 10.84 -9.62
N ALA B 486 11.63 11.52 -10.46
CA ALA B 486 12.22 12.42 -11.45
C ALA B 486 12.70 13.71 -10.80
N LEU B 487 12.01 14.18 -9.76
CA LEU B 487 12.36 15.42 -9.07
C LEU B 487 12.07 15.27 -7.60
N MET B 488 13.11 15.44 -6.77
CA MET B 488 12.99 15.34 -5.32
C MET B 488 12.17 16.52 -4.78
N PRO B 489 11.29 16.29 -3.80
CA PRO B 489 10.58 17.41 -3.17
C PRO B 489 11.52 18.36 -2.46
N GLY B 490 11.21 19.65 -2.56
CA GLY B 490 12.06 20.70 -2.05
C GLY B 490 12.73 21.55 -3.11
N GLN B 491 12.71 21.12 -4.37
CA GLN B 491 13.26 21.86 -5.49
C GLN B 491 12.31 21.80 -6.68
N PHE B 492 12.66 22.49 -7.75
CA PHE B 492 11.83 22.52 -8.95
C PHE B 492 12.67 22.34 -10.20
N PHE B 493 12.02 21.90 -11.28
CA PHE B 493 12.66 21.75 -12.58
C PHE B 493 12.55 23.08 -13.32
N VAL B 494 13.69 23.67 -13.66
CA VAL B 494 13.73 25.01 -14.23
C VAL B 494 14.08 24.93 -15.72
N TRP B 495 13.36 25.72 -16.53
CA TRP B 495 13.64 25.90 -17.94
C TRP B 495 14.35 27.24 -18.13
N GLN B 496 14.53 27.64 -19.40
CA GLN B 496 15.14 28.92 -19.72
C GLN B 496 14.52 29.44 -21.01
N LEU B 497 13.48 30.27 -20.89
CA LEU B 497 12.90 30.94 -22.04
C LEU B 497 13.82 32.06 -22.50
N THR B 498 13.96 32.19 -23.83
CA THR B 498 14.84 33.20 -24.43
C THR B 498 14.03 34.05 -25.40
N PHE B 499 13.90 35.32 -25.08
CA PHE B 499 13.19 36.29 -25.91
C PHE B 499 14.17 36.91 -26.91
N ALA B 500 13.71 37.92 -27.65
CA ALA B 500 14.55 38.61 -28.61
C ALA B 500 15.44 39.68 -27.98
N SER B 501 15.17 40.08 -26.74
CA SER B 501 15.98 41.08 -26.08
C SER B 501 16.29 40.73 -24.62
N GLY B 502 15.96 39.51 -24.19
CA GLY B 502 16.21 39.13 -22.82
C GLY B 502 15.98 37.64 -22.63
N PHE B 503 15.90 37.25 -21.36
CA PHE B 503 15.65 35.86 -20.99
C PHE B 503 15.03 35.84 -19.59
N MET B 504 14.20 34.83 -19.35
CA MET B 504 13.66 34.59 -18.02
C MET B 504 13.69 33.09 -17.75
N GLU B 505 13.65 32.71 -16.49
CA GLU B 505 13.61 31.32 -16.08
C GLU B 505 12.29 31.04 -15.38
N ILE B 506 11.63 29.94 -15.77
CA ILE B 506 10.38 29.51 -15.14
C ILE B 506 10.63 28.13 -14.54
N GLY B 507 9.94 27.85 -13.43
CA GLY B 507 10.12 26.61 -12.72
C GLY B 507 8.84 25.78 -12.70
N LEU B 508 8.96 24.54 -12.25
CA LEU B 508 7.82 23.64 -12.08
C LEU B 508 8.09 22.76 -10.87
N SER B 509 7.33 22.97 -9.80
CA SER B 509 7.53 22.24 -8.56
C SER B 509 6.82 20.88 -8.62
N VAL B 510 6.90 20.14 -7.52
CA VAL B 510 6.20 18.86 -7.39
C VAL B 510 4.69 19.05 -7.32
N ASP B 511 4.22 20.22 -6.88
CA ASP B 511 2.80 20.51 -6.77
C ASP B 511 2.14 20.85 -8.10
N GLY B 512 2.91 20.96 -9.18
CA GLY B 512 2.37 21.27 -10.49
C GLY B 512 2.17 22.74 -10.78
N TYR B 513 2.68 23.63 -9.94
CA TYR B 513 2.56 25.07 -10.12
C TYR B 513 3.85 25.61 -10.74
N PHE B 514 3.72 26.76 -11.39
CA PHE B 514 4.85 27.39 -12.08
C PHE B 514 5.30 28.63 -11.32
N TYR B 515 6.61 28.80 -11.20
CA TYR B 515 7.22 29.87 -10.44
C TYR B 515 8.06 30.75 -11.34
N ALA B 516 8.02 32.06 -11.12
CA ALA B 516 8.91 32.98 -11.81
C ALA B 516 9.41 34.02 -10.82
N GLY B 517 10.55 34.62 -11.13
CA GLY B 517 11.19 35.57 -10.24
C GLY B 517 10.68 37.00 -10.39
N THR B 518 9.36 37.18 -10.40
CA THR B 518 8.78 38.49 -10.66
C THR B 518 8.85 39.43 -9.46
N GLY B 519 8.72 38.94 -8.25
CA GLY B 519 8.75 39.84 -7.11
C GLY B 519 7.39 40.44 -6.86
N ALA B 520 7.34 41.71 -6.46
CA ALA B 520 6.05 42.37 -6.19
C ALA B 520 5.65 43.26 -7.37
N SER B 521 5.30 42.61 -8.49
CA SER B 521 4.76 43.32 -9.63
C SER B 521 3.63 42.51 -10.25
N THR B 522 2.64 43.22 -10.80
CA THR B 522 1.48 42.59 -11.45
C THR B 522 1.37 43.10 -12.90
N THR B 523 2.45 42.93 -13.66
CA THR B 523 2.49 43.38 -15.03
C THR B 523 2.38 42.19 -15.98
N LEU B 524 1.55 42.32 -17.01
CA LEU B 524 1.39 41.25 -17.98
C LEU B 524 2.61 41.20 -18.90
N ILE B 525 3.24 40.03 -18.96
CA ILE B 525 4.42 39.79 -19.79
C ILE B 525 3.95 39.10 -21.06
N ASP B 526 3.86 39.86 -22.15
CA ASP B 526 3.35 39.31 -23.41
C ASP B 526 4.39 38.41 -24.07
N LEU B 527 3.96 37.21 -24.44
CA LEU B 527 4.81 36.22 -25.10
C LEU B 527 4.57 36.30 -26.60
N THR B 528 5.29 37.22 -27.25
CA THR B 528 5.19 37.43 -28.69
C THR B 528 6.54 37.34 -29.38
N GLU B 529 7.61 37.78 -28.73
CA GLU B 529 8.95 37.71 -29.28
C GLU B 529 9.73 36.50 -28.78
N LEU B 530 9.07 35.56 -28.11
CA LEU B 530 9.76 34.38 -27.60
C LEU B 530 10.08 33.42 -28.74
N ILE B 531 11.32 32.94 -28.76
CA ILE B 531 11.84 32.14 -29.87
C ILE B 531 11.98 30.68 -29.48
N ASP B 532 12.78 30.37 -28.46
CA ASP B 532 13.17 29.00 -28.18
C ASP B 532 13.19 28.74 -26.68
N VAL B 533 13.10 27.46 -26.33
CA VAL B 533 13.10 27.00 -24.95
C VAL B 533 14.21 25.97 -24.80
N ARG B 534 15.08 26.18 -23.81
CA ARG B 534 16.12 25.22 -23.48
C ARG B 534 16.02 24.84 -22.00
N PRO B 535 15.85 23.56 -21.68
CA PRO B 535 15.77 23.15 -20.27
C PRO B 535 17.12 23.26 -19.58
N VAL B 536 17.08 23.34 -18.25
CA VAL B 536 18.27 23.55 -17.43
C VAL B 536 18.51 22.36 -16.49
N GLY B 537 17.60 22.11 -15.56
CA GLY B 537 17.75 21.01 -14.62
C GLY B 537 17.06 21.26 -13.30
N PRO B 538 17.38 20.46 -12.28
CA PRO B 538 16.76 20.65 -10.96
C PRO B 538 17.51 21.70 -10.14
N ARG B 539 16.80 22.76 -9.73
CA ARG B 539 17.34 23.89 -9.00
C ARG B 539 16.58 24.05 -7.69
N PRO B 540 17.26 24.38 -6.59
CA PRO B 540 16.59 24.56 -5.31
C PRO B 540 15.70 25.81 -5.30
N SER B 541 14.63 25.72 -4.50
CA SER B 541 13.61 26.76 -4.46
C SER B 541 14.08 28.06 -3.81
N LYS B 542 15.13 28.03 -3.00
CA LYS B 542 15.65 29.26 -2.40
C LYS B 542 16.41 30.12 -3.40
N SER B 543 16.91 29.53 -4.49
CA SER B 543 17.64 30.27 -5.50
C SER B 543 16.68 31.16 -6.28
N THR B 544 17.18 32.29 -6.77
CA THR B 544 16.35 33.27 -7.46
C THR B 544 16.44 33.04 -8.97
N LEU B 545 15.27 32.99 -9.62
CA LEU B 545 15.22 32.91 -11.07
C LEU B 545 15.41 34.28 -11.69
N VAL B 546 16.13 34.33 -12.81
CA VAL B 546 16.50 35.60 -13.41
C VAL B 546 15.31 36.23 -14.13
N PHE B 547 15.35 37.55 -14.24
CA PHE B 547 14.31 38.36 -14.89
C PHE B 547 14.95 39.47 -15.73
N ASN B 548 15.86 39.10 -16.62
CA ASN B 548 16.41 40.07 -17.57
C ASN B 548 15.38 40.29 -18.68
N LEU B 549 14.60 41.37 -18.57
CA LEU B 549 13.78 41.87 -19.67
C LEU B 549 14.28 43.25 -20.07
N GLY B 550 14.33 43.49 -21.38
CA GLY B 550 14.65 44.80 -21.91
C GLY B 550 13.42 45.69 -22.00
N SER C 1 47.07 -20.26 39.60
CA SER C 1 45.97 -21.20 39.39
C SER C 1 44.69 -20.70 40.05
N VAL C 2 44.02 -19.74 39.41
CA VAL C 2 42.77 -19.19 39.92
C VAL C 2 41.66 -20.22 39.76
N PRO C 3 40.71 -20.29 40.69
CA PRO C 3 39.59 -21.24 40.53
C PRO C 3 38.52 -20.67 39.62
N GLY C 4 37.58 -21.54 39.26
CA GLY C 4 36.47 -21.16 38.40
C GLY C 4 35.35 -20.41 39.08
N THR C 5 35.43 -20.21 40.40
CA THR C 5 34.39 -19.49 41.13
C THR C 5 34.55 -17.97 41.04
N THR C 6 35.68 -17.49 40.54
CA THR C 6 35.92 -16.06 40.34
C THR C 6 36.22 -15.80 38.88
N THR C 7 35.45 -14.90 38.27
CA THR C 7 35.60 -14.58 36.85
C THR C 7 35.94 -13.11 36.68
N ASP C 8 36.89 -12.85 35.78
CA ASP C 8 37.39 -11.51 35.53
C ASP C 8 36.60 -10.85 34.40
N GLY C 9 36.55 -9.51 34.42
CA GLY C 9 35.77 -8.73 33.48
C GLY C 9 36.23 -8.81 32.02
N MET C 10 37.43 -9.30 31.77
CA MET C 10 37.93 -9.52 30.41
C MET C 10 37.88 -10.99 30.00
N ASP C 11 37.38 -11.87 30.86
CA ASP C 11 37.53 -13.31 30.68
C ASP C 11 36.37 -13.87 29.87
N PRO C 12 36.61 -14.51 28.73
CA PRO C 12 35.50 -15.12 27.98
C PRO C 12 35.12 -16.52 28.46
N GLY C 13 36.03 -17.25 29.08
CA GLY C 13 35.73 -18.61 29.50
C GLY C 13 36.07 -19.60 28.41
N VAL C 14 35.17 -20.54 28.15
CA VAL C 14 35.33 -21.52 27.09
C VAL C 14 34.70 -20.96 25.81
N VAL C 15 35.46 -21.01 24.72
CA VAL C 15 35.04 -20.48 23.43
C VAL C 15 34.36 -21.62 22.67
N ALA C 16 33.06 -21.46 22.40
CA ALA C 16 32.26 -22.48 21.74
C ALA C 16 31.99 -22.04 20.30
N THR C 17 32.56 -22.76 19.35
CA THR C 17 32.47 -22.38 17.94
C THR C 17 31.28 -23.07 17.26
N THR C 18 30.95 -22.57 16.07
CA THR C 18 29.86 -23.06 15.25
C THR C 18 30.33 -22.93 13.81
N SER C 19 29.77 -23.75 12.91
CA SER C 19 30.25 -23.84 11.53
C SER C 19 30.03 -22.56 10.72
N VAL C 20 29.22 -21.61 11.21
CA VAL C 20 29.07 -20.34 10.53
C VAL C 20 30.26 -19.41 10.71
N VAL C 21 31.16 -19.71 11.65
CA VAL C 21 32.35 -18.90 11.88
C VAL C 21 33.45 -19.46 10.98
N THR C 22 33.73 -18.75 9.88
CA THR C 22 34.71 -19.17 8.90
C THR C 22 35.66 -18.02 8.62
N ALA C 23 36.85 -18.36 8.11
CA ALA C 23 37.88 -17.36 7.85
C ALA C 23 37.54 -16.52 6.62
N GLU C 24 36.93 -17.14 5.61
CA GLU C 24 36.60 -16.41 4.39
C GLU C 24 35.47 -15.41 4.61
N ASN C 25 34.59 -15.68 5.59
CA ASN C 25 33.62 -14.69 6.03
C ASN C 25 34.31 -13.42 6.53
N SER C 26 35.32 -13.57 7.40
CA SER C 26 36.03 -12.43 7.95
C SER C 26 36.81 -11.67 6.88
N SER C 27 37.48 -12.40 5.99
CA SER C 27 38.27 -11.75 4.95
C SER C 27 37.39 -11.02 3.95
N ALA C 28 36.27 -11.63 3.54
CA ALA C 28 35.32 -10.98 2.66
C ALA C 28 34.67 -9.77 3.32
N SER C 29 34.35 -9.87 4.62
CA SER C 29 33.73 -8.78 5.35
C SER C 29 34.66 -7.55 5.43
N ILE C 30 35.94 -7.77 5.75
CA ILE C 30 36.88 -6.66 5.82
C ILE C 30 37.13 -6.07 4.44
N ALA C 31 37.38 -6.93 3.44
CA ALA C 31 37.72 -6.45 2.11
C ALA C 31 36.54 -5.80 1.39
N THR C 32 35.31 -6.07 1.81
CA THR C 32 34.19 -5.39 1.18
C THR C 32 33.67 -4.22 2.02
N ALA C 33 34.02 -4.16 3.31
CA ALA C 33 33.75 -2.95 4.07
C ALA C 33 34.78 -1.88 3.80
N GLY C 34 35.89 -2.24 3.16
CA GLY C 34 36.86 -1.26 2.70
C GLY C 34 36.41 -0.20 1.70
N ILE C 35 35.19 -0.32 1.15
CA ILE C 35 34.67 0.74 0.29
C ILE C 35 34.17 1.95 1.09
N GLY C 36 34.00 1.80 2.39
CA GLY C 36 33.73 2.96 3.22
C GLY C 36 34.96 3.71 3.68
N GLY C 37 36.14 3.30 3.23
CA GLY C 37 37.38 3.92 3.62
C GLY C 37 38.11 3.10 4.66
N PRO C 38 39.06 3.72 5.36
CA PRO C 38 39.76 3.01 6.43
C PRO C 38 38.84 2.79 7.62
N PRO C 39 39.06 1.73 8.39
CA PRO C 39 38.23 1.51 9.59
C PRO C 39 38.51 2.51 10.69
N GLN C 40 37.46 2.84 11.44
CA GLN C 40 37.52 3.82 12.52
C GLN C 40 37.17 3.14 13.84
N GLN C 41 37.74 3.70 14.92
CA GLN C 41 37.56 3.23 16.32
C GLN C 41 37.97 1.77 16.48
N VAL C 42 39.20 1.45 16.06
CA VAL C 42 39.68 0.08 16.04
C VAL C 42 40.91 -0.10 16.92
N ASP C 43 41.10 0.77 17.91
CA ASP C 43 42.23 0.63 18.83
C ASP C 43 41.95 -0.50 19.81
N GLN C 44 42.88 -1.45 19.89
CA GLN C 44 42.64 -2.70 20.60
C GLN C 44 42.85 -2.61 22.10
N GLN C 45 43.46 -1.54 22.60
CA GLN C 45 43.74 -1.39 24.02
C GLN C 45 42.72 -0.50 24.73
N GLU C 46 41.65 -0.09 24.05
CA GLU C 46 40.65 0.77 24.66
C GLU C 46 39.79 -0.01 25.64
N THR C 47 39.37 0.66 26.71
CA THR C 47 38.62 0.01 27.79
C THR C 47 37.22 -0.38 27.34
N TRP C 48 36.61 0.38 26.43
CA TRP C 48 35.26 0.06 25.96
C TRP C 48 35.20 -1.17 25.06
N ARG C 49 36.34 -1.63 24.53
CA ARG C 49 36.38 -2.81 23.69
C ARG C 49 36.75 -4.08 24.43
N THR C 50 37.55 -3.99 25.49
CA THR C 50 38.12 -5.17 26.12
C THR C 50 37.21 -5.83 27.14
N ASN C 51 36.27 -5.10 27.72
CA ASN C 51 35.44 -5.62 28.81
C ASN C 51 34.06 -6.04 28.30
N PHE C 52 33.46 -7.00 29.00
CA PHE C 52 32.08 -7.38 28.78
C PHE C 52 31.17 -6.48 29.60
N TYR C 53 29.99 -6.18 29.07
CA TYR C 53 29.02 -5.33 29.74
C TYR C 53 27.62 -5.94 29.64
N TYR C 54 26.78 -5.60 30.61
CA TYR C 54 25.53 -6.31 30.85
C TYR C 54 24.51 -6.07 29.75
N ASN C 55 23.80 -7.15 29.38
CA ASN C 55 22.73 -7.08 28.38
C ASN C 55 21.37 -7.50 28.92
N ASP C 56 21.25 -8.69 29.50
CA ASP C 56 19.94 -9.23 29.87
C ASP C 56 20.08 -10.33 30.90
N VAL C 57 18.93 -10.79 31.41
CA VAL C 57 18.84 -11.96 32.28
C VAL C 57 17.48 -12.62 32.03
N PHE C 58 17.46 -13.95 32.01
CA PHE C 58 16.21 -14.70 31.81
C PHE C 58 16.16 -15.91 32.74
N THR C 59 14.99 -16.53 32.81
CA THR C 59 14.69 -17.59 33.76
C THR C 59 14.41 -18.90 33.02
N TRP C 60 14.93 -20.00 33.58
CA TRP C 60 14.74 -21.35 33.05
C TRP C 60 14.14 -22.21 34.14
N SER C 61 12.89 -22.65 33.94
CA SER C 61 12.16 -23.45 34.91
C SER C 61 11.98 -24.88 34.41
N VAL C 62 11.50 -25.74 35.29
CA VAL C 62 11.38 -27.17 34.98
C VAL C 62 10.20 -27.50 34.07
N ALA C 63 9.27 -26.57 33.89
CA ALA C 63 8.06 -26.82 33.13
C ALA C 63 8.20 -26.52 31.64
N ASP C 64 9.39 -26.10 31.19
CA ASP C 64 9.60 -25.74 29.80
C ASP C 64 9.93 -26.99 28.98
N ALA C 65 9.11 -27.27 27.98
CA ALA C 65 9.28 -28.43 27.12
C ALA C 65 10.52 -28.25 26.24
N PRO C 66 11.11 -29.35 25.74
CA PRO C 66 12.21 -29.22 24.77
C PRO C 66 11.74 -28.56 23.48
N GLY C 67 12.57 -27.65 22.98
CA GLY C 67 12.22 -26.82 21.85
C GLY C 67 11.64 -25.47 22.20
N SER C 68 11.45 -25.17 23.49
CA SER C 68 10.94 -23.87 23.89
C SER C 68 12.02 -22.81 23.81
N ILE C 69 11.65 -21.63 23.33
CA ILE C 69 12.60 -20.54 23.10
C ILE C 69 12.70 -19.69 24.35
N LEU C 70 13.93 -19.50 24.84
CA LEU C 70 14.18 -18.75 26.07
C LEU C 70 14.75 -17.36 25.84
N TYR C 71 15.49 -17.13 24.76
CA TYR C 71 16.16 -15.85 24.55
C TYR C 71 16.51 -15.69 23.08
N THR C 72 16.17 -14.53 22.51
CA THR C 72 16.57 -14.15 21.15
C THR C 72 17.16 -12.75 21.16
N VAL C 73 18.05 -12.49 20.20
CA VAL C 73 18.62 -11.16 20.02
C VAL C 73 18.96 -10.96 18.54
N GLN C 74 18.62 -9.79 18.02
CA GLN C 74 18.93 -9.40 16.65
C GLN C 74 20.27 -8.69 16.59
N HIS C 75 20.96 -8.83 15.45
CA HIS C 75 22.30 -8.28 15.30
C HIS C 75 22.23 -6.78 15.09
N SER C 76 22.86 -6.01 15.97
CA SER C 76 22.78 -4.55 15.96
C SER C 76 23.90 -4.00 16.84
N PRO C 77 24.36 -2.78 16.58
CA PRO C 77 25.23 -2.10 17.55
C PRO C 77 24.50 -1.44 18.70
N GLN C 78 23.20 -1.66 18.85
CA GLN C 78 22.46 -1.18 20.01
C GLN C 78 22.48 -2.16 21.17
N ASN C 79 23.10 -3.33 20.99
CA ASN C 79 23.18 -4.33 22.05
C ASN C 79 24.30 -4.03 23.06
N ASN C 80 25.23 -3.16 22.71
CA ASN C 80 26.31 -2.72 23.58
C ASN C 80 26.10 -1.27 23.98
N PRO C 81 26.37 -0.89 25.24
CA PRO C 81 26.15 0.50 25.66
C PRO C 81 27.09 1.51 25.01
N PHE C 82 28.24 1.09 24.51
CA PHE C 82 29.23 2.03 24.01
C PHE C 82 29.31 2.11 22.49
N THR C 83 28.91 1.07 21.78
CA THR C 83 28.78 1.19 20.33
C THR C 83 27.47 1.86 19.91
N ALA C 84 26.55 2.07 20.85
CA ALA C 84 25.36 2.85 20.56
C ALA C 84 25.62 4.35 20.66
N VAL C 85 26.54 4.76 21.54
CA VAL C 85 26.94 6.15 21.62
C VAL C 85 27.79 6.54 20.41
N LEU C 86 28.72 5.65 20.00
CA LEU C 86 29.62 5.95 18.91
C LEU C 86 28.95 5.94 17.54
N SER C 87 27.73 5.42 17.42
CA SER C 87 27.05 5.39 16.14
C SER C 87 26.41 6.73 15.77
N GLN C 88 26.44 7.71 16.67
CA GLN C 88 25.90 9.04 16.38
C GLN C 88 26.82 9.89 15.51
N MET C 89 28.06 9.46 15.29
CA MET C 89 29.02 10.24 14.51
C MET C 89 29.51 9.49 13.28
N TYR C 90 28.82 8.43 12.87
CA TYR C 90 29.24 7.63 11.72
C TYR C 90 28.02 7.22 10.91
N ALA C 91 28.27 6.84 9.66
CA ALA C 91 27.23 6.54 8.70
C ALA C 91 27.21 5.07 8.28
N GLY C 92 28.07 4.24 8.86
CA GLY C 92 28.08 2.84 8.51
C GLY C 92 28.79 2.01 9.56
N TRP C 93 28.52 0.71 9.53
CA TRP C 93 29.15 -0.22 10.46
C TRP C 93 29.17 -1.62 9.83
N ALA C 94 30.11 -2.43 10.29
CA ALA C 94 30.28 -3.80 9.82
C ALA C 94 31.06 -4.60 10.86
N GLY C 95 30.74 -5.88 11.00
CA GLY C 95 31.45 -6.74 11.92
C GLY C 95 30.56 -7.57 12.83
N GLY C 96 31.17 -8.34 13.73
CA GLY C 96 30.45 -9.24 14.61
C GLY C 96 30.47 -8.82 16.07
N MET C 97 29.91 -9.71 16.90
CA MET C 97 29.81 -9.49 18.34
C MET C 97 29.93 -10.82 19.07
N GLN C 98 30.39 -10.75 20.30
CA GLN C 98 30.53 -11.90 21.18
C GLN C 98 29.52 -11.82 22.31
N PHE C 99 28.94 -12.96 22.68
CA PHE C 99 27.93 -13.03 23.73
C PHE C 99 28.37 -14.04 24.78
N ARG C 100 28.44 -13.59 26.03
CA ARG C 100 28.91 -14.40 27.15
C ARG C 100 27.72 -14.81 28.02
N PHE C 101 27.63 -16.08 28.37
CA PHE C 101 26.54 -16.63 29.15
C PHE C 101 27.08 -17.20 30.46
N ILE C 102 26.42 -16.86 31.57
CA ILE C 102 26.76 -17.40 32.88
C ILE C 102 25.50 -18.04 33.45
N VAL C 103 25.58 -19.33 33.75
CA VAL C 103 24.47 -20.09 34.30
C VAL C 103 24.65 -20.17 35.81
N ALA C 104 23.63 -19.75 36.57
CA ALA C 104 23.69 -19.75 38.03
C ALA C 104 22.95 -20.98 38.55
N GLY C 105 23.65 -22.11 38.58
CA GLY C 105 23.12 -23.34 39.10
C GLY C 105 24.08 -23.98 40.09
N SER C 106 23.77 -25.23 40.43
CA SER C 106 24.61 -26.04 41.30
C SER C 106 24.90 -27.38 40.62
N GLY C 107 25.70 -28.20 41.30
CA GLY C 107 26.09 -29.51 40.81
C GLY C 107 25.09 -30.62 41.04
N VAL C 108 23.89 -30.29 41.54
CA VAL C 108 22.87 -31.29 41.80
C VAL C 108 21.77 -31.28 40.75
N PHE C 109 21.71 -30.27 39.88
CA PHE C 109 20.66 -30.15 38.89
C PHE C 109 21.00 -30.97 37.64
N GLY C 110 19.99 -31.12 36.78
CA GLY C 110 20.18 -31.73 35.49
C GLY C 110 19.49 -30.91 34.40
N GLY C 111 19.80 -31.25 33.15
CA GLY C 111 19.21 -30.55 32.02
C GLY C 111 20.23 -29.81 31.18
N ARG C 112 19.91 -29.57 29.90
CA ARG C 112 20.83 -28.97 28.97
C ARG C 112 20.10 -27.96 28.08
N LEU C 113 20.88 -27.02 27.54
CA LEU C 113 20.41 -25.98 26.64
C LEU C 113 21.08 -26.12 25.28
N VAL C 114 20.63 -25.32 24.31
CA VAL C 114 21.13 -25.40 22.94
C VAL C 114 21.12 -23.99 22.33
N ALA C 115 22.19 -23.66 21.59
CA ALA C 115 22.33 -22.34 20.99
C ALA C 115 22.76 -22.47 19.53
N ALA C 116 22.20 -21.62 18.67
CA ALA C 116 22.54 -21.63 17.25
C ALA C 116 22.35 -20.24 16.65
N VAL C 117 23.00 -20.02 15.51
CA VAL C 117 22.91 -18.77 14.77
C VAL C 117 22.03 -18.99 13.55
N ILE C 118 21.04 -18.12 13.36
CA ILE C 118 20.05 -18.24 12.31
C ILE C 118 20.40 -17.26 11.21
N PRO C 119 20.57 -17.70 9.95
CA PRO C 119 20.87 -16.78 8.84
C PRO C 119 19.68 -15.89 8.51
N PRO C 120 19.91 -14.74 7.88
CA PRO C 120 18.79 -13.86 7.50
C PRO C 120 17.89 -14.48 6.43
N GLY C 121 16.62 -14.07 6.46
CA GLY C 121 15.60 -14.59 5.59
C GLY C 121 14.71 -15.64 6.22
N ILE C 122 14.99 -16.03 7.46
CA ILE C 122 14.27 -17.09 8.16
C ILE C 122 13.46 -16.48 9.28
N GLU C 123 12.19 -16.87 9.37
CA GLU C 123 11.29 -16.34 10.38
C GLU C 123 11.58 -16.94 11.75
N ILE C 124 11.73 -16.08 12.76
CA ILE C 124 12.03 -16.51 14.13
C ILE C 124 10.74 -16.52 14.92
N GLY C 125 10.43 -17.67 15.53
CA GLY C 125 9.23 -17.83 16.31
C GLY C 125 9.06 -19.25 16.81
N PRO C 126 7.88 -19.57 17.33
CA PRO C 126 7.60 -20.96 17.71
C PRO C 126 7.56 -21.86 16.48
N GLY C 127 8.04 -23.09 16.66
CA GLY C 127 8.22 -24.00 15.55
C GLY C 127 9.57 -23.94 14.88
N LEU C 128 10.43 -23.01 15.28
CA LEU C 128 11.79 -22.97 14.76
C LEU C 128 12.59 -24.07 15.45
N GLU C 129 13.09 -25.01 14.65
CA GLU C 129 13.75 -26.20 15.20
C GLU C 129 15.23 -25.88 15.27
N VAL C 130 15.73 -25.64 16.49
CA VAL C 130 17.11 -25.22 16.68
C VAL C 130 18.09 -26.40 16.60
N ARG C 131 17.66 -27.59 17.00
CA ARG C 131 18.54 -28.75 17.06
C ARG C 131 18.87 -29.34 15.69
N GLN C 132 18.25 -28.87 14.62
CA GLN C 132 18.61 -29.26 13.27
C GLN C 132 19.37 -28.16 12.53
N PHE C 133 19.95 -27.23 13.26
CA PHE C 133 20.98 -26.31 12.82
C PHE C 133 22.33 -26.78 13.39
N PRO C 134 23.44 -26.23 12.92
CA PRO C 134 24.71 -26.43 13.67
C PRO C 134 24.65 -25.71 15.01
N HIS C 135 24.82 -26.47 16.10
CA HIS C 135 24.50 -25.96 17.42
C HIS C 135 25.57 -26.37 18.44
N VAL C 136 25.46 -25.77 19.63
CA VAL C 136 26.30 -26.06 20.79
C VAL C 136 25.39 -26.39 21.96
N VAL C 137 25.74 -27.42 22.72
CA VAL C 137 24.96 -27.86 23.88
C VAL C 137 25.72 -27.47 25.16
N ILE C 138 25.02 -26.82 26.08
CA ILE C 138 25.59 -26.31 27.32
C ILE C 138 24.85 -26.92 28.51
N ASP C 139 25.61 -27.49 29.45
CA ASP C 139 25.04 -28.15 30.62
C ASP C 139 24.64 -27.13 31.68
N ALA C 140 23.69 -27.51 32.53
CA ALA C 140 23.24 -26.68 33.63
C ALA C 140 24.23 -26.64 34.79
N ARG C 141 25.22 -27.52 34.82
CA ARG C 141 26.20 -27.58 35.89
C ARG C 141 27.50 -26.87 35.55
N SER C 142 27.52 -26.08 34.48
CA SER C 142 28.73 -25.40 34.06
C SER C 142 29.06 -24.24 34.99
N LEU C 143 30.34 -24.14 35.36
CA LEU C 143 30.82 -23.14 36.32
C LEU C 143 31.50 -21.95 35.65
N GLU C 144 32.32 -22.19 34.63
CA GLU C 144 32.90 -21.13 33.83
C GLU C 144 31.91 -20.60 32.81
N PRO C 145 32.04 -19.35 32.37
CA PRO C 145 31.18 -18.83 31.31
C PRO C 145 31.50 -19.43 29.96
N VAL C 146 30.50 -19.43 29.08
CA VAL C 146 30.62 -19.91 27.70
C VAL C 146 30.31 -18.75 26.77
N THR C 147 31.19 -18.52 25.80
CA THR C 147 31.05 -17.42 24.84
C THR C 147 31.01 -17.98 23.43
N ILE C 148 29.98 -17.60 22.67
CA ILE C 148 29.91 -17.89 21.23
C ILE C 148 29.87 -16.56 20.49
N THR C 149 30.26 -16.59 19.22
CA THR C 149 30.38 -15.39 18.40
C THR C 149 29.36 -15.42 17.27
N MET C 150 28.63 -14.31 17.08
CA MET C 150 27.74 -14.15 15.96
C MET C 150 28.43 -13.32 14.89
N PRO C 151 28.72 -13.86 13.71
CA PRO C 151 29.39 -13.09 12.67
C PRO C 151 28.39 -12.24 11.88
N ASP C 152 28.92 -11.52 10.90
CA ASP C 152 28.11 -10.64 10.06
C ASP C 152 27.81 -11.37 8.74
N LEU C 153 26.59 -11.88 8.63
CA LEU C 153 26.11 -12.54 7.41
C LEU C 153 25.12 -11.58 6.75
N ARG C 154 25.62 -10.80 5.80
CA ARG C 154 24.82 -9.74 5.20
C ARG C 154 24.89 -9.78 3.68
N PRO C 155 23.85 -9.34 2.99
CA PRO C 155 23.91 -9.18 1.53
C PRO C 155 24.35 -7.81 1.04
N ASN C 156 24.70 -6.88 1.92
CA ASN C 156 25.22 -5.57 1.55
C ASN C 156 26.73 -5.53 1.77
N MET C 157 27.34 -4.41 1.36
CA MET C 157 28.77 -4.23 1.60
C MET C 157 29.05 -3.56 2.94
N TYR C 158 28.08 -2.80 3.46
CA TYR C 158 28.11 -2.31 4.84
C TYR C 158 26.67 -2.03 5.25
N HIS C 159 26.48 -1.77 6.53
CA HIS C 159 25.16 -1.44 7.05
C HIS C 159 25.06 0.06 7.21
N PRO C 160 24.23 0.77 6.44
CA PRO C 160 23.92 2.16 6.77
C PRO C 160 23.20 2.26 8.11
N THR C 161 23.42 3.38 8.80
CA THR C 161 22.99 3.52 10.18
C THR C 161 21.47 3.62 10.30
N GLY C 162 20.83 4.38 9.42
CA GLY C 162 19.39 4.44 9.38
C GLY C 162 18.74 3.15 8.90
N ASP C 163 19.32 2.54 7.86
CA ASP C 163 18.78 1.35 7.19
C ASP C 163 19.86 0.27 7.11
N PRO C 164 19.97 -0.58 8.14
CA PRO C 164 21.02 -1.62 8.09
C PRO C 164 20.76 -2.72 7.07
N GLY C 165 19.55 -3.27 7.02
CA GLY C 165 19.21 -4.35 6.12
C GLY C 165 18.97 -5.64 6.86
N LEU C 166 19.34 -6.75 6.21
CA LEU C 166 19.11 -8.07 6.77
C LEU C 166 20.26 -8.47 7.70
N VAL C 167 19.91 -9.04 8.84
CA VAL C 167 20.88 -9.38 9.89
C VAL C 167 20.59 -10.79 10.42
N PRO C 168 21.58 -11.49 10.95
CA PRO C 168 21.32 -12.77 11.62
C PRO C 168 20.78 -12.58 13.03
N THR C 169 20.34 -13.70 13.62
CA THR C 169 19.69 -13.70 14.91
C THR C 169 20.22 -14.86 15.74
N LEU C 170 20.48 -14.62 17.03
CA LEU C 170 20.96 -15.64 17.95
C LEU C 170 19.81 -16.12 18.82
N VAL C 171 19.56 -17.43 18.82
CA VAL C 171 18.44 -18.04 19.51
C VAL C 171 18.96 -19.11 20.46
N LEU C 172 18.47 -19.09 21.70
CA LEU C 172 18.79 -20.09 22.72
C LEU C 172 17.50 -20.80 23.11
N SER C 173 17.55 -22.14 23.13
CA SER C 173 16.38 -22.99 23.29
C SER C 173 16.67 -24.02 24.37
N VAL C 174 15.71 -24.93 24.57
CA VAL C 174 15.81 -25.97 25.60
C VAL C 174 16.12 -27.30 24.93
N TYR C 175 17.22 -27.93 25.33
CA TYR C 175 17.61 -29.25 24.84
C TYR C 175 16.90 -30.37 25.60
N ASN C 176 17.10 -30.42 26.92
CA ASN C 176 16.42 -31.36 27.78
C ASN C 176 15.84 -30.61 28.97
N ASN C 177 14.84 -31.23 29.62
CA ASN C 177 14.15 -30.60 30.74
C ASN C 177 15.06 -30.41 31.94
N LEU C 178 14.85 -29.31 32.67
CA LEU C 178 15.54 -29.08 33.92
C LEU C 178 15.02 -30.05 34.97
N ILE C 179 15.92 -30.66 35.73
CA ILE C 179 15.57 -31.67 36.72
C ILE C 179 16.10 -31.26 38.09
N ASN C 180 15.21 -31.26 39.07
CA ASN C 180 15.59 -31.15 40.48
C ASN C 180 15.31 -32.50 41.14
N PRO C 181 16.33 -33.27 41.53
CA PRO C 181 16.06 -34.60 42.10
C PRO C 181 15.44 -34.56 43.48
N PHE C 182 15.59 -33.47 44.23
CA PHE C 182 14.93 -33.36 45.52
C PHE C 182 13.43 -33.16 45.37
N GLY C 183 13.03 -32.26 44.48
CA GLY C 183 11.63 -31.95 44.28
C GLY C 183 11.07 -31.02 45.34
N GLY C 184 10.25 -30.06 44.93
CA GLY C 184 9.68 -29.14 45.89
C GLY C 184 9.39 -27.80 45.24
N SER C 185 9.67 -26.74 45.99
CA SER C 185 9.37 -25.38 45.56
C SER C 185 10.50 -24.73 44.77
N THR C 186 11.72 -25.23 44.87
CA THR C 186 12.87 -24.62 44.19
C THR C 186 12.99 -25.26 42.82
N SER C 187 12.32 -24.65 41.83
CA SER C 187 12.46 -25.09 40.44
C SER C 187 12.53 -23.87 39.50
N ALA C 188 13.72 -23.27 39.42
CA ALA C 188 14.10 -22.19 38.51
C ALA C 188 15.57 -21.88 38.72
N ILE C 189 16.26 -21.50 37.64
CA ILE C 189 17.58 -20.90 37.71
C ILE C 189 17.60 -19.71 36.76
N GLN C 190 18.69 -18.94 36.82
CA GLN C 190 18.83 -17.71 36.04
C GLN C 190 20.11 -17.74 35.22
N VAL C 191 20.05 -17.17 34.02
CA VAL C 191 21.19 -17.04 33.12
C VAL C 191 21.35 -15.57 32.77
N THR C 192 22.58 -15.06 32.82
CA THR C 192 22.90 -13.67 32.50
C THR C 192 23.68 -13.61 31.18
N VAL C 193 23.34 -12.64 30.34
CA VAL C 193 23.99 -12.43 29.05
C VAL C 193 24.77 -11.12 29.11
N GLU C 194 26.00 -11.13 28.60
CA GLU C 194 26.81 -9.94 28.43
C GLU C 194 27.36 -9.91 27.00
N THR C 195 27.93 -8.76 26.62
CA THR C 195 28.29 -8.54 25.23
C THR C 195 29.61 -7.77 25.15
N ARG C 196 30.31 -7.94 24.01
CA ARG C 196 31.59 -7.33 23.72
C ARG C 196 31.78 -7.32 22.22
N PRO C 197 32.31 -6.26 21.62
CA PRO C 197 32.61 -6.29 20.18
C PRO C 197 33.72 -7.28 19.85
N SER C 198 33.64 -7.83 18.64
CA SER C 198 34.66 -8.75 18.16
C SER C 198 35.80 -7.96 17.53
N GLU C 199 36.83 -8.68 17.07
CA GLU C 199 38.06 -8.05 16.60
C GLU C 199 37.93 -7.34 15.25
N ASP C 200 36.82 -7.53 14.53
CA ASP C 200 36.66 -6.93 13.22
C ASP C 200 35.48 -5.96 13.14
N PHE C 201 34.92 -5.54 14.27
CA PHE C 201 33.88 -4.52 14.26
C PHE C 201 34.48 -3.14 14.06
N GLU C 202 33.89 -2.36 13.14
CA GLU C 202 34.40 -1.04 12.81
C GLU C 202 33.28 -0.16 12.27
N PHE C 203 33.55 1.14 12.25
CA PHE C 203 32.74 2.16 11.60
C PHE C 203 33.54 2.70 10.41
N VAL C 204 32.87 3.43 9.51
CA VAL C 204 33.58 3.84 8.29
C VAL C 204 33.58 5.35 8.03
N MET C 205 32.43 5.97 7.82
CA MET C 205 32.36 7.32 7.26
C MET C 205 31.86 8.31 8.31
N ILE C 206 32.69 9.31 8.61
CA ILE C 206 32.34 10.29 9.63
C ILE C 206 31.32 11.28 9.07
N ARG C 207 30.48 11.80 9.96
CA ARG C 207 29.44 12.75 9.57
C ARG C 207 29.14 13.65 10.76
N ALA C 208 28.44 14.75 10.49
CA ALA C 208 28.09 15.69 11.53
C ALA C 208 27.02 15.09 12.45
N PRO C 209 27.12 15.29 13.76
CA PRO C 209 26.04 14.86 14.66
C PRO C 209 24.73 15.61 14.49
N SER C 210 24.75 16.79 13.87
CA SER C 210 23.55 17.57 13.62
C SER C 210 22.82 17.14 12.34
N SER C 211 23.19 15.98 11.78
CA SER C 211 22.49 15.29 10.71
C SER C 211 21.28 14.56 11.29
N LYS C 212 20.83 13.50 10.61
CA LYS C 212 19.80 12.61 11.16
C LYS C 212 20.14 12.16 12.58
N THR C 213 19.33 12.63 13.53
CA THR C 213 19.65 12.59 14.94
C THR C 213 19.37 11.21 15.54
N VAL C 214 19.45 11.11 16.86
CA VAL C 214 19.21 9.85 17.54
C VAL C 214 17.72 9.59 17.75
N ASP C 215 16.88 10.60 17.57
CA ASP C 215 15.43 10.42 17.69
C ASP C 215 14.77 10.01 16.38
N SER C 216 15.53 9.92 15.29
CA SER C 216 15.00 9.46 14.02
C SER C 216 15.44 8.06 13.64
N ILE C 217 16.25 7.41 14.47
CA ILE C 217 16.76 6.08 14.15
C ILE C 217 15.97 4.99 14.89
N SER C 218 15.89 5.09 16.21
CA SER C 218 15.12 4.14 17.01
C SER C 218 14.24 4.92 17.98
N PRO C 219 13.04 4.39 18.30
CA PRO C 219 12.19 5.08 19.28
C PRO C 219 12.48 4.66 20.72
N ALA C 220 13.76 4.58 21.10
CA ALA C 220 14.12 4.18 22.45
C ALA C 220 13.95 5.30 23.46
N GLY C 221 14.27 6.54 23.08
CA GLY C 221 14.15 7.68 23.95
C GLY C 221 12.77 8.29 24.03
N LEU C 222 11.79 7.70 23.33
CA LEU C 222 10.43 8.24 23.39
C LEU C 222 9.75 7.87 24.70
N LEU C 223 10.14 6.78 25.33
CA LEU C 223 9.61 6.34 26.61
C LEU C 223 10.75 6.32 27.62
N THR C 224 10.76 7.30 28.52
CA THR C 224 11.78 7.41 29.55
C THR C 224 11.12 7.29 30.92
N THR C 225 11.95 7.37 31.96
CA THR C 225 11.50 7.28 33.34
C THR C 225 10.57 8.43 33.79
N PRO C 226 10.82 9.72 33.52
CA PRO C 226 9.84 10.73 33.96
C PRO C 226 8.53 10.73 33.18
N VAL C 227 8.47 10.07 32.02
CA VAL C 227 7.24 10.03 31.22
C VAL C 227 6.16 9.24 31.95
N LEU C 228 6.52 8.11 32.52
CA LEU C 228 5.57 7.27 33.24
C LEU C 228 5.52 7.55 34.74
N THR C 229 6.34 8.49 35.25
CA THR C 229 6.36 8.76 36.68
C THR C 229 5.58 10.02 37.05
N GLY C 230 5.95 11.18 36.49
CA GLY C 230 5.30 12.40 36.91
C GLY C 230 5.14 13.52 35.88
N VAL C 231 5.50 13.29 34.63
CA VAL C 231 5.48 14.33 33.61
C VAL C 231 4.42 14.06 32.54
N GLY C 232 4.34 12.81 32.07
CA GLY C 232 3.51 12.51 30.92
C GLY C 232 2.02 12.51 31.24
N ASN C 233 1.24 12.77 30.21
CA ASN C 233 -0.21 12.75 30.27
C ASN C 233 -0.74 11.70 29.30
N ASP C 234 -2.05 11.51 29.30
CA ASP C 234 -2.65 10.61 28.32
C ASP C 234 -3.26 11.40 27.15
N ASN C 235 -3.50 10.69 26.05
CA ASN C 235 -3.88 11.30 24.78
C ASN C 235 -5.39 11.47 24.62
N ARG C 236 -6.17 11.20 25.66
CA ARG C 236 -7.62 11.38 25.60
C ARG C 236 -8.14 12.41 26.59
N TRP C 237 -7.66 12.39 27.83
CA TRP C 237 -8.19 13.23 28.89
C TRP C 237 -7.26 14.33 29.35
N ASN C 238 -6.00 14.33 28.89
CA ASN C 238 -4.95 15.26 29.31
C ASN C 238 -4.76 15.25 30.84
N GLY C 239 -4.61 14.05 31.39
CA GLY C 239 -4.46 13.89 32.82
C GLY C 239 -3.26 13.04 33.16
N GLN C 240 -2.85 13.14 34.43
CA GLN C 240 -1.64 12.49 34.91
C GLN C 240 -1.77 10.96 34.88
N ILE C 241 -0.82 10.30 34.22
CA ILE C 241 -0.83 8.84 34.13
C ILE C 241 -0.40 8.26 35.46
N VAL C 242 -1.27 7.43 36.05
CA VAL C 242 -1.01 6.82 37.34
C VAL C 242 -0.84 5.31 37.24
N GLY C 243 -1.59 4.66 36.34
CA GLY C 243 -1.54 3.21 36.26
C GLY C 243 -1.67 2.63 34.86
N LEU C 244 -1.75 1.30 34.78
CA LEU C 244 -1.92 0.57 33.53
C LEU C 244 -3.15 -0.32 33.63
N GLN C 245 -3.98 -0.30 32.59
CA GLN C 245 -5.24 -1.02 32.59
C GLN C 245 -5.25 -2.11 31.51
N PRO C 246 -5.22 -3.39 31.88
CA PRO C 246 -5.27 -4.44 30.85
C PRO C 246 -6.66 -4.60 30.26
N VAL C 247 -6.71 -4.82 28.95
CA VAL C 247 -7.94 -5.05 28.23
C VAL C 247 -7.86 -6.44 27.58
N PRO C 248 -8.39 -7.48 28.23
CA PRO C 248 -8.25 -8.84 27.69
C PRO C 248 -9.10 -9.12 26.46
N GLY C 249 -10.06 -8.26 26.13
CA GLY C 249 -10.89 -8.49 24.97
C GLY C 249 -10.33 -7.88 23.70
N GLY C 250 -9.91 -6.62 23.78
CA GLY C 250 -9.38 -5.92 22.63
C GLY C 250 -10.11 -4.63 22.35
N PHE C 251 -9.47 -3.70 21.65
CA PHE C 251 -10.07 -2.41 21.36
C PHE C 251 -9.39 -1.82 20.13
N SER C 252 -10.00 -0.76 19.60
CA SER C 252 -9.44 0.00 18.49
C SER C 252 -9.64 1.48 18.76
N THR C 253 -8.55 2.24 18.75
CA THR C 253 -8.58 3.67 19.01
C THR C 253 -8.05 4.40 17.79
N CYS C 254 -8.83 5.35 17.29
CA CYS C 254 -8.52 6.04 16.04
C CYS C 254 -8.08 7.49 16.23
N ASN C 255 -8.78 8.25 17.06
CA ASN C 255 -8.54 9.69 17.16
C ASN C 255 -7.33 9.98 18.03
N ARG C 256 -6.48 10.91 17.55
CA ARG C 256 -5.24 11.34 18.20
C ARG C 256 -4.30 10.16 18.47
N HIS C 257 -4.21 9.26 17.48
CA HIS C 257 -3.41 8.04 17.58
C HIS C 257 -2.50 7.97 16.35
N TRP C 258 -1.23 7.65 16.58
CA TRP C 258 -0.24 7.61 15.52
C TRP C 258 0.42 6.25 15.46
N ASN C 259 0.67 5.77 14.24
CA ASN C 259 1.37 4.51 14.04
C ASN C 259 2.87 4.76 13.93
N LEU C 260 3.61 3.75 13.47
CA LEU C 260 5.06 3.85 13.31
C LEU C 260 5.44 4.25 11.89
N ASN C 261 4.48 4.83 11.15
CA ASN C 261 4.70 5.30 9.80
C ASN C 261 4.56 6.82 9.70
N GLY C 262 4.41 7.52 10.81
CA GLY C 262 4.15 8.95 10.80
C GLY C 262 2.81 9.32 10.21
N SER C 263 1.77 8.56 10.54
CA SER C 263 0.46 8.72 9.94
C SER C 263 -0.62 8.53 11.00
N THR C 264 -1.77 9.17 10.77
CA THR C 264 -2.90 9.05 11.66
C THR C 264 -4.15 8.76 10.83
N TYR C 265 -5.13 8.12 11.45
CA TYR C 265 -6.43 7.92 10.86
C TYR C 265 -7.51 8.79 11.48
N GLY C 266 -7.17 9.56 12.52
CA GLY C 266 -8.14 10.34 13.26
C GLY C 266 -8.36 11.72 12.68
N TRP C 267 -8.91 12.60 13.52
CA TRP C 267 -9.27 13.95 13.10
C TRP C 267 -8.73 15.02 14.05
N SER C 268 -7.70 14.72 14.82
CA SER C 268 -7.16 15.65 15.81
C SER C 268 -5.65 15.75 15.70
N SER C 269 -5.14 16.97 15.94
CA SER C 269 -3.72 17.20 16.11
C SER C 269 -3.27 16.67 17.48
N PRO C 270 -1.95 16.42 17.66
CA PRO C 270 -1.47 15.99 18.99
C PRO C 270 -1.32 17.13 19.99
N ARG C 271 -2.42 17.81 20.31
CA ARG C 271 -2.43 18.88 21.29
C ARG C 271 -3.85 19.06 21.78
N PHE C 272 -3.99 19.70 22.95
CA PHE C 272 -5.29 19.91 23.58
C PHE C 272 -5.63 21.39 23.49
N ALA C 273 -6.51 21.74 22.55
CA ALA C 273 -6.99 23.11 22.39
C ALA C 273 -8.50 23.13 22.24
N ASP C 274 -9.05 24.31 21.93
CA ASP C 274 -10.50 24.49 21.86
C ASP C 274 -11.11 23.73 20.69
N ILE C 275 -12.38 23.37 20.86
CA ILE C 275 -13.18 22.76 19.80
C ILE C 275 -14.09 23.83 19.23
N ASP C 276 -13.93 24.14 17.95
CA ASP C 276 -14.71 25.18 17.31
C ASP C 276 -15.30 24.67 16.00
N HIS C 277 -16.59 24.89 15.83
CA HIS C 277 -17.28 24.52 14.60
C HIS C 277 -18.37 25.55 14.34
N ARG C 278 -18.70 25.76 13.07
CA ARG C 278 -19.81 26.61 12.67
C ARG C 278 -20.72 25.82 11.74
N ARG C 279 -21.83 26.48 11.37
CA ARG C 279 -22.86 25.95 10.46
C ARG C 279 -23.47 24.64 10.99
N GLY C 280 -24.13 24.75 12.13
CA GLY C 280 -24.84 23.64 12.72
C GLY C 280 -26.19 24.04 13.29
N SER C 281 -27.20 23.20 13.14
CA SER C 281 -28.55 23.54 13.56
C SER C 281 -28.67 23.49 15.09
N ALA C 282 -29.25 24.54 15.65
CA ALA C 282 -29.46 24.66 17.09
C ALA C 282 -30.94 24.74 17.39
N SER C 283 -31.37 24.08 18.46
CA SER C 283 -32.77 24.04 18.83
C SER C 283 -32.89 23.77 20.32
N TYR C 284 -34.12 23.93 20.82
CA TYR C 284 -34.42 23.62 22.21
C TYR C 284 -35.82 23.01 22.31
N PRO C 285 -35.96 21.89 23.01
CA PRO C 285 -37.27 21.27 23.15
C PRO C 285 -38.18 22.05 24.10
N GLY C 286 -39.48 21.86 23.91
CA GLY C 286 -40.47 22.56 24.71
C GLY C 286 -40.75 23.95 24.19
N ASN C 287 -41.57 24.67 24.94
CA ASN C 287 -41.97 26.03 24.59
C ASN C 287 -41.47 27.08 25.55
N ASN C 288 -41.45 26.80 26.85
CA ASN C 288 -40.93 27.72 27.84
C ASN C 288 -39.41 27.83 27.71
N ALA C 289 -38.90 29.05 27.92
CA ALA C 289 -37.49 29.35 27.67
C ALA C 289 -36.72 29.69 28.93
N THR C 290 -37.19 29.28 30.10
CA THR C 290 -36.42 29.42 31.34
C THR C 290 -36.16 28.03 31.90
N ASN C 291 -34.89 27.77 32.24
CA ASN C 291 -34.38 26.47 32.68
C ASN C 291 -34.71 25.37 31.67
N VAL C 292 -34.16 25.53 30.47
CA VAL C 292 -34.43 24.67 29.33
C VAL C 292 -33.11 24.11 28.80
N LEU C 293 -33.10 22.81 28.53
CA LEU C 293 -31.91 22.17 27.97
C LEU C 293 -31.66 22.64 26.54
N GLN C 294 -30.37 22.71 26.18
CA GLN C 294 -29.93 23.25 24.91
C GLN C 294 -29.48 22.10 24.01
N PHE C 295 -29.85 22.16 22.73
CA PHE C 295 -29.47 21.14 21.77
C PHE C 295 -28.78 21.78 20.57
N TRP C 296 -27.82 21.05 20.00
CA TRP C 296 -27.08 21.49 18.82
C TRP C 296 -26.57 20.24 18.13
N TYR C 297 -26.52 20.28 16.79
CA TYR C 297 -25.95 19.18 16.03
C TYR C 297 -25.48 19.66 14.68
N ALA C 298 -24.63 18.86 14.04
CA ALA C 298 -24.17 19.07 12.68
C ALA C 298 -23.72 17.74 12.11
N ASN C 299 -23.75 17.63 10.79
CA ASN C 299 -23.44 16.36 10.13
C ASN C 299 -21.94 16.13 10.05
N ALA C 300 -21.56 14.86 9.94
CA ALA C 300 -20.17 14.49 9.72
C ALA C 300 -19.82 14.62 8.25
N GLY C 301 -18.56 14.97 7.99
CA GLY C 301 -18.09 15.15 6.64
C GLY C 301 -18.19 16.56 6.10
N SER C 302 -18.54 17.54 6.95
CA SER C 302 -18.80 18.90 6.51
C SER C 302 -17.91 19.96 7.16
N ALA C 303 -17.25 19.63 8.27
CA ALA C 303 -16.49 20.62 9.03
C ALA C 303 -15.18 20.98 8.34
N ILE C 304 -15.18 22.04 7.55
CA ILE C 304 -13.97 22.46 6.82
C ILE C 304 -13.22 23.41 7.75
N ASP C 305 -12.50 22.83 8.69
CA ASP C 305 -11.57 23.56 9.54
C ASP C 305 -10.22 22.89 9.68
N ASN C 306 -10.11 21.58 9.44
CA ASN C 306 -8.90 20.81 9.67
C ASN C 306 -8.21 20.54 8.34
N PRO C 307 -6.89 20.71 8.25
CA PRO C 307 -6.15 20.16 7.10
C PRO C 307 -6.03 18.64 7.15
N ILE C 308 -6.32 18.00 8.27
CA ILE C 308 -6.13 16.55 8.39
C ILE C 308 -7.31 15.80 7.78
N SER C 309 -8.49 15.97 8.35
CA SER C 309 -9.69 15.30 7.86
C SER C 309 -10.90 16.10 8.31
N GLN C 310 -12.03 15.87 7.65
CA GLN C 310 -13.24 16.64 7.89
C GLN C 310 -14.36 15.82 8.52
N VAL C 311 -14.03 14.71 9.19
CA VAL C 311 -15.06 13.90 9.84
C VAL C 311 -15.67 14.66 11.01
N ALA C 312 -14.82 15.22 11.86
CA ALA C 312 -15.22 15.98 13.04
C ALA C 312 -14.27 17.14 13.21
N PRO C 313 -14.68 18.21 13.91
CA PRO C 313 -13.74 19.29 14.23
C PRO C 313 -12.64 18.84 15.18
N ASP C 314 -11.58 19.64 15.22
CA ASP C 314 -10.37 19.30 15.98
C ASP C 314 -10.65 19.33 17.47
N GLY C 315 -10.37 18.21 18.15
CA GLY C 315 -10.57 18.10 19.57
C GLY C 315 -11.86 17.42 19.99
N PHE C 316 -12.63 16.90 19.04
CA PHE C 316 -13.89 16.24 19.37
C PHE C 316 -13.61 14.89 20.02
N PRO C 317 -14.30 14.54 21.11
CA PRO C 317 -14.07 13.24 21.76
C PRO C 317 -14.58 12.08 20.93
N ASP C 318 -13.85 10.97 20.99
CA ASP C 318 -14.16 9.77 20.21
C ASP C 318 -15.02 8.80 21.04
N MET C 319 -16.11 9.34 21.58
CA MET C 319 -17.01 8.58 22.42
C MET C 319 -18.42 8.64 21.86
N SER C 320 -19.12 7.51 21.92
CA SER C 320 -20.50 7.47 21.45
C SER C 320 -21.41 8.25 22.39
N PHE C 321 -22.43 8.88 21.82
CA PHE C 321 -23.31 9.76 22.58
C PHE C 321 -24.30 8.93 23.38
N VAL C 322 -24.20 9.02 24.70
CA VAL C 322 -25.17 8.36 25.58
C VAL C 322 -26.44 9.19 25.59
N PRO C 323 -27.59 8.61 25.24
CA PRO C 323 -28.82 9.40 25.18
C PRO C 323 -29.40 9.63 26.57
N PHE C 324 -29.99 10.82 26.75
CA PHE C 324 -30.62 11.19 28.00
C PHE C 324 -31.61 12.31 27.75
N ASN C 325 -32.56 12.44 28.68
CA ASN C 325 -33.49 13.55 28.71
C ASN C 325 -34.05 13.67 30.12
N GLY C 326 -34.63 14.82 30.41
CA GLY C 326 -35.22 15.06 31.71
C GLY C 326 -34.18 15.34 32.79
N PRO C 327 -34.59 15.26 34.06
CA PRO C 327 -33.69 15.60 35.17
C PRO C 327 -32.85 14.41 35.64
N GLY C 328 -32.12 13.80 34.72
CA GLY C 328 -31.25 12.69 35.05
C GLY C 328 -29.85 12.86 34.49
N ILE C 329 -28.85 12.80 35.36
CA ILE C 329 -27.46 12.90 34.92
C ILE C 329 -27.05 11.56 34.31
N PRO C 330 -26.49 11.55 33.09
CA PRO C 330 -26.13 10.30 32.45
C PRO C 330 -24.92 9.64 33.10
N ALA C 331 -24.66 8.40 32.68
CA ALA C 331 -23.55 7.62 33.20
C ALA C 331 -22.45 7.53 32.15
N ALA C 332 -21.23 7.92 32.54
CA ALA C 332 -20.00 7.84 31.75
C ALA C 332 -20.13 8.60 30.42
N GLY C 333 -20.30 9.91 30.53
CA GLY C 333 -20.35 10.76 29.36
C GLY C 333 -19.28 11.83 29.36
N TRP C 334 -18.79 12.21 28.17
CA TRP C 334 -17.78 13.25 28.06
C TRP C 334 -18.50 14.59 28.12
N VAL C 335 -18.27 15.35 29.20
CA VAL C 335 -18.90 16.65 29.38
C VAL C 335 -17.81 17.70 29.54
N GLY C 336 -18.08 18.91 29.07
CA GLY C 336 -17.11 19.98 29.13
C GLY C 336 -17.79 21.34 29.00
N PHE C 337 -17.15 22.34 29.59
CA PHE C 337 -17.71 23.68 29.64
C PHE C 337 -17.62 24.36 28.28
N GLY C 338 -18.66 25.13 27.95
CA GLY C 338 -18.68 25.81 26.67
C GLY C 338 -19.97 26.58 26.48
N ALA C 339 -20.12 27.14 25.29
CA ALA C 339 -21.28 27.97 24.96
C ALA C 339 -21.48 27.95 23.45
N ILE C 340 -22.67 28.39 23.03
CA ILE C 340 -23.05 28.49 21.62
C ILE C 340 -22.91 29.94 21.18
N TRP C 341 -22.24 30.16 20.05
CA TRP C 341 -21.93 31.49 19.56
C TRP C 341 -22.67 31.80 18.27
N ASN C 342 -22.60 33.05 17.84
CA ASN C 342 -23.32 33.53 16.67
C ASN C 342 -22.40 33.55 15.45
N SER C 343 -22.82 32.85 14.38
CA SER C 343 -21.95 32.59 13.25
C SER C 343 -21.68 33.80 12.37
N ASN C 344 -22.48 34.87 12.47
CA ASN C 344 -22.34 35.98 11.54
C ASN C 344 -21.13 36.85 11.88
N SER C 345 -20.82 36.99 13.17
CA SER C 345 -19.72 37.84 13.61
C SER C 345 -18.74 37.16 14.54
N GLY C 346 -19.14 36.12 15.26
CA GLY C 346 -18.31 35.48 16.26
C GLY C 346 -18.63 35.86 17.69
N ALA C 347 -19.68 36.64 17.91
CA ALA C 347 -20.03 37.07 19.26
C ALA C 347 -20.72 35.94 20.02
N PRO C 348 -20.19 35.52 21.16
CA PRO C 348 -20.83 34.44 21.92
C PRO C 348 -22.11 34.90 22.60
N ASN C 349 -22.98 33.92 22.87
CA ASN C 349 -24.19 34.16 23.63
C ASN C 349 -23.86 33.97 25.11
N VAL C 350 -24.00 35.04 25.88
CA VAL C 350 -23.46 35.07 27.24
C VAL C 350 -24.32 34.26 28.19
N THR C 351 -25.64 34.22 27.97
CA THR C 351 -26.52 33.55 28.90
C THR C 351 -26.57 32.03 28.70
N THR C 352 -26.02 31.52 27.60
CA THR C 352 -26.04 30.08 27.32
C THR C 352 -24.72 29.43 27.70
N VAL C 353 -24.33 29.61 28.97
CA VAL C 353 -23.10 29.02 29.49
C VAL C 353 -23.48 27.89 30.43
N GLN C 354 -22.96 26.69 30.14
CA GLN C 354 -23.32 25.47 30.85
C GLN C 354 -22.30 24.40 30.44
N ALA C 355 -22.46 23.21 31.02
CA ALA C 355 -21.64 22.05 30.67
C ALA C 355 -22.38 21.21 29.63
N TYR C 356 -21.80 21.09 28.45
CA TYR C 356 -22.40 20.35 27.36
C TYR C 356 -21.76 18.98 27.20
N GLU C 357 -22.59 17.98 26.91
CA GLU C 357 -22.14 16.62 26.69
C GLU C 357 -22.01 16.37 25.20
N LEU C 358 -20.90 15.75 24.80
CA LEU C 358 -20.55 15.57 23.39
C LEU C 358 -20.50 14.09 23.05
N GLY C 359 -20.82 13.78 21.79
CA GLY C 359 -20.78 12.40 21.35
C GLY C 359 -21.20 12.26 19.91
N PHE C 360 -21.33 11.01 19.48
CA PHE C 360 -21.73 10.66 18.13
C PHE C 360 -23.09 9.97 18.17
N ALA C 361 -24.03 10.47 17.37
CA ALA C 361 -25.39 9.95 17.35
C ALA C 361 -25.80 9.65 15.91
N THR C 362 -26.89 8.91 15.77
CA THR C 362 -27.42 8.52 14.47
C THR C 362 -28.54 9.44 14.00
N GLY C 363 -29.61 9.56 14.77
CA GLY C 363 -30.66 10.51 14.45
C GLY C 363 -30.81 11.62 15.46
N ALA C 364 -30.38 12.83 15.11
CA ALA C 364 -30.42 13.94 16.05
C ALA C 364 -31.81 14.60 16.18
N PRO C 365 -32.57 14.92 15.11
CA PRO C 365 -33.92 15.44 15.35
C PRO C 365 -34.92 14.36 15.74
N GLY C 366 -34.62 13.10 15.49
CA GLY C 366 -35.48 11.99 15.83
C GLY C 366 -35.09 11.32 17.14
N ASN C 367 -35.27 10.01 17.20
CA ASN C 367 -34.89 9.26 18.38
C ASN C 367 -33.36 9.14 18.48
N LEU C 368 -32.86 9.16 19.71
CA LEU C 368 -31.43 9.27 19.98
C LEU C 368 -30.86 7.88 20.28
N GLN C 369 -29.79 7.52 19.58
CA GLN C 369 -29.06 6.29 19.85
C GLN C 369 -27.57 6.51 19.60
N PRO C 370 -26.71 5.78 20.33
CA PRO C 370 -25.26 5.89 20.06
C PRO C 370 -24.86 5.19 18.78
N THR C 371 -23.69 5.57 18.28
CA THR C 371 -23.14 4.97 17.07
C THR C 371 -21.62 4.92 17.19
N THR C 372 -20.99 4.03 16.43
CA THR C 372 -19.56 3.82 16.48
C THR C 372 -18.86 4.21 15.19
N ASN C 373 -19.31 3.71 14.05
CA ASN C 373 -18.68 4.08 12.78
C ASN C 373 -19.08 5.51 12.39
N THR C 374 -18.15 6.22 11.77
CA THR C 374 -18.37 7.64 11.48
C THR C 374 -19.16 7.86 10.20
N SER C 375 -19.31 6.83 9.37
CA SER C 375 -20.04 6.98 8.12
C SER C 375 -21.54 6.99 8.38
N GLY C 376 -22.20 8.09 8.00
CA GLY C 376 -23.61 8.25 8.24
C GLY C 376 -23.98 8.75 9.61
N SER C 377 -22.99 9.11 10.44
CA SER C 377 -23.22 9.61 11.78
C SER C 377 -23.18 11.14 11.79
N GLN C 378 -23.32 11.72 12.98
CA GLN C 378 -23.27 13.16 13.14
C GLN C 378 -22.85 13.51 14.56
N THR C 379 -22.37 14.73 14.74
CA THR C 379 -21.85 15.19 16.03
C THR C 379 -22.93 15.97 16.78
N VAL C 380 -23.14 15.63 18.05
CA VAL C 380 -24.30 16.10 18.81
C VAL C 380 -23.83 16.66 20.15
N ALA C 381 -24.32 17.86 20.49
CA ALA C 381 -24.09 18.49 21.77
C ALA C 381 -25.42 18.67 22.49
N LYS C 382 -25.41 18.48 23.82
CA LYS C 382 -26.59 18.68 24.65
C LYS C 382 -26.18 18.94 26.08
N SER C 383 -26.62 20.07 26.64
CA SER C 383 -26.26 20.46 27.99
C SER C 383 -26.96 19.57 29.01
N ILE C 384 -26.25 19.28 30.11
CA ILE C 384 -26.74 18.36 31.11
C ILE C 384 -27.44 19.12 32.24
N TYR C 385 -27.14 20.40 32.38
CA TYR C 385 -27.85 21.24 33.34
C TYR C 385 -28.80 22.20 32.61
N ALA C 386 -29.67 22.82 33.40
CA ALA C 386 -30.62 23.77 32.85
C ALA C 386 -29.93 25.10 32.53
N VAL C 387 -30.22 25.64 31.34
CA VAL C 387 -29.61 26.88 30.88
C VAL C 387 -30.72 27.84 30.47
N VAL C 388 -30.39 29.12 30.45
CA VAL C 388 -31.36 30.18 30.16
C VAL C 388 -31.47 30.36 28.65
N THR C 389 -32.72 30.43 28.17
CA THR C 389 -33.02 30.71 26.74
C THR C 389 -32.40 29.71 25.79
N GLY C 390 -32.67 29.90 24.49
CA GLY C 390 -32.11 29.07 23.45
C GLY C 390 -32.22 29.69 22.07
N THR C 391 -31.13 29.70 21.33
CA THR C 391 -31.12 30.25 19.99
C THR C 391 -31.49 29.18 18.97
N ALA C 392 -32.48 29.49 18.13
CA ALA C 392 -32.94 28.56 17.11
C ALA C 392 -32.36 28.89 15.73
N GLN C 393 -31.16 29.45 15.69
CA GLN C 393 -30.53 29.81 14.42
C GLN C 393 -30.02 28.56 13.72
N ASN C 394 -30.15 28.54 12.39
CA ASN C 394 -29.73 27.35 11.64
C ASN C 394 -28.21 27.25 11.42
N PRO C 395 -27.46 28.35 11.07
CA PRO C 395 -26.00 28.17 10.95
C PRO C 395 -25.20 28.35 12.24
N ALA C 396 -25.83 28.26 13.41
CA ALA C 396 -25.19 28.59 14.68
C ALA C 396 -24.01 27.67 15.00
N GLY C 397 -23.03 28.22 15.72
CA GLY C 397 -21.77 27.55 15.98
C GLY C 397 -21.63 27.12 17.44
N LEU C 398 -20.69 26.19 17.66
CA LEU C 398 -20.43 25.62 18.97
C LEU C 398 -18.97 25.86 19.37
N PHE C 399 -18.75 26.24 20.63
CA PHE C 399 -17.43 26.51 21.16
C PHE C 399 -17.30 25.80 22.50
N VAL C 400 -16.42 24.80 22.58
CA VAL C 400 -16.19 24.03 23.80
C VAL C 400 -14.72 24.12 24.16
N MET C 401 -14.43 23.87 25.45
CA MET C 401 -13.07 23.87 25.94
C MET C 401 -12.36 22.56 25.58
N ALA C 402 -11.07 22.48 25.92
CA ALA C 402 -10.23 21.35 25.55
C ALA C 402 -10.50 20.12 26.41
N SER C 403 -10.24 20.22 27.71
CA SER C 403 -10.34 19.09 28.61
C SER C 403 -11.77 18.95 29.14
N GLY C 404 -12.08 17.72 29.58
CA GLY C 404 -13.40 17.42 30.09
C GLY C 404 -13.33 16.54 31.32
N VAL C 405 -14.50 16.36 31.95
CA VAL C 405 -14.64 15.52 33.14
C VAL C 405 -15.69 14.46 32.88
N ILE C 406 -15.84 13.52 33.80
CA ILE C 406 -16.79 12.42 33.69
C ILE C 406 -18.15 12.89 34.16
N SER C 407 -19.21 12.47 33.46
CA SER C 407 -20.58 12.75 33.90
C SER C 407 -21.09 11.55 34.67
N THR C 408 -21.24 11.71 35.99
CA THR C 408 -21.72 10.64 36.85
C THR C 408 -23.00 11.07 37.55
N PRO C 409 -23.96 10.15 37.76
CA PRO C 409 -25.21 10.56 38.44
C PRO C 409 -25.03 10.80 39.94
N SER C 410 -24.31 9.94 40.63
CA SER C 410 -24.17 10.00 42.08
C SER C 410 -22.75 10.43 42.46
N ALA C 411 -22.52 10.54 43.78
CA ALA C 411 -21.23 10.94 44.30
C ALA C 411 -20.20 9.83 44.29
N ASN C 412 -20.59 8.58 44.04
CA ASN C 412 -19.65 7.48 43.99
C ASN C 412 -19.03 7.37 42.60
N ALA C 413 -17.94 6.63 42.52
CA ALA C 413 -17.20 6.43 41.27
C ALA C 413 -17.67 5.15 40.58
N ILE C 414 -17.26 5.02 39.32
CA ILE C 414 -17.62 3.89 38.47
C ILE C 414 -16.34 3.30 37.89
N THR C 415 -16.49 2.34 36.97
CA THR C 415 -15.36 1.76 36.26
C THR C 415 -14.75 2.78 35.29
N TYR C 416 -13.69 2.36 34.60
CA TYR C 416 -13.06 3.26 33.59
C TYR C 416 -14.14 3.67 32.59
N THR C 417 -14.33 4.97 32.39
CA THR C 417 -15.42 5.45 31.50
C THR C 417 -15.24 4.92 30.08
N PRO C 418 -14.07 5.08 29.41
CA PRO C 418 -13.91 4.67 27.99
C PRO C 418 -13.79 3.15 27.86
N GLN C 419 -14.92 2.44 27.92
CA GLN C 419 -14.87 1.01 27.71
C GLN C 419 -14.79 0.69 26.22
N PRO C 420 -14.17 -0.44 25.84
CA PRO C 420 -13.96 -0.74 24.41
C PRO C 420 -15.23 -0.99 23.61
N ASP C 421 -16.39 -1.15 24.27
CA ASP C 421 -17.65 -1.32 23.53
C ASP C 421 -18.00 -0.06 22.76
N ARG C 422 -17.82 1.11 23.36
CA ARG C 422 -18.22 2.38 22.76
C ARG C 422 -17.00 3.29 22.56
N ILE C 423 -16.30 3.09 21.45
CA ILE C 423 -15.26 4.00 20.99
C ILE C 423 -15.52 4.28 19.53
N VAL C 424 -15.71 5.56 19.20
CA VAL C 424 -16.03 5.97 17.83
C VAL C 424 -14.79 5.85 16.97
N THR C 425 -14.89 5.14 15.85
CA THR C 425 -13.74 4.81 15.04
C THR C 425 -14.07 4.99 13.56
N THR C 426 -13.21 5.72 12.85
CA THR C 426 -13.27 5.84 11.39
C THR C 426 -13.03 4.47 10.76
N PRO C 427 -13.80 4.07 9.75
CA PRO C 427 -13.53 2.78 9.09
C PRO C 427 -12.21 2.80 8.32
N GLY C 428 -11.43 1.74 8.50
CA GLY C 428 -10.10 1.65 7.94
C GLY C 428 -8.97 1.52 8.95
N THR C 429 -9.24 1.67 10.24
CA THR C 429 -8.19 1.49 11.24
C THR C 429 -8.15 0.04 11.70
N PRO C 430 -6.96 -0.48 12.02
CA PRO C 430 -6.89 -1.85 12.55
C PRO C 430 -7.15 -1.86 14.05
N ALA C 431 -7.42 -3.06 14.57
CA ALA C 431 -7.68 -3.25 15.98
C ALA C 431 -6.49 -3.94 16.64
N ALA C 432 -6.49 -3.92 17.96
CA ALA C 432 -5.45 -4.56 18.76
C ALA C 432 -5.98 -5.89 19.27
N ALA C 433 -5.34 -6.98 18.87
CA ALA C 433 -5.76 -8.33 19.23
C ALA C 433 -4.72 -8.99 20.12
N PRO C 434 -5.13 -9.90 21.01
CA PRO C 434 -4.15 -10.64 21.81
C PRO C 434 -3.31 -11.57 20.95
N VAL C 435 -2.01 -11.59 21.22
CA VAL C 435 -1.04 -12.43 20.52
C VAL C 435 -0.47 -13.41 21.53
N GLY C 436 -1.06 -14.59 21.62
CA GLY C 436 -0.60 -15.56 22.60
C GLY C 436 -1.06 -15.18 24.00
N LYS C 437 -0.09 -14.96 24.89
CA LYS C 437 -0.37 -14.54 26.25
C LYS C 437 -0.26 -13.04 26.44
N ASN C 438 0.07 -12.30 25.38
CA ASN C 438 0.21 -10.85 25.45
C ASN C 438 -1.11 -10.19 25.09
N THR C 439 -1.55 -9.24 25.91
CA THR C 439 -2.82 -8.57 25.74
C THR C 439 -2.61 -7.05 25.72
N PRO C 440 -3.43 -6.32 24.96
CA PRO C 440 -3.28 -4.85 24.89
C PRO C 440 -3.61 -4.18 26.21
N ILE C 441 -2.93 -3.05 26.45
CA ILE C 441 -3.08 -2.27 27.67
C ILE C 441 -3.42 -0.82 27.31
N MET C 442 -3.96 -0.11 28.29
CA MET C 442 -4.23 1.32 28.19
C MET C 442 -3.56 2.02 29.37
N PHE C 443 -3.59 3.35 29.33
CA PHE C 443 -2.91 4.17 30.32
C PHE C 443 -3.95 4.91 31.16
N ALA C 444 -4.03 4.55 32.43
CA ALA C 444 -5.05 5.08 33.33
C ALA C 444 -4.64 6.42 33.91
N SER C 445 -5.64 7.23 34.24
CA SER C 445 -5.42 8.58 34.75
C SER C 445 -6.58 8.95 35.68
N VAL C 446 -6.26 9.70 36.74
CA VAL C 446 -7.27 10.17 37.67
C VAL C 446 -7.97 11.37 37.04
N VAL C 447 -9.27 11.24 36.79
CA VAL C 447 -10.06 12.28 36.14
C VAL C 447 -11.24 12.60 37.06
N ARG C 448 -11.47 13.89 37.30
CA ARG C 448 -12.54 14.33 38.18
C ARG C 448 -13.91 14.04 37.57
N ARG C 449 -14.92 14.01 38.43
CA ARG C 449 -16.30 13.73 38.04
C ARG C 449 -17.21 14.88 38.43
N THR C 450 -18.34 14.98 37.73
CA THR C 450 -19.26 16.10 37.90
C THR C 450 -20.15 15.96 39.13
N GLY C 451 -20.17 14.79 39.77
CA GLY C 451 -20.92 14.65 41.00
C GLY C 451 -20.13 15.01 42.23
N ASP C 452 -18.79 15.01 42.13
CA ASP C 452 -17.92 15.36 43.24
C ASP C 452 -16.62 15.90 42.63
N VAL C 453 -16.49 17.23 42.60
CA VAL C 453 -15.33 17.84 41.96
C VAL C 453 -14.14 17.88 42.91
N ASN C 454 -14.36 17.59 44.19
CA ASN C 454 -13.30 17.59 45.19
C ASN C 454 -12.55 16.26 45.23
N ALA C 455 -13.08 15.22 44.60
CA ALA C 455 -12.53 13.87 44.73
C ALA C 455 -11.21 13.73 44.00
N THR C 456 -10.23 13.15 44.68
CA THR C 456 -8.89 12.89 44.16
C THR C 456 -8.58 11.40 44.34
N ALA C 457 -7.31 11.03 44.13
CA ALA C 457 -6.88 9.66 44.32
C ALA C 457 -6.91 9.29 45.80
N GLY C 458 -7.38 8.07 46.08
CA GLY C 458 -7.40 7.58 47.45
C GLY C 458 -8.53 8.10 48.29
N SER C 459 -9.53 8.74 47.69
CA SER C 459 -10.65 9.28 48.45
C SER C 459 -11.57 8.16 48.93
N ALA C 460 -12.39 8.49 49.93
CA ALA C 460 -13.28 7.51 50.53
C ALA C 460 -14.47 7.16 49.66
N ASN C 461 -14.80 8.00 48.68
CA ASN C 461 -15.93 7.75 47.79
C ASN C 461 -15.53 6.96 46.55
N GLY C 462 -14.29 6.54 46.44
CA GLY C 462 -13.83 5.81 45.28
C GLY C 462 -13.02 6.70 44.35
N THR C 463 -12.21 6.07 43.50
CA THR C 463 -11.36 6.76 42.55
C THR C 463 -11.89 6.56 41.14
N GLN C 464 -12.03 7.65 40.40
CA GLN C 464 -12.52 7.62 39.03
C GLN C 464 -11.35 7.64 38.06
N TYR C 465 -11.39 6.75 37.07
CA TYR C 465 -10.31 6.59 36.11
C TYR C 465 -10.80 6.78 34.68
N GLY C 466 -9.98 7.44 33.88
CA GLY C 466 -10.19 7.50 32.44
C GLY C 466 -8.92 7.07 31.73
N THR C 467 -9.09 6.37 30.61
CA THR C 467 -8.00 5.68 29.94
C THR C 467 -7.74 6.25 28.56
N GLY C 468 -6.48 6.17 28.14
CA GLY C 468 -6.11 6.52 26.78
C GLY C 468 -5.22 5.44 26.19
N SER C 469 -5.02 5.52 24.87
CA SER C 469 -4.26 4.48 24.18
C SER C 469 -2.76 4.70 24.29
N GLN C 470 -2.30 5.94 24.09
CA GLN C 470 -0.88 6.26 24.13
C GLN C 470 -0.62 7.42 25.08
N PRO C 471 0.56 7.50 25.67
CA PRO C 471 0.97 8.74 26.34
C PRO C 471 1.21 9.85 25.33
N LEU C 472 0.96 11.08 25.78
CA LEU C 472 1.09 12.24 24.90
C LEU C 472 2.49 12.52 24.35
N PRO C 473 3.60 12.44 25.12
CA PRO C 473 4.93 12.59 24.47
C PRO C 473 5.24 11.54 23.43
N VAL C 474 4.70 10.32 23.58
CA VAL C 474 4.91 9.26 22.59
C VAL C 474 4.25 9.62 21.26
N THR C 475 3.00 10.08 21.29
CA THR C 475 2.33 10.39 20.02
C THR C 475 2.81 11.71 19.44
N ILE C 476 3.32 12.62 20.29
CA ILE C 476 4.00 13.80 19.76
C ILE C 476 5.28 13.41 19.02
N GLY C 477 6.07 12.50 19.61
CA GLY C 477 7.30 12.07 18.95
C GLY C 477 7.08 11.19 17.74
N LEU C 478 5.94 10.48 17.68
CA LEU C 478 5.64 9.64 16.54
C LEU C 478 5.19 10.42 15.32
N SER C 479 4.72 11.66 15.51
CA SER C 479 4.28 12.48 14.39
C SER C 479 5.37 13.36 13.82
N LEU C 480 6.57 13.35 14.42
CA LEU C 480 7.69 14.14 13.93
C LEU C 480 8.74 13.31 13.20
N ASN C 481 8.78 12.00 13.44
CA ASN C 481 9.78 11.13 12.83
C ASN C 481 9.09 9.96 12.15
N ASN C 482 9.88 9.20 11.39
CA ASN C 482 9.42 8.02 10.69
C ASN C 482 10.25 6.82 11.13
N TYR C 483 9.58 5.73 11.50
CA TYR C 483 10.28 4.53 11.96
C TYR C 483 9.86 3.31 11.15
N SER C 484 9.84 3.42 9.83
CA SER C 484 9.56 2.24 9.00
C SER C 484 10.68 1.22 9.11
N SER C 485 11.93 1.67 9.15
CA SER C 485 13.08 0.78 9.20
C SER C 485 13.54 0.51 10.63
N ALA C 486 12.58 0.20 11.51
CA ALA C 486 12.91 -0.14 12.89
C ALA C 486 12.17 -1.36 13.41
N LEU C 487 11.06 -1.77 12.80
CA LEU C 487 10.28 -2.90 13.29
C LEU C 487 9.59 -3.57 12.12
N MET C 488 9.84 -4.85 11.95
CA MET C 488 9.10 -5.64 10.97
C MET C 488 7.70 -5.93 11.49
N PRO C 489 6.73 -6.14 10.60
CA PRO C 489 5.41 -6.62 11.03
C PRO C 489 5.51 -8.01 11.64
N GLY C 490 5.05 -8.14 12.87
CA GLY C 490 5.29 -9.32 13.67
C GLY C 490 6.38 -9.16 14.72
N GLN C 491 6.65 -7.94 15.19
CA GLN C 491 7.69 -7.68 16.17
C GLN C 491 7.20 -6.63 17.15
N PHE C 492 7.80 -6.65 18.34
CA PHE C 492 7.55 -5.65 19.38
C PHE C 492 8.85 -4.95 19.72
N PHE C 493 8.76 -3.66 20.05
CA PHE C 493 9.87 -2.94 20.65
C PHE C 493 9.65 -2.93 22.17
N VAL C 494 10.59 -3.51 22.90
CA VAL C 494 10.37 -3.91 24.29
C VAL C 494 11.10 -2.95 25.21
N TRP C 495 10.42 -2.55 26.30
CA TRP C 495 11.02 -1.80 27.39
C TRP C 495 10.89 -2.60 28.68
N GLN C 496 11.92 -2.53 29.52
CA GLN C 496 11.91 -3.14 30.85
C GLN C 496 11.63 -2.06 31.88
N LEU C 497 10.61 -2.29 32.70
CA LEU C 497 10.25 -1.39 33.79
C LEU C 497 10.51 -2.10 35.10
N THR C 498 11.31 -1.48 35.97
CA THR C 498 11.64 -2.06 37.27
C THR C 498 10.91 -1.31 38.36
N PHE C 499 10.63 -2.00 39.46
CA PHE C 499 9.91 -1.48 40.60
C PHE C 499 10.75 -1.68 41.86
N ALA C 500 10.14 -1.40 43.02
CA ALA C 500 10.81 -1.65 44.28
C ALA C 500 10.86 -3.14 44.60
N SER C 501 9.94 -3.93 44.05
CA SER C 501 9.87 -5.36 44.33
C SER C 501 10.08 -6.23 43.10
N GLY C 502 9.34 -5.97 42.02
CA GLY C 502 9.40 -6.81 40.84
C GLY C 502 9.71 -6.05 39.57
N PHE C 503 9.57 -6.70 38.42
CA PHE C 503 9.81 -6.04 37.15
C PHE C 503 8.92 -6.67 36.07
N MET C 504 8.54 -5.85 35.09
CA MET C 504 7.65 -6.28 34.02
C MET C 504 8.15 -5.70 32.70
N GLU C 505 7.64 -6.26 31.60
CA GLU C 505 8.00 -5.85 30.25
C GLU C 505 6.77 -5.42 29.48
N ILE C 506 6.90 -4.34 28.70
CA ILE C 506 5.86 -3.90 27.79
C ILE C 506 6.45 -3.81 26.38
N GLY C 507 5.57 -3.83 25.39
CA GLY C 507 5.99 -3.84 24.01
C GLY C 507 5.11 -2.96 23.16
N LEU C 508 5.70 -2.44 22.08
CA LEU C 508 5.02 -1.53 21.16
C LEU C 508 5.01 -2.14 19.76
N SER C 509 3.83 -2.24 19.17
CA SER C 509 3.67 -2.81 17.85
C SER C 509 3.90 -1.76 16.77
N VAL C 510 3.85 -2.19 15.51
CA VAL C 510 3.97 -1.28 14.38
C VAL C 510 2.75 -0.37 14.29
N ASP C 511 1.58 -0.89 14.65
CA ASP C 511 0.33 -0.14 14.61
C ASP C 511 0.23 0.95 15.68
N GLY C 512 1.10 0.94 16.68
CA GLY C 512 1.08 1.95 17.71
C GLY C 512 0.38 1.58 19.00
N TYR C 513 0.06 0.30 19.20
CA TYR C 513 -0.57 -0.14 20.43
C TYR C 513 0.47 -0.68 21.40
N PHE C 514 0.12 -0.68 22.68
CA PHE C 514 1.00 -1.17 23.73
C PHE C 514 0.44 -2.48 24.29
N TYR C 515 1.34 -3.34 24.75
CA TYR C 515 1.01 -4.69 25.17
C TYR C 515 1.74 -5.03 26.47
N ALA C 516 1.16 -5.96 27.22
CA ALA C 516 1.82 -6.57 28.37
C ALA C 516 1.36 -8.01 28.47
N GLY C 517 2.26 -8.91 28.86
CA GLY C 517 1.87 -10.30 28.96
C GLY C 517 1.31 -10.64 30.33
N THR C 518 -0.01 -10.59 30.45
CA THR C 518 -0.69 -10.87 31.71
C THR C 518 -1.80 -11.90 31.61
N GLY C 519 -2.18 -12.33 30.41
CA GLY C 519 -3.20 -13.34 30.26
C GLY C 519 -4.61 -12.80 30.21
N ALA C 520 -5.42 -13.17 31.21
CA ALA C 520 -6.81 -12.74 31.28
C ALA C 520 -7.12 -11.92 32.53
N SER C 521 -6.09 -11.45 33.25
CA SER C 521 -6.32 -10.66 34.45
C SER C 521 -6.78 -9.25 34.08
N THR C 522 -7.61 -8.67 34.95
CA THR C 522 -8.16 -7.33 34.74
C THR C 522 -7.72 -6.35 35.82
N THR C 523 -6.72 -6.70 36.63
CA THR C 523 -6.32 -5.86 37.75
C THR C 523 -5.45 -4.71 37.26
N LEU C 524 -5.69 -3.52 37.81
CA LEU C 524 -4.87 -2.36 37.50
C LEU C 524 -3.47 -2.51 38.07
N ILE C 525 -2.48 -2.06 37.30
CA ILE C 525 -1.09 -2.03 37.75
C ILE C 525 -0.87 -0.70 38.45
N ASP C 526 -0.26 -0.74 39.64
CA ASP C 526 -0.20 0.42 40.53
C ASP C 526 0.68 1.52 39.96
N LEU C 527 1.90 1.18 39.53
CA LEU C 527 2.84 2.06 38.83
C LEU C 527 3.20 3.30 39.67
N THR C 528 3.27 3.13 40.98
CA THR C 528 3.65 4.20 41.90
C THR C 528 5.12 4.09 42.32
N GLU C 529 5.58 2.89 42.63
CA GLU C 529 6.96 2.65 43.06
C GLU C 529 7.88 2.29 41.89
N LEU C 530 7.59 2.81 40.70
CA LEU C 530 8.47 2.60 39.56
C LEU C 530 9.79 3.33 39.74
N ILE C 531 10.89 2.69 39.34
CA ILE C 531 12.24 3.19 39.56
C ILE C 531 12.94 3.55 38.25
N ASP C 532 13.00 2.60 37.31
CA ASP C 532 13.83 2.79 36.13
C ASP C 532 13.15 2.19 34.90
N VAL C 533 13.42 2.78 33.74
CA VAL C 533 12.96 2.31 32.44
C VAL C 533 14.18 2.16 31.54
N ARG C 534 14.33 0.99 30.91
CA ARG C 534 15.48 0.67 30.07
C ARG C 534 15.02 0.05 28.76
N PRO C 535 15.52 0.50 27.62
CA PRO C 535 15.15 -0.13 26.35
C PRO C 535 15.81 -1.49 26.15
N VAL C 536 15.19 -2.31 25.31
CA VAL C 536 15.66 -3.66 25.07
C VAL C 536 15.87 -3.87 23.57
N GLY C 537 14.87 -3.55 22.76
CA GLY C 537 14.98 -3.69 21.32
C GLY C 537 13.92 -4.58 20.70
N PRO C 538 14.11 -4.93 19.42
CA PRO C 538 13.11 -5.73 18.70
C PRO C 538 13.14 -7.20 19.14
N ARG C 539 11.95 -7.76 19.35
CA ARG C 539 11.75 -9.14 19.78
C ARG C 539 10.60 -9.71 18.97
N PRO C 540 10.52 -11.04 18.84
CA PRO C 540 9.35 -11.64 18.18
C PRO C 540 8.06 -11.40 18.95
N SER C 541 6.98 -11.26 18.19
CA SER C 541 5.69 -10.91 18.77
C SER C 541 5.03 -12.07 19.48
N LYS C 542 5.33 -13.30 19.07
CA LYS C 542 4.79 -14.50 19.73
C LYS C 542 5.75 -15.01 20.81
N SER C 543 6.15 -14.11 21.70
CA SER C 543 6.99 -14.43 22.84
C SER C 543 6.42 -13.73 24.06
N THR C 544 6.33 -14.46 25.17
CA THR C 544 5.67 -13.93 26.36
C THR C 544 6.55 -12.89 27.05
N LEU C 545 6.00 -11.71 27.26
CA LEU C 545 6.67 -10.70 28.08
C LEU C 545 6.61 -11.11 29.53
N VAL C 546 7.75 -10.97 30.22
CA VAL C 546 7.85 -11.45 31.60
C VAL C 546 7.08 -10.50 32.53
N PHE C 547 6.24 -11.08 33.39
CA PHE C 547 5.41 -10.29 34.30
C PHE C 547 5.45 -10.97 35.67
N ASN C 548 6.35 -10.50 36.53
CA ASN C 548 6.36 -10.93 37.93
C ASN C 548 6.63 -9.73 38.82
N LEU C 549 5.70 -9.48 39.73
CA LEU C 549 5.86 -8.41 40.73
C LEU C 549 6.30 -9.00 42.06
N GLY C 550 7.49 -9.59 42.06
CA GLY C 550 8.05 -10.21 43.25
C GLY C 550 9.09 -11.27 42.92
N ALA D 1 41.73 -9.37 4.35
CA ALA D 1 41.44 -8.48 3.24
C ALA D 1 42.32 -8.79 2.03
N ALA D 2 43.59 -9.11 2.30
CA ALA D 2 44.53 -9.40 1.21
C ALA D 2 44.22 -10.73 0.54
N GLU D 3 43.68 -11.69 1.29
CA GLU D 3 43.38 -13.01 0.75
C GLU D 3 42.25 -12.96 -0.26
N PHE D 4 41.31 -12.02 -0.07
CA PHE D 4 40.16 -11.86 -0.96
C PHE D 4 40.61 -11.39 -2.35
N PHE D 5 41.42 -10.32 -2.39
CA PHE D 5 41.93 -9.83 -3.66
C PHE D 5 42.94 -10.80 -4.26
N GLU D 6 43.69 -11.52 -3.42
CA GLU D 6 44.62 -12.53 -3.91
C GLU D 6 43.89 -13.67 -4.60
N GLY D 7 42.78 -14.13 -4.01
CA GLY D 7 41.99 -15.18 -4.63
C GLY D 7 41.32 -14.74 -5.91
N MET D 8 40.82 -13.49 -5.94
CA MET D 8 40.20 -12.99 -7.16
C MET D 8 41.22 -12.78 -8.27
N VAL D 9 42.45 -12.40 -7.91
CA VAL D 9 43.51 -12.26 -8.92
C VAL D 9 43.95 -13.63 -9.43
N HIS D 10 44.10 -14.59 -8.52
CA HIS D 10 44.60 -15.91 -8.91
C HIS D 10 43.57 -16.69 -9.71
#